data_4X6L
#
_entry.id   4X6L
#
_cell.length_a   162.289
_cell.length_b   162.289
_cell.length_c   228.024
_cell.angle_alpha   90.000
_cell.angle_beta   90.000
_cell.angle_gamma   120.000
#
_symmetry.space_group_name_H-M   'P 63'
#
loop_
_entity.id
_entity.type
_entity.pdbx_description
1 polymer TarM
2 non-polymer "URIDINE-5'-DIPHOSPHATE"
#
_entity_poly.entity_id   1
_entity_poly.type   'polypeptide(L)'
_entity_poly.pdbx_seq_one_letter_code
;MKKIFMMVHELDVNKGGMTSSMFNRSKEFYDADIPADIVTFDYKGNYDEIIKALKKQGKMDRRTKMYNVFEYFKQISNNK
HFKSNKLLYKHISERLKNTIEIEESKGISRYFDITTGTYIAYIRKSKSEKVIDFFKDNKRIERFSFIDNKVHMKETFNVD
NKVCYQVFYDEKGYPYISRNINANNGAVGKTYVLVNKKEFKNNLALCVYYLEKLIKDSKDSIMICDGPGSFPKMFNTNHK
NAQKYGVIHVNHHENFDDTGAFKKSEKYIIENANKINGVIVLTEAQRLDILNQFDVENIFTISNFVKIHNAPKHFQTEKI
VGHISRMVPTKRIDLLIEVAELVVKKDNAVKFHIYGEGSVKDKIAKMIEDKNLERNVFLKGYTTTPQKCLEDFKLVVSTS
QYEGQGLSMIEAMISKRPVVAFDIKYGPSDFIEDNKNGYLIENHNINDMADKILQLVNNDVLAAEFGSKARENIIEKYST
ESILEKWLNLFNS
;
_entity_poly.pdbx_strand_id   A,B,C,D
#
# COMPACT_ATOMS: atom_id res chain seq x y z
N MET A 1 -40.90 48.14 23.73
CA MET A 1 -40.37 47.44 22.56
C MET A 1 -38.81 47.47 22.41
N LYS A 2 -38.16 46.52 23.08
CA LYS A 2 -36.71 46.40 23.06
C LYS A 2 -36.24 45.87 21.70
N LYS A 3 -35.00 46.26 21.31
CA LYS A 3 -34.31 45.83 20.10
C LYS A 3 -32.81 45.67 20.44
N ILE A 4 -32.27 44.47 20.16
CA ILE A 4 -30.91 44.07 20.45
C ILE A 4 -29.98 44.11 19.23
N PHE A 5 -28.69 44.42 19.48
CA PHE A 5 -27.65 44.48 18.48
C PHE A 5 -26.44 43.75 19.05
N MET A 6 -26.11 42.59 18.44
CA MET A 6 -24.99 41.73 18.85
C MET A 6 -23.76 41.94 17.98
N MET A 7 -22.73 42.56 18.56
CA MET A 7 -21.49 42.93 17.91
C MET A 7 -20.47 41.82 17.85
N VAL A 8 -19.99 41.57 16.65
CA VAL A 8 -18.91 40.62 16.39
C VAL A 8 -18.14 41.16 15.20
N HIS A 9 -16.85 40.88 15.13
CA HIS A 9 -16.07 41.41 14.03
C HIS A 9 -16.50 40.90 12.70
N GLU A 10 -16.77 39.59 12.58
CA GLU A 10 -17.18 38.98 11.32
C GLU A 10 -18.01 37.73 11.50
N LEU A 11 -18.70 37.32 10.41
CA LEU A 11 -19.44 36.07 10.34
C LEU A 11 -18.91 35.24 9.20
N ASP A 12 -18.75 33.93 9.41
CA ASP A 12 -18.32 33.01 8.36
C ASP A 12 -18.87 31.61 8.60
N VAL A 13 -18.52 30.67 7.71
CA VAL A 13 -18.99 29.29 7.77
C VAL A 13 -18.17 28.33 8.64
N ASN A 14 -16.86 28.34 8.54
CA ASN A 14 -15.97 27.49 9.34
C ASN A 14 -15.98 27.77 10.86
N LYS A 15 -16.55 28.94 11.25
CA LYS A 15 -16.58 29.49 12.61
C LYS A 15 -16.98 28.57 13.77
N GLY A 16 -16.44 28.92 14.94
CA GLY A 16 -16.55 28.18 16.18
C GLY A 16 -17.84 28.29 16.92
N GLY A 17 -17.71 28.22 18.24
CA GLY A 17 -18.82 28.22 19.17
C GLY A 17 -19.38 29.58 19.51
N MET A 18 -18.58 30.66 19.36
CA MET A 18 -19.05 32.02 19.65
C MET A 18 -20.13 32.42 18.65
N THR A 19 -19.97 32.06 17.36
CA THR A 19 -20.98 32.39 16.36
C THR A 19 -22.20 31.51 16.54
N SER A 20 -21.99 30.22 16.87
CA SER A 20 -23.07 29.26 17.14
C SER A 20 -23.93 29.81 18.29
N SER A 21 -23.24 30.36 19.31
CA SER A 21 -23.78 30.98 20.51
C SER A 21 -24.68 32.18 20.17
N MET A 22 -24.15 33.11 19.35
CA MET A 22 -24.84 34.32 18.89
C MET A 22 -26.11 33.98 18.12
N PHE A 23 -26.03 33.04 17.17
CA PHE A 23 -27.17 32.61 16.37
C PHE A 23 -28.30 32.05 17.20
N ASN A 24 -27.96 31.21 18.20
CA ASN A 24 -28.95 30.59 19.10
C ASN A 24 -29.61 31.63 19.98
N ARG A 25 -28.80 32.58 20.51
CA ARG A 25 -29.25 33.70 21.35
C ARG A 25 -30.18 34.61 20.54
N SER A 26 -29.86 34.80 19.25
CA SER A 26 -30.66 35.58 18.31
C SER A 26 -32.03 34.93 18.17
N LYS A 27 -32.08 33.59 17.90
CA LYS A 27 -33.31 32.81 17.75
C LYS A 27 -34.15 32.93 19.00
N GLU A 28 -33.52 32.72 20.17
CA GLU A 28 -34.17 32.76 21.47
C GLU A 28 -34.82 34.09 21.84
N PHE A 29 -34.16 35.22 21.49
CA PHE A 29 -34.70 36.55 21.73
C PHE A 29 -35.83 36.86 20.77
N TYR A 30 -35.71 36.44 19.50
CA TYR A 30 -36.75 36.67 18.49
C TYR A 30 -38.04 35.93 18.92
N ASP A 31 -37.88 34.74 19.56
CA ASP A 31 -38.95 33.91 20.11
C ASP A 31 -39.59 34.62 21.33
N ALA A 32 -38.80 35.51 21.98
CA ALA A 32 -39.22 36.31 23.14
C ALA A 32 -39.71 37.73 22.68
N ASP A 33 -39.90 37.91 21.35
CA ASP A 33 -40.39 39.12 20.68
C ASP A 33 -39.43 40.33 20.75
N ILE A 34 -38.14 40.05 20.99
CA ILE A 34 -37.10 41.06 21.00
C ILE A 34 -36.23 40.77 19.79
N PRO A 35 -36.20 41.66 18.77
CA PRO A 35 -35.35 41.39 17.60
C PRO A 35 -33.86 41.56 17.92
N ALA A 36 -33.11 40.46 17.85
CA ALA A 36 -31.67 40.45 18.12
C ALA A 36 -30.97 40.26 16.78
N ASP A 37 -30.21 41.26 16.36
CA ASP A 37 -29.54 41.20 15.06
C ASP A 37 -28.06 41.32 15.21
N ILE A 38 -27.31 40.85 14.19
CA ILE A 38 -25.85 40.87 14.26
C ILE A 38 -25.24 42.04 13.50
N VAL A 39 -24.23 42.67 14.09
CA VAL A 39 -23.50 43.80 13.52
C VAL A 39 -22.04 43.35 13.27
N THR A 40 -21.53 43.52 12.04
CA THR A 40 -20.16 43.16 11.67
C THR A 40 -19.36 44.35 11.16
N PHE A 41 -18.03 44.31 11.38
CA PHE A 41 -17.12 45.40 11.06
C PHE A 41 -16.01 45.12 10.05
N ASP A 42 -16.24 44.13 9.18
CA ASP A 42 -15.26 43.70 8.20
C ASP A 42 -15.78 43.77 6.78
N TYR A 43 -14.87 43.83 5.81
CA TYR A 43 -15.25 43.79 4.41
C TYR A 43 -15.19 42.34 3.88
N LYS A 44 -16.24 41.94 3.18
CA LYS A 44 -16.40 40.66 2.49
C LYS A 44 -17.25 40.99 1.29
N GLY A 45 -16.78 40.57 0.13
CA GLY A 45 -17.49 40.83 -1.10
C GLY A 45 -18.71 39.96 -1.24
N ASN A 46 -18.55 38.70 -0.81
CA ASN A 46 -19.57 37.67 -0.89
C ASN A 46 -20.46 37.51 0.36
N TYR A 47 -20.60 38.55 1.22
CA TYR A 47 -21.40 38.43 2.44
C TYR A 47 -22.79 37.81 2.23
N ASP A 48 -23.51 38.24 1.19
CA ASP A 48 -24.86 37.76 0.84
C ASP A 48 -24.86 36.26 0.65
N GLU A 49 -23.87 35.75 -0.09
CA GLU A 49 -23.65 34.33 -0.37
C GLU A 49 -23.50 33.56 0.95
N ILE A 50 -22.67 34.10 1.90
CA ILE A 50 -22.39 33.53 3.22
C ILE A 50 -23.66 33.43 4.06
N ILE A 51 -24.44 34.53 4.15
CA ILE A 51 -25.66 34.55 4.94
C ILE A 51 -26.60 33.47 4.42
N LYS A 52 -26.81 33.41 3.07
CA LYS A 52 -27.64 32.40 2.40
C LYS A 52 -27.22 30.98 2.85
N ALA A 53 -25.89 30.74 2.88
CA ALA A 53 -25.31 29.48 3.30
C ALA A 53 -25.67 29.16 4.76
N LEU A 54 -25.35 30.10 5.71
CA LEU A 54 -25.61 29.98 7.13
C LEU A 54 -27.08 29.76 7.46
N LYS A 55 -27.98 30.35 6.66
CA LYS A 55 -29.43 30.21 6.86
C LYS A 55 -29.95 28.90 6.29
N LYS A 56 -29.35 28.39 5.18
CA LYS A 56 -29.71 27.11 4.54
C LYS A 56 -29.42 25.93 5.47
N GLN A 57 -28.19 25.94 6.05
CA GLN A 57 -27.69 24.95 7.01
C GLN A 57 -28.56 24.91 8.27
N GLY A 58 -29.29 26.01 8.52
CA GLY A 58 -30.12 26.18 9.71
C GLY A 58 -29.31 26.69 10.90
N LYS A 59 -27.99 26.99 10.68
CA LYS A 59 -27.08 27.51 11.70
C LYS A 59 -27.56 28.89 12.17
N MET A 60 -27.94 29.77 11.21
CA MET A 60 -28.46 31.13 11.42
C MET A 60 -29.96 31.11 11.19
N ASP A 61 -30.73 31.75 12.10
CA ASP A 61 -32.19 31.81 11.94
C ASP A 61 -32.53 32.76 10.79
N ARG A 62 -33.61 32.46 10.06
CA ARG A 62 -34.02 33.26 8.91
C ARG A 62 -34.40 34.69 9.30
N ARG A 63 -34.93 34.87 10.53
CA ARG A 63 -35.37 36.15 11.12
C ARG A 63 -34.22 37.12 11.35
N THR A 64 -33.07 36.61 11.86
CA THR A 64 -31.89 37.41 12.14
C THR A 64 -31.26 38.12 10.93
N LYS A 65 -31.10 39.46 11.06
CA LYS A 65 -30.49 40.35 10.06
C LYS A 65 -29.00 40.53 10.41
N MET A 66 -28.17 40.84 9.41
CA MET A 66 -26.75 41.12 9.67
C MET A 66 -26.37 42.51 9.16
N TYR A 67 -26.27 43.47 10.09
CA TYR A 67 -25.90 44.84 9.75
C TYR A 67 -24.38 44.92 9.60
N ASN A 68 -23.88 45.51 8.52
CA ASN A 68 -22.44 45.61 8.31
C ASN A 68 -22.07 47.03 7.90
N VAL A 69 -21.02 47.56 8.55
CA VAL A 69 -20.50 48.92 8.32
C VAL A 69 -20.26 49.28 6.85
N PHE A 70 -19.56 48.39 6.09
CA PHE A 70 -19.26 48.62 4.67
C PHE A 70 -20.52 48.60 3.85
N GLU A 71 -21.42 47.63 4.13
CA GLU A 71 -22.67 47.53 3.39
C GLU A 71 -23.55 48.75 3.57
N TYR A 72 -23.50 49.37 4.77
CA TYR A 72 -24.24 50.59 5.07
C TYR A 72 -23.81 51.72 4.15
N PHE A 73 -22.50 51.84 3.90
CA PHE A 73 -21.95 52.86 3.02
C PHE A 73 -22.09 52.51 1.58
N LYS A 74 -22.00 51.20 1.25
CA LYS A 74 -22.18 50.72 -0.13
C LYS A 74 -23.60 51.11 -0.54
N GLN A 75 -24.57 50.93 0.39
CA GLN A 75 -25.98 51.32 0.20
C GLN A 75 -26.13 52.81 -0.11
N ILE A 76 -25.53 53.67 0.74
CA ILE A 76 -25.49 55.12 0.58
C ILE A 76 -25.05 55.45 -0.87
N SER A 77 -23.89 54.88 -1.32
CA SER A 77 -23.31 55.05 -2.66
C SER A 77 -24.22 54.55 -3.80
N ASN A 78 -24.81 53.34 -3.64
CA ASN A 78 -25.66 52.73 -4.65
C ASN A 78 -26.69 53.71 -5.11
N ASN A 79 -27.36 54.33 -4.12
CA ASN A 79 -28.43 55.31 -4.28
C ASN A 79 -28.00 56.71 -4.77
N LYS A 80 -26.68 57.01 -4.73
CA LYS A 80 -26.11 58.30 -5.17
C LYS A 80 -25.90 58.39 -6.70
N HIS A 81 -25.85 57.24 -7.40
CA HIS A 81 -25.63 57.16 -8.84
C HIS A 81 -26.77 56.43 -9.51
N PHE A 82 -26.88 56.58 -10.84
CA PHE A 82 -27.91 55.89 -11.59
C PHE A 82 -27.29 55.10 -12.75
N LYS A 83 -26.31 55.72 -13.42
CA LYS A 83 -25.56 55.17 -14.54
C LYS A 83 -24.43 54.30 -13.98
N SER A 84 -23.94 53.30 -14.73
CA SER A 84 -22.83 52.45 -14.29
C SER A 84 -21.47 53.18 -14.40
N ASN A 85 -20.44 52.77 -13.60
CA ASN A 85 -19.11 53.37 -13.67
C ASN A 85 -18.33 52.83 -14.84
N LYS A 86 -18.85 53.12 -16.05
CA LYS A 86 -18.27 52.64 -17.28
C LYS A 86 -16.80 53.06 -17.41
N LEU A 87 -16.46 54.20 -16.82
CA LEU A 87 -15.12 54.75 -16.85
C LEU A 87 -14.04 53.89 -16.23
N LEU A 88 -14.37 53.24 -15.11
CA LEU A 88 -13.48 52.35 -14.39
C LEU A 88 -13.19 51.12 -15.23
N TYR A 89 -14.24 50.55 -15.84
CA TYR A 89 -14.08 49.38 -16.70
C TYR A 89 -13.23 49.73 -17.88
N LYS A 90 -13.43 50.94 -18.50
CA LYS A 90 -12.58 51.41 -19.61
C LYS A 90 -11.13 51.57 -19.13
N HIS A 91 -10.95 52.06 -17.89
CA HIS A 91 -9.62 52.20 -17.31
C HIS A 91 -8.87 50.85 -17.25
N ILE A 92 -9.54 49.77 -16.80
CA ILE A 92 -8.97 48.41 -16.71
C ILE A 92 -8.72 47.86 -18.13
N SER A 93 -9.70 48.05 -19.05
CA SER A 93 -9.68 47.64 -20.47
C SER A 93 -8.48 48.21 -21.18
N GLU A 94 -8.26 49.53 -21.02
CA GLU A 94 -7.19 50.29 -21.64
C GLU A 94 -5.84 49.76 -21.20
N ARG A 95 -5.70 49.41 -19.90
CA ARG A 95 -4.44 48.88 -19.36
C ARG A 95 -4.00 47.60 -20.08
N LEU A 96 -4.96 46.79 -20.59
CA LEU A 96 -4.72 45.54 -21.32
C LEU A 96 -5.01 45.84 -22.79
N LYS A 97 -4.18 46.69 -23.41
CA LYS A 97 -4.44 47.00 -24.81
C LYS A 97 -3.66 46.12 -25.80
N ASN A 98 -2.46 46.56 -26.27
CA ASN A 98 -1.61 45.83 -27.21
C ASN A 98 -0.96 44.68 -26.45
N THR A 99 -1.78 43.69 -26.06
CA THR A 99 -1.35 42.56 -25.24
C THR A 99 -1.50 41.21 -25.88
N ILE A 100 -0.51 40.36 -25.61
CA ILE A 100 -0.49 38.96 -25.99
C ILE A 100 -0.75 38.17 -24.70
N GLU A 101 -1.38 37.02 -24.83
CA GLU A 101 -1.78 36.21 -23.70
C GLU A 101 -1.03 34.91 -23.66
N ILE A 102 -0.53 34.55 -22.46
CA ILE A 102 0.11 33.27 -22.20
C ILE A 102 -0.70 32.54 -21.14
N GLU A 103 -1.03 31.27 -21.39
CA GLU A 103 -1.84 30.43 -20.52
C GLU A 103 -0.99 29.66 -19.49
N GLU A 104 -1.48 29.51 -18.24
CA GLU A 104 -0.80 28.73 -17.22
C GLU A 104 -1.63 27.45 -16.92
N SER A 105 -2.77 27.60 -16.19
CA SER A 105 -3.71 26.54 -15.76
C SER A 105 -4.96 26.70 -16.57
N LYS A 106 -6.16 26.58 -15.95
CA LYS A 106 -7.38 26.79 -16.72
C LYS A 106 -7.60 28.30 -16.81
N GLY A 107 -8.14 28.87 -15.70
CA GLY A 107 -8.47 30.28 -15.58
C GLY A 107 -7.28 31.20 -15.75
N ILE A 108 -6.13 30.74 -15.26
CA ILE A 108 -4.86 31.44 -15.25
C ILE A 108 -4.22 31.76 -16.63
N SER A 109 -4.00 33.08 -16.84
CA SER A 109 -3.39 33.66 -18.05
C SER A 109 -2.66 34.93 -17.65
N ARG A 110 -1.50 35.15 -18.28
CA ARG A 110 -0.60 36.31 -18.12
C ARG A 110 -0.55 37.10 -19.40
N TYR A 111 -0.51 38.44 -19.30
CA TYR A 111 -0.56 39.30 -20.48
C TYR A 111 0.68 40.15 -20.66
N PHE A 112 1.25 40.09 -21.84
CA PHE A 112 2.49 40.80 -22.14
C PHE A 112 2.30 41.85 -23.19
N ASP A 113 3.05 42.96 -23.15
CA ASP A 113 2.90 43.98 -24.18
C ASP A 113 3.46 43.55 -25.55
N ILE A 114 2.62 43.56 -26.59
CA ILE A 114 2.99 43.13 -27.95
C ILE A 114 4.15 43.93 -28.48
N THR A 115 4.20 45.21 -28.12
CA THR A 115 5.25 46.07 -28.64
C THR A 115 6.49 46.10 -27.77
N THR A 116 6.32 45.98 -26.47
CA THR A 116 7.46 46.13 -25.58
C THR A 116 7.98 44.90 -24.83
N GLY A 117 7.11 43.92 -24.61
CA GLY A 117 7.47 42.69 -23.91
C GLY A 117 7.18 42.74 -22.42
N THR A 118 6.85 43.94 -21.91
CA THR A 118 6.56 44.10 -20.50
C THR A 118 5.41 43.23 -20.05
N TYR A 119 5.57 42.64 -18.87
CA TYR A 119 4.58 41.85 -18.18
C TYR A 119 3.52 42.86 -17.79
N ILE A 120 2.29 42.69 -18.28
CA ILE A 120 1.23 43.66 -18.00
C ILE A 120 0.29 43.28 -16.87
N ALA A 121 -0.28 42.09 -16.94
CA ALA A 121 -1.25 41.66 -15.95
C ALA A 121 -1.31 40.14 -15.79
N TYR A 122 -1.89 39.68 -14.66
CA TYR A 122 -2.17 38.27 -14.35
C TYR A 122 -3.70 38.16 -14.13
N ILE A 123 -4.39 37.30 -14.89
CA ILE A 123 -5.82 37.09 -14.72
C ILE A 123 -6.14 35.63 -14.39
N ARG A 124 -6.96 35.44 -13.36
CA ARG A 124 -7.40 34.16 -12.85
C ARG A 124 -8.94 34.18 -12.80
N LYS A 125 -9.58 33.52 -13.79
CA LYS A 125 -11.04 33.44 -13.90
C LYS A 125 -11.50 32.16 -13.20
N SER A 126 -12.64 32.24 -12.50
CA SER A 126 -13.20 31.13 -11.70
C SER A 126 -14.74 31.22 -11.63
N LYS A 127 -15.40 30.98 -12.77
CA LYS A 127 -16.87 30.99 -12.92
C LYS A 127 -17.60 32.34 -12.65
N SER A 128 -17.59 32.79 -11.38
CA SER A 128 -18.22 34.03 -10.90
C SER A 128 -17.14 35.07 -10.58
N GLU A 129 -16.13 34.62 -9.81
CA GLU A 129 -14.98 35.42 -9.38
C GLU A 129 -13.90 35.51 -10.45
N LYS A 130 -13.23 36.65 -10.51
CA LYS A 130 -12.10 36.94 -11.40
C LYS A 130 -11.18 37.89 -10.64
N VAL A 131 -9.88 37.71 -10.81
CA VAL A 131 -8.90 38.56 -10.19
C VAL A 131 -7.92 39.05 -11.24
N ILE A 132 -7.71 40.39 -11.30
CA ILE A 132 -6.74 40.98 -12.23
C ILE A 132 -5.59 41.65 -11.49
N ASP A 133 -4.37 41.13 -11.67
CA ASP A 133 -3.19 41.65 -11.02
C ASP A 133 -2.39 42.44 -12.02
N PHE A 134 -2.25 43.76 -11.78
CA PHE A 134 -1.49 44.62 -12.67
C PHE A 134 -0.11 44.82 -12.16
N PHE A 135 0.83 44.98 -13.08
CA PHE A 135 2.25 45.10 -12.76
C PHE A 135 2.86 46.39 -13.21
N LYS A 136 3.95 46.81 -12.52
CA LYS A 136 4.82 47.93 -12.89
C LYS A 136 6.22 47.54 -12.54
N ASP A 137 7.09 47.50 -13.57
CA ASP A 137 8.52 47.15 -13.43
C ASP A 137 8.76 45.74 -12.91
N ASN A 138 7.88 44.82 -13.37
CA ASN A 138 7.81 43.37 -13.15
C ASN A 138 7.41 43.01 -11.74
N LYS A 139 6.86 44.00 -11.03
CA LYS A 139 6.38 43.87 -9.67
C LYS A 139 4.89 44.20 -9.63
N ARG A 140 4.11 43.45 -8.85
CA ARG A 140 2.67 43.67 -8.73
C ARG A 140 2.32 44.93 -7.93
N ILE A 141 1.47 45.77 -8.51
CA ILE A 141 1.05 47.06 -7.96
C ILE A 141 -0.40 47.13 -7.52
N GLU A 142 -1.28 46.42 -8.22
CA GLU A 142 -2.69 46.40 -7.85
C GLU A 142 -3.45 45.14 -8.23
N ARG A 143 -4.53 44.86 -7.47
CA ARG A 143 -5.38 43.72 -7.72
C ARG A 143 -6.83 44.11 -7.75
N PHE A 144 -7.43 43.96 -8.92
CA PHE A 144 -8.86 44.20 -9.11
C PHE A 144 -9.61 42.87 -8.92
N SER A 145 -10.44 42.82 -7.86
CA SER A 145 -11.21 41.67 -7.47
C SER A 145 -12.65 41.86 -7.94
N PHE A 146 -13.16 40.87 -8.68
CA PHE A 146 -14.50 40.87 -9.29
C PHE A 146 -15.34 39.70 -8.80
N ILE A 147 -16.66 39.90 -8.75
CA ILE A 147 -17.68 38.89 -8.44
C ILE A 147 -18.77 39.12 -9.46
N ASP A 148 -19.06 38.08 -10.28
CA ASP A 148 -20.06 38.09 -11.35
C ASP A 148 -19.79 39.22 -12.38
N ASN A 149 -18.50 39.28 -12.82
CA ASN A 149 -17.93 40.23 -13.76
C ASN A 149 -18.04 41.72 -13.38
N LYS A 150 -18.38 42.00 -12.11
CA LYS A 150 -18.47 43.34 -11.55
C LYS A 150 -17.36 43.53 -10.52
N VAL A 151 -16.54 44.62 -10.65
CA VAL A 151 -15.43 44.93 -9.72
C VAL A 151 -15.99 45.41 -8.38
N HIS A 152 -15.50 44.82 -7.26
CA HIS A 152 -15.97 45.17 -5.91
C HIS A 152 -14.88 45.74 -5.00
N MET A 153 -13.63 45.37 -5.26
CA MET A 153 -12.54 45.81 -4.43
C MET A 153 -11.24 45.97 -5.24
N LYS A 154 -10.37 46.88 -4.80
CA LYS A 154 -9.05 47.10 -5.39
C LYS A 154 -8.04 47.21 -4.29
N GLU A 155 -6.98 46.40 -4.37
CA GLU A 155 -5.90 46.40 -3.38
C GLU A 155 -4.63 46.91 -4.04
N THR A 156 -3.87 47.76 -3.33
CA THR A 156 -2.61 48.31 -3.78
C THR A 156 -1.48 47.63 -3.02
N PHE A 157 -0.40 47.28 -3.71
CA PHE A 157 0.69 46.53 -3.10
C PHE A 157 1.96 47.30 -3.03
N ASN A 158 2.78 47.01 -2.00
CA ASN A 158 4.10 47.63 -1.89
C ASN A 158 5.21 46.85 -2.65
N VAL A 159 6.47 47.15 -2.29
CA VAL A 159 7.67 46.54 -2.87
C VAL A 159 7.85 45.11 -2.38
N ASP A 160 7.24 44.84 -1.22
CA ASP A 160 7.26 43.52 -0.59
C ASP A 160 6.01 42.72 -0.96
N ASN A 161 5.28 43.20 -1.97
CA ASN A 161 4.07 42.56 -2.47
C ASN A 161 3.01 42.32 -1.37
N LYS A 162 2.88 43.30 -0.46
CA LYS A 162 1.93 43.29 0.65
C LYS A 162 0.93 44.43 0.47
N VAL A 163 -0.36 44.18 0.84
CA VAL A 163 -1.40 45.20 0.73
C VAL A 163 -1.13 46.37 1.65
N CYS A 164 -1.22 47.57 1.11
CA CYS A 164 -1.02 48.77 1.90
C CYS A 164 -2.15 49.76 1.77
N TYR A 165 -3.16 49.46 0.92
CA TYR A 165 -4.31 50.31 0.64
C TYR A 165 -5.43 49.53 -0.07
N GLN A 166 -6.69 49.77 0.31
CA GLN A 166 -7.86 49.11 -0.26
C GLN A 166 -8.91 50.13 -0.66
N VAL A 167 -9.68 49.83 -1.74
CA VAL A 167 -10.76 50.66 -2.27
C VAL A 167 -11.96 49.72 -2.47
N PHE A 168 -13.14 50.15 -2.06
CA PHE A 168 -14.32 49.34 -2.22
C PHE A 168 -15.30 50.03 -3.16
N TYR A 169 -15.87 49.25 -4.08
CA TYR A 169 -16.78 49.73 -5.09
C TYR A 169 -18.18 49.21 -4.83
N ASP A 170 -19.18 50.07 -5.10
CA ASP A 170 -20.57 49.73 -4.94
C ASP A 170 -21.07 48.81 -6.08
N GLU A 171 -22.41 48.55 -6.10
CA GLU A 171 -23.13 47.71 -7.05
C GLU A 171 -23.05 48.33 -8.48
N LYS A 172 -22.74 49.64 -8.57
CA LYS A 172 -22.63 50.37 -9.82
C LYS A 172 -21.17 50.59 -10.27
N GLY A 173 -20.21 50.17 -9.44
CA GLY A 173 -18.79 50.31 -9.75
C GLY A 173 -18.10 51.57 -9.24
N TYR A 174 -18.79 52.35 -8.39
CA TYR A 174 -18.26 53.58 -7.82
C TYR A 174 -17.57 53.41 -6.46
N PRO A 175 -16.36 53.97 -6.29
CA PRO A 175 -15.69 53.87 -4.99
C PRO A 175 -16.42 54.58 -3.85
N TYR A 176 -16.70 53.88 -2.74
CA TYR A 176 -17.38 54.51 -1.58
C TYR A 176 -16.44 54.66 -0.39
N ILE A 177 -15.60 53.65 -0.12
CA ILE A 177 -14.61 53.68 0.98
C ILE A 177 -13.24 53.27 0.45
N SER A 178 -12.21 53.92 0.93
CA SER A 178 -10.84 53.64 0.62
C SER A 178 -10.14 53.72 1.95
N ARG A 179 -9.06 52.91 2.19
CA ARG A 179 -8.37 52.90 3.49
C ARG A 179 -6.95 52.38 3.42
N ASN A 180 -6.08 52.99 4.23
CA ASN A 180 -4.69 52.60 4.31
C ASN A 180 -4.58 51.39 5.21
N ILE A 181 -3.81 50.41 4.79
CA ILE A 181 -3.53 49.18 5.54
C ILE A 181 -2.06 49.20 5.91
N ASN A 182 -1.70 48.92 7.17
CA ASN A 182 -0.30 48.81 7.56
C ASN A 182 0.19 47.49 7.00
N ALA A 183 1.14 47.55 6.04
CA ALA A 183 1.63 46.36 5.37
C ALA A 183 2.24 45.34 6.30
N ASN A 184 3.02 45.81 7.29
CA ASN A 184 3.69 44.95 8.28
C ASN A 184 2.74 44.02 9.08
N ASN A 185 1.83 44.61 9.89
CA ASN A 185 0.85 43.89 10.72
C ASN A 185 -0.56 43.70 10.12
N GLY A 186 -0.83 44.34 9.00
CA GLY A 186 -2.14 44.28 8.34
C GLY A 186 -3.24 45.08 9.02
N ALA A 187 -2.86 46.07 9.83
CA ALA A 187 -3.80 46.90 10.57
C ALA A 187 -4.43 47.99 9.73
N VAL A 188 -5.74 48.18 9.90
CA VAL A 188 -6.46 49.21 9.17
C VAL A 188 -6.25 50.54 9.84
N GLY A 189 -5.61 51.45 9.09
CA GLY A 189 -5.31 52.82 9.48
C GLY A 189 -6.36 53.81 9.01
N LYS A 190 -5.93 54.92 8.41
CA LYS A 190 -6.88 55.93 7.94
C LYS A 190 -7.99 55.44 7.00
N THR A 191 -9.25 55.48 7.45
CA THR A 191 -10.37 55.15 6.58
C THR A 191 -10.95 56.44 5.99
N TYR A 192 -11.25 56.42 4.68
CA TYR A 192 -11.82 57.56 3.96
C TYR A 192 -13.14 57.12 3.35
N VAL A 193 -14.26 57.57 3.92
CA VAL A 193 -15.54 57.23 3.30
C VAL A 193 -15.72 58.31 2.24
N LEU A 194 -15.37 57.92 1.00
CA LEU A 194 -15.40 58.75 -0.21
C LEU A 194 -16.78 59.33 -0.46
N VAL A 195 -17.87 58.51 -0.36
CA VAL A 195 -19.25 58.99 -0.57
C VAL A 195 -19.66 60.22 0.23
N ASN A 196 -19.37 60.23 1.55
CA ASN A 196 -19.72 61.33 2.45
C ASN A 196 -18.56 62.34 2.60
N LYS A 197 -17.50 62.16 1.77
CA LYS A 197 -16.27 62.96 1.74
C LYS A 197 -15.78 63.29 3.18
N LYS A 198 -15.62 62.21 4.02
CA LYS A 198 -15.20 62.28 5.43
C LYS A 198 -14.13 61.25 5.71
N GLU A 199 -13.11 61.64 6.50
CA GLU A 199 -12.00 60.78 6.90
C GLU A 199 -12.15 60.35 8.37
N PHE A 200 -11.56 59.18 8.71
CA PHE A 200 -11.60 58.56 10.04
C PHE A 200 -10.19 58.06 10.45
N LYS A 201 -9.82 58.22 11.73
CA LYS A 201 -8.49 57.81 12.20
C LYS A 201 -8.19 56.34 11.84
N ASN A 202 -9.23 55.47 11.87
CA ASN A 202 -9.16 54.03 11.62
C ASN A 202 -10.53 53.39 11.75
N ASN A 203 -10.60 52.04 11.64
CA ASN A 203 -11.85 51.28 11.77
C ASN A 203 -12.57 51.53 13.04
N LEU A 204 -11.85 51.70 14.19
CA LEU A 204 -12.51 52.01 15.45
C LEU A 204 -13.35 53.31 15.31
N ALA A 205 -12.69 54.39 14.81
CA ALA A 205 -13.30 55.70 14.55
C ALA A 205 -14.53 55.58 13.66
N LEU A 206 -14.38 54.82 12.54
CA LEU A 206 -15.41 54.59 11.53
C LEU A 206 -16.62 53.83 12.09
N CYS A 207 -16.34 52.78 12.86
CA CYS A 207 -17.38 51.96 13.43
C CYS A 207 -18.08 52.57 14.56
N VAL A 208 -17.39 53.42 15.34
CA VAL A 208 -18.05 54.19 16.41
C VAL A 208 -19.11 55.11 15.75
N TYR A 209 -18.72 55.85 14.72
CA TYR A 209 -19.59 56.72 13.93
C TYR A 209 -20.77 55.90 13.37
N TYR A 210 -20.47 54.69 12.83
CA TYR A 210 -21.47 53.77 12.28
C TYR A 210 -22.53 53.40 13.33
N LEU A 211 -22.08 52.85 14.46
CA LEU A 211 -22.96 52.44 15.55
C LEU A 211 -23.81 53.60 16.04
N GLU A 212 -23.22 54.82 16.18
CA GLU A 212 -23.94 56.03 16.58
C GLU A 212 -25.05 56.35 15.54
N LYS A 213 -24.79 56.09 14.24
CA LYS A 213 -25.80 56.31 13.20
C LYS A 213 -26.83 55.17 13.11
N LEU A 214 -26.40 53.91 13.35
CA LEU A 214 -27.25 52.73 13.28
C LEU A 214 -28.17 52.56 14.48
N ILE A 215 -27.65 52.76 15.69
CA ILE A 215 -28.40 52.55 16.90
C ILE A 215 -28.97 53.84 17.49
N LYS A 216 -30.28 53.82 17.72
CA LYS A 216 -31.06 54.91 18.29
C LYS A 216 -30.63 55.01 19.76
N ASP A 217 -30.46 56.24 20.30
CA ASP A 217 -30.06 56.39 21.70
C ASP A 217 -31.25 56.27 22.69
N SER A 218 -32.01 55.16 22.56
CA SER A 218 -33.15 54.83 23.39
C SER A 218 -32.73 53.84 24.45
N LYS A 219 -33.42 53.82 25.62
CA LYS A 219 -33.15 52.84 26.69
C LYS A 219 -33.64 51.46 26.25
N ASP A 220 -34.51 51.44 25.21
CA ASP A 220 -35.03 50.23 24.56
C ASP A 220 -34.04 49.68 23.49
N SER A 221 -32.89 50.34 23.30
CA SER A 221 -31.83 49.90 22.38
C SER A 221 -30.76 49.22 23.22
N ILE A 222 -30.42 47.95 22.86
CA ILE A 222 -29.43 47.15 23.58
C ILE A 222 -28.28 46.69 22.70
N MET A 223 -27.02 46.97 23.14
CA MET A 223 -25.79 46.57 22.49
C MET A 223 -25.15 45.47 23.32
N ILE A 224 -24.93 44.30 22.69
CA ILE A 224 -24.27 43.14 23.31
C ILE A 224 -22.97 42.93 22.53
N CYS A 225 -21.86 42.95 23.23
CA CYS A 225 -20.60 42.78 22.54
C CYS A 225 -19.95 41.43 22.81
N ASP A 226 -20.06 40.49 21.84
CA ASP A 226 -19.50 39.14 21.96
C ASP A 226 -18.03 39.08 21.61
N GLY A 227 -17.65 39.70 20.49
CA GLY A 227 -16.25 39.79 20.05
C GLY A 227 -15.47 40.68 20.99
N PRO A 228 -14.39 40.17 21.61
CA PRO A 228 -13.65 41.01 22.56
C PRO A 228 -12.92 42.18 21.93
N GLY A 229 -12.58 42.04 20.64
CA GLY A 229 -11.87 43.06 19.89
C GLY A 229 -12.77 44.18 19.48
N SER A 230 -14.06 43.84 19.33
CA SER A 230 -15.14 44.72 18.95
C SER A 230 -15.54 45.61 20.13
N PHE A 231 -15.19 45.21 21.36
CA PHE A 231 -15.54 45.94 22.57
C PHE A 231 -15.35 47.45 22.52
N PRO A 232 -14.14 47.98 22.17
CA PRO A 232 -13.97 49.44 22.15
C PRO A 232 -14.93 50.18 21.20
N LYS A 233 -15.31 49.53 20.07
CA LYS A 233 -16.27 50.08 19.09
C LYS A 233 -17.61 50.37 19.86
N MET A 234 -18.05 49.43 20.75
CA MET A 234 -19.25 49.64 21.55
C MET A 234 -19.00 50.64 22.67
N PHE A 235 -17.88 50.47 23.40
CA PHE A 235 -17.50 51.29 24.54
C PHE A 235 -17.37 52.79 24.26
N ASN A 236 -16.81 53.14 23.13
CA ASN A 236 -16.57 54.53 22.73
C ASN A 236 -17.75 55.32 22.15
N THR A 237 -18.93 54.70 22.02
CA THR A 237 -20.07 55.42 21.45
C THR A 237 -20.60 56.47 22.40
N ASN A 238 -21.08 57.59 21.83
CA ASN A 238 -21.66 58.71 22.58
C ASN A 238 -23.03 58.38 23.20
N HIS A 239 -23.56 57.16 22.97
CA HIS A 239 -24.86 56.70 23.48
C HIS A 239 -24.99 56.89 24.99
N LYS A 240 -25.90 57.76 25.39
CA LYS A 240 -26.16 58.11 26.78
C LYS A 240 -27.23 57.25 27.44
N ASN A 241 -28.26 56.83 26.67
CA ASN A 241 -29.37 56.03 27.17
C ASN A 241 -29.36 54.55 26.76
N ALA A 242 -28.72 54.24 25.60
CA ALA A 242 -28.62 52.88 25.10
C ALA A 242 -27.84 51.99 26.08
N GLN A 243 -28.31 50.74 26.23
CA GLN A 243 -27.71 49.75 27.12
C GLN A 243 -26.47 49.07 26.50
N LYS A 244 -25.39 48.94 27.29
CA LYS A 244 -24.13 48.35 26.81
C LYS A 244 -23.69 47.15 27.63
N TYR A 245 -23.66 45.97 27.00
CA TYR A 245 -23.24 44.72 27.65
C TYR A 245 -22.07 44.10 26.93
N GLY A 246 -21.18 43.46 27.68
CA GLY A 246 -20.02 42.76 27.16
C GLY A 246 -20.06 41.30 27.56
N VAL A 247 -20.01 40.37 26.60
CA VAL A 247 -20.03 38.93 26.91
C VAL A 247 -18.63 38.33 26.78
N ILE A 248 -18.13 37.66 27.84
CA ILE A 248 -16.82 37.02 27.82
C ILE A 248 -17.02 35.54 27.62
N HIS A 249 -16.69 35.09 26.41
CA HIS A 249 -16.87 33.71 25.95
C HIS A 249 -15.73 32.75 26.25
N VAL A 250 -14.64 33.23 26.88
CA VAL A 250 -13.45 32.41 27.15
C VAL A 250 -12.88 32.59 28.55
N ASN A 251 -11.88 31.76 28.87
CA ASN A 251 -11.16 31.88 30.13
C ASN A 251 -10.39 33.24 30.03
N HIS A 252 -10.61 34.14 30.98
CA HIS A 252 -9.97 35.45 30.96
C HIS A 252 -8.45 35.44 31.24
N HIS A 253 -7.91 34.31 31.73
CA HIS A 253 -6.48 34.20 31.97
C HIS A 253 -5.75 33.94 30.66
N GLU A 254 -4.55 34.52 30.53
CA GLU A 254 -3.68 34.37 29.35
C GLU A 254 -3.33 32.89 29.15
N ASN A 255 -3.58 32.38 27.92
CA ASN A 255 -3.33 30.99 27.57
C ASN A 255 -1.86 30.64 27.62
N PHE A 256 -1.56 29.47 28.22
CA PHE A 256 -0.21 28.91 28.38
C PHE A 256 0.71 29.85 29.13
N ASP A 257 0.24 30.34 30.28
CA ASP A 257 0.96 31.28 31.09
C ASP A 257 0.81 30.96 32.57
N ASP A 258 1.96 30.85 33.26
CA ASP A 258 2.17 30.52 34.67
C ASP A 258 2.50 31.76 35.53
N THR A 259 2.60 32.93 34.88
CA THR A 259 2.91 34.23 35.51
C THR A 259 1.67 34.90 36.15
N GLY A 260 0.49 34.30 35.95
CA GLY A 260 -0.78 34.82 36.45
C GLY A 260 -1.28 36.05 35.69
N ALA A 261 -0.96 36.12 34.38
CA ALA A 261 -1.31 37.20 33.49
C ALA A 261 -2.67 36.96 32.87
N PHE A 262 -3.31 38.04 32.37
CA PHE A 262 -4.63 37.97 31.74
C PHE A 262 -4.60 38.30 30.28
N LYS A 263 -5.64 37.84 29.56
CA LYS A 263 -5.81 38.15 28.14
C LYS A 263 -6.04 39.66 28.08
N LYS A 264 -5.26 40.37 27.23
CA LYS A 264 -5.28 41.83 27.13
C LYS A 264 -6.68 42.41 26.92
N SER A 265 -7.40 41.92 25.91
CA SER A 265 -8.74 42.36 25.56
C SER A 265 -9.74 42.16 26.70
N GLU A 266 -9.79 40.94 27.25
CA GLU A 266 -10.67 40.54 28.34
C GLU A 266 -10.42 41.36 29.57
N LYS A 267 -9.13 41.64 29.88
CA LYS A 267 -8.73 42.47 31.03
C LYS A 267 -9.41 43.84 30.92
N TYR A 268 -9.32 44.50 29.72
CA TYR A 268 -9.96 45.80 29.45
C TYR A 268 -11.49 45.75 29.63
N ILE A 269 -12.16 44.68 29.12
CA ILE A 269 -13.59 44.49 29.26
C ILE A 269 -13.91 44.41 30.74
N ILE A 270 -13.20 43.51 31.47
CA ILE A 270 -13.39 43.30 32.90
C ILE A 270 -13.16 44.56 33.72
N GLU A 271 -12.04 45.26 33.49
CA GLU A 271 -11.70 46.48 34.23
C GLU A 271 -12.79 47.55 34.10
N ASN A 272 -13.34 47.72 32.88
CA ASN A 272 -14.38 48.71 32.60
C ASN A 272 -15.82 48.25 32.86
N ALA A 273 -16.00 47.07 33.51
CA ALA A 273 -17.30 46.47 33.82
C ALA A 273 -18.28 47.43 34.46
N ASN A 274 -17.79 48.20 35.46
CA ASN A 274 -18.62 49.18 36.18
C ASN A 274 -19.05 50.39 35.33
N LYS A 275 -18.28 50.73 34.29
CA LYS A 275 -18.61 51.85 33.40
C LYS A 275 -19.73 51.52 32.38
N ILE A 276 -20.07 50.23 32.21
CA ILE A 276 -21.16 49.78 31.32
C ILE A 276 -22.30 49.13 32.11
N ASN A 277 -23.35 48.65 31.41
CA ASN A 277 -24.50 48.01 32.05
C ASN A 277 -24.17 46.65 32.68
N GLY A 278 -23.12 45.99 32.22
CA GLY A 278 -22.70 44.71 32.77
C GLY A 278 -21.85 43.84 31.85
N VAL A 279 -20.92 43.07 32.46
CA VAL A 279 -20.05 42.11 31.78
C VAL A 279 -20.59 40.72 32.10
N ILE A 280 -20.85 39.91 31.07
CA ILE A 280 -21.44 38.59 31.23
C ILE A 280 -20.44 37.47 31.02
N VAL A 281 -20.38 36.54 31.99
CA VAL A 281 -19.57 35.34 31.93
C VAL A 281 -20.49 34.11 31.92
N LEU A 282 -20.02 32.94 31.44
CA LEU A 282 -20.88 31.75 31.29
C LEU A 282 -21.04 30.85 32.51
N THR A 283 -19.98 30.72 33.32
CA THR A 283 -19.94 29.90 34.53
C THR A 283 -19.93 30.76 35.81
N GLU A 284 -20.62 30.29 36.87
CA GLU A 284 -20.63 31.00 38.15
C GLU A 284 -19.22 30.98 38.75
N ALA A 285 -18.43 29.95 38.37
CA ALA A 285 -17.03 29.73 38.72
C ALA A 285 -16.14 30.91 38.27
N GLN A 286 -16.24 31.28 36.97
CA GLN A 286 -15.49 32.38 36.36
C GLN A 286 -15.86 33.72 36.96
N ARG A 287 -17.15 33.87 37.32
CA ARG A 287 -17.68 35.10 37.94
C ARG A 287 -16.94 35.37 39.22
N LEU A 288 -16.83 34.34 40.09
CA LEU A 288 -16.15 34.42 41.38
C LEU A 288 -14.69 34.77 41.21
N ASP A 289 -14.00 34.08 40.29
CA ASP A 289 -12.60 34.32 39.97
C ASP A 289 -12.35 35.78 39.57
N ILE A 290 -13.17 36.30 38.63
CA ILE A 290 -13.08 37.68 38.16
C ILE A 290 -13.31 38.68 39.30
N LEU A 291 -14.31 38.42 40.15
CA LEU A 291 -14.64 39.30 41.28
C LEU A 291 -13.55 39.33 42.35
N ASN A 292 -12.88 38.17 42.58
CA ASN A 292 -11.80 37.98 43.55
C ASN A 292 -10.44 38.51 43.07
N GLN A 293 -10.30 38.77 41.75
CA GLN A 293 -9.04 39.26 41.16
C GLN A 293 -9.09 40.73 40.80
N PHE A 294 -10.30 41.29 40.54
CA PHE A 294 -10.49 42.67 40.08
C PHE A 294 -11.42 43.46 40.97
N ASP A 295 -11.25 44.78 40.98
CA ASP A 295 -12.08 45.68 41.78
C ASP A 295 -13.27 46.27 41.03
N VAL A 296 -14.15 45.35 40.60
CA VAL A 296 -15.39 45.60 39.86
C VAL A 296 -16.51 44.72 40.44
N GLU A 297 -17.78 45.09 40.22
CA GLU A 297 -18.94 44.35 40.75
C GLU A 297 -19.90 43.91 39.64
N ASN A 298 -19.97 44.71 38.56
CA ASN A 298 -20.86 44.53 37.41
C ASN A 298 -20.55 43.29 36.54
N ILE A 299 -20.38 42.11 37.19
CA ILE A 299 -20.11 40.84 36.50
C ILE A 299 -21.26 39.90 36.75
N PHE A 300 -21.87 39.37 35.67
CA PHE A 300 -23.03 38.49 35.80
C PHE A 300 -22.86 37.17 35.07
N THR A 301 -23.37 36.08 35.66
CA THR A 301 -23.32 34.78 35.03
C THR A 301 -24.64 34.46 34.32
N ILE A 302 -24.55 34.30 33.01
CA ILE A 302 -25.67 33.91 32.16
C ILE A 302 -25.07 32.89 31.23
N SER A 303 -25.55 31.65 31.29
CA SER A 303 -25.05 30.59 30.42
C SER A 303 -25.54 30.79 28.99
N ASN A 304 -25.06 29.95 28.06
CA ASN A 304 -25.52 29.98 26.69
C ASN A 304 -26.86 29.29 26.62
N PHE A 305 -27.74 29.71 25.68
CA PHE A 305 -29.01 29.04 25.49
C PHE A 305 -28.67 27.70 24.84
N VAL A 306 -29.31 26.62 25.30
CA VAL A 306 -29.02 25.30 24.73
C VAL A 306 -30.11 24.83 23.79
N LYS A 307 -29.71 24.46 22.58
CA LYS A 307 -30.60 23.96 21.53
C LYS A 307 -30.84 22.49 21.87
N ILE A 308 -31.94 22.20 22.59
CA ILE A 308 -32.28 20.84 23.01
C ILE A 308 -32.99 20.09 21.89
N HIS A 309 -32.21 19.66 20.91
CA HIS A 309 -32.67 18.87 19.76
C HIS A 309 -33.04 17.48 20.25
N ASN A 310 -33.72 16.68 19.42
CA ASN A 310 -34.04 15.33 19.81
C ASN A 310 -32.80 14.40 19.69
N ALA A 311 -32.60 13.55 20.71
CA ALA A 311 -31.49 12.60 20.82
C ALA A 311 -31.63 11.47 19.76
N PRO A 312 -30.50 10.91 19.24
CA PRO A 312 -30.59 9.83 18.24
C PRO A 312 -31.43 8.62 18.61
N LYS A 313 -31.90 7.87 17.60
CA LYS A 313 -32.75 6.69 17.82
C LYS A 313 -32.03 5.64 18.66
N HIS A 314 -30.83 5.22 18.22
CA HIS A 314 -30.06 4.20 18.96
C HIS A 314 -28.70 4.68 19.34
N PHE A 315 -28.15 4.07 20.41
CA PHE A 315 -26.81 4.35 20.94
C PHE A 315 -25.80 3.60 20.08
N GLN A 316 -24.57 4.14 19.97
CA GLN A 316 -23.52 3.46 19.21
C GLN A 316 -22.88 2.35 20.03
N THR A 317 -23.08 1.10 19.57
CA THR A 317 -22.55 -0.12 20.19
C THR A 317 -21.06 -0.32 19.88
N GLU A 318 -20.63 0.08 18.66
CA GLU A 318 -19.25 -0.02 18.16
C GLU A 318 -18.33 0.92 18.94
N LYS A 319 -17.07 0.48 19.18
CA LYS A 319 -16.05 1.23 19.91
C LYS A 319 -15.56 2.48 19.14
N ILE A 320 -16.38 3.56 19.13
CA ILE A 320 -16.05 4.82 18.45
C ILE A 320 -16.04 6.00 19.44
N VAL A 321 -14.88 6.67 19.57
CA VAL A 321 -14.71 7.84 20.44
C VAL A 321 -14.66 9.10 19.56
N GLY A 322 -15.49 10.08 19.89
CA GLY A 322 -15.58 11.31 19.11
C GLY A 322 -15.04 12.58 19.71
N HIS A 323 -14.73 13.56 18.84
CA HIS A 323 -14.22 14.88 19.21
C HIS A 323 -14.57 15.90 18.10
N ILE A 324 -15.42 16.88 18.42
CA ILE A 324 -15.85 17.92 17.48
C ILE A 324 -15.36 19.29 18.02
N SER A 325 -14.35 19.88 17.39
CA SER A 325 -13.78 21.14 17.89
C SER A 325 -13.06 21.95 16.83
N ARG A 326 -12.77 23.23 17.13
CA ARG A 326 -11.87 24.03 16.32
C ARG A 326 -10.48 23.40 16.59
N MET A 327 -9.70 23.07 15.56
CA MET A 327 -8.40 22.44 15.82
C MET A 327 -7.33 23.48 16.18
N VAL A 328 -7.35 23.92 17.44
CA VAL A 328 -6.40 24.93 17.93
C VAL A 328 -5.51 24.43 19.12
N PRO A 329 -4.46 25.19 19.52
CA PRO A 329 -3.59 24.69 20.60
C PRO A 329 -4.29 24.45 21.92
N THR A 330 -5.19 25.37 22.36
CA THR A 330 -5.92 25.23 23.63
C THR A 330 -6.83 23.99 23.70
N LYS A 331 -7.20 23.41 22.54
CA LYS A 331 -8.05 22.23 22.55
C LYS A 331 -7.25 20.96 22.84
N ARG A 332 -5.90 21.09 22.90
CA ARG A 332 -4.89 20.07 23.19
C ARG A 332 -5.16 18.70 22.60
N ILE A 333 -5.29 18.65 21.27
CA ILE A 333 -5.53 17.40 20.53
C ILE A 333 -4.25 16.54 20.53
N ASP A 334 -3.10 17.17 20.79
CA ASP A 334 -1.82 16.47 20.92
C ASP A 334 -1.88 15.47 22.09
N LEU A 335 -2.59 15.85 23.17
CA LEU A 335 -2.75 15.01 24.34
C LEU A 335 -3.79 13.95 24.06
N LEU A 336 -4.79 14.27 23.21
CA LEU A 336 -5.79 13.29 22.79
C LEU A 336 -5.07 12.22 21.98
N ILE A 337 -4.12 12.63 21.11
CA ILE A 337 -3.35 11.69 20.30
C ILE A 337 -2.53 10.79 21.22
N GLU A 338 -1.89 11.36 22.23
CA GLU A 338 -1.12 10.60 23.22
C GLU A 338 -2.02 9.62 24.03
N VAL A 339 -3.29 10.02 24.36
CA VAL A 339 -4.28 9.18 25.07
C VAL A 339 -4.72 8.03 24.17
N ALA A 340 -5.01 8.34 22.88
CA ALA A 340 -5.41 7.37 21.85
C ALA A 340 -4.39 6.23 21.75
N GLU A 341 -3.08 6.56 21.78
CA GLU A 341 -1.97 5.63 21.74
C GLU A 341 -2.01 4.66 22.94
N LEU A 342 -2.32 5.18 24.15
CA LEU A 342 -2.42 4.38 25.38
C LEU A 342 -3.60 3.40 25.29
N VAL A 343 -4.71 3.88 24.69
CA VAL A 343 -5.96 3.15 24.54
C VAL A 343 -5.78 2.02 23.55
N VAL A 344 -5.31 2.33 22.31
CA VAL A 344 -5.09 1.32 21.26
C VAL A 344 -4.08 0.23 21.62
N LYS A 345 -3.06 0.58 22.44
CA LYS A 345 -2.05 -0.36 22.92
C LYS A 345 -2.63 -1.34 23.96
N LYS A 346 -3.80 -1.02 24.55
CA LYS A 346 -4.51 -1.88 25.51
C LYS A 346 -5.71 -2.58 24.84
N ASP A 347 -6.28 -1.94 23.78
CA ASP A 347 -7.41 -2.47 22.98
C ASP A 347 -7.33 -1.96 21.52
N ASN A 348 -6.95 -2.87 20.61
CA ASN A 348 -6.78 -2.62 19.17
C ASN A 348 -8.05 -2.11 18.44
N ALA A 349 -9.24 -2.61 18.86
CA ALA A 349 -10.58 -2.36 18.30
C ALA A 349 -11.07 -0.90 18.16
N VAL A 350 -10.85 -0.08 19.21
CA VAL A 350 -11.30 1.31 19.33
C VAL A 350 -10.82 2.30 18.23
N LYS A 351 -11.77 3.08 17.68
CA LYS A 351 -11.54 4.09 16.66
C LYS A 351 -11.86 5.49 17.19
N PHE A 352 -11.04 6.49 16.80
CA PHE A 352 -11.17 7.88 17.22
C PHE A 352 -11.50 8.79 16.04
N HIS A 353 -12.60 9.52 16.12
CA HIS A 353 -13.03 10.42 15.05
C HIS A 353 -12.83 11.88 15.48
N ILE A 354 -11.99 12.61 14.74
CA ILE A 354 -11.71 14.02 15.04
C ILE A 354 -12.16 14.97 13.93
N TYR A 355 -13.41 15.45 14.09
CA TYR A 355 -14.03 16.42 13.19
C TYR A 355 -13.51 17.81 13.55
N GLY A 356 -13.48 18.69 12.54
CA GLY A 356 -13.00 20.06 12.67
C GLY A 356 -11.72 20.34 11.91
N GLU A 357 -11.38 21.65 11.79
CA GLU A 357 -10.20 22.17 11.09
C GLU A 357 -9.59 23.37 11.82
N GLY A 358 -8.30 23.57 11.63
CA GLY A 358 -7.60 24.70 12.23
C GLY A 358 -6.09 24.57 12.23
N SER A 359 -5.43 25.56 12.84
CA SER A 359 -3.99 25.69 12.99
C SER A 359 -3.21 24.36 13.14
N VAL A 360 -3.50 23.60 14.21
CA VAL A 360 -2.84 22.35 14.59
C VAL A 360 -3.13 21.10 13.72
N LYS A 361 -4.09 21.20 12.75
CA LYS A 361 -4.55 20.08 11.90
C LYS A 361 -3.43 19.25 11.29
N ASP A 362 -2.42 19.92 10.70
CA ASP A 362 -1.29 19.31 9.99
C ASP A 362 -0.32 18.57 10.92
N LYS A 363 -0.04 19.18 12.09
CA LYS A 363 0.86 18.63 13.11
C LYS A 363 0.27 17.37 13.71
N ILE A 364 -1.05 17.36 13.96
CA ILE A 364 -1.76 16.20 14.51
C ILE A 364 -1.80 15.08 13.49
N ALA A 365 -2.01 15.43 12.21
CA ALA A 365 -2.04 14.50 11.08
C ALA A 365 -0.70 13.78 10.98
N LYS A 366 0.40 14.55 11.10
CA LYS A 366 1.78 14.08 11.09
C LYS A 366 2.04 13.19 12.32
N MET A 367 1.49 13.59 13.47
CA MET A 367 1.58 12.91 14.77
C MET A 367 0.92 11.52 14.74
N ILE A 368 -0.17 11.36 13.96
CA ILE A 368 -0.91 10.10 13.79
C ILE A 368 -0.04 9.05 13.10
N GLU A 369 0.62 9.46 11.98
CA GLU A 369 1.50 8.63 11.15
C GLU A 369 2.68 8.04 11.94
N ASP A 370 3.39 8.92 12.70
CA ASP A 370 4.57 8.58 13.50
C ASP A 370 4.26 7.62 14.65
N LYS A 371 3.06 7.76 15.26
CA LYS A 371 2.60 6.91 16.36
C LYS A 371 1.98 5.58 15.88
N ASN A 372 1.77 5.47 14.53
CA ASN A 372 1.22 4.31 13.80
C ASN A 372 -0.23 4.00 14.20
N LEU A 373 -1.07 5.05 14.17
CA LEU A 373 -2.50 4.99 14.53
C LEU A 373 -3.36 5.43 13.33
N GLU A 374 -2.80 5.33 12.10
CA GLU A 374 -3.47 5.69 10.84
C GLU A 374 -4.74 4.88 10.62
N ARG A 375 -4.76 3.64 11.15
CA ARG A 375 -5.88 2.68 11.09
C ARG A 375 -6.87 2.85 12.28
N ASN A 376 -6.51 3.71 13.28
CA ASN A 376 -7.34 3.93 14.48
C ASN A 376 -7.83 5.36 14.71
N VAL A 377 -7.06 6.38 14.30
CA VAL A 377 -7.41 7.79 14.49
C VAL A 377 -7.61 8.46 13.13
N PHE A 378 -8.78 9.08 12.89
CA PHE A 378 -9.06 9.73 11.61
C PHE A 378 -9.54 11.17 11.73
N LEU A 379 -8.92 12.07 10.94
CA LEU A 379 -9.29 13.48 10.93
C LEU A 379 -10.37 13.69 9.86
N LYS A 380 -11.63 13.58 10.28
CA LYS A 380 -12.81 13.67 9.44
C LYS A 380 -13.15 15.05 8.87
N GLY A 381 -12.35 16.08 9.16
CA GLY A 381 -12.56 17.44 8.67
C GLY A 381 -13.83 18.11 9.17
N TYR A 382 -13.94 19.44 8.93
CA TYR A 382 -15.07 20.24 9.40
C TYR A 382 -16.44 19.70 9.01
N THR A 383 -17.34 19.57 9.99
CA THR A 383 -18.70 19.14 9.70
C THR A 383 -19.67 20.31 9.76
N THR A 384 -20.74 20.16 9.02
CA THR A 384 -21.80 21.14 8.99
C THR A 384 -23.03 20.52 9.64
N THR A 385 -22.93 19.23 10.01
CA THR A 385 -23.98 18.44 10.65
C THR A 385 -23.49 17.79 11.96
N PRO A 386 -22.95 18.55 12.98
CA PRO A 386 -22.44 17.87 14.19
C PRO A 386 -23.41 16.89 14.81
N GLN A 387 -24.71 17.23 14.83
CA GLN A 387 -25.78 16.39 15.37
C GLN A 387 -25.76 14.98 14.75
N LYS A 388 -25.51 14.90 13.41
CA LYS A 388 -25.45 13.66 12.64
C LYS A 388 -24.23 12.82 12.99
N CYS A 389 -23.07 13.48 13.20
CA CYS A 389 -21.81 12.81 13.56
C CYS A 389 -21.89 12.19 14.93
N LEU A 390 -22.56 12.90 15.86
CA LEU A 390 -22.75 12.50 17.25
C LEU A 390 -23.45 11.16 17.42
N GLU A 391 -24.33 10.80 16.46
CA GLU A 391 -25.06 9.53 16.43
C GLU A 391 -24.07 8.37 16.39
N ASP A 392 -22.98 8.54 15.59
CA ASP A 392 -21.97 7.55 15.32
C ASP A 392 -20.95 7.28 16.44
N PHE A 393 -20.94 8.12 17.52
CA PHE A 393 -20.01 7.96 18.65
C PHE A 393 -20.59 7.20 19.85
N LYS A 394 -19.75 6.40 20.53
CA LYS A 394 -20.14 5.67 21.76
C LYS A 394 -20.02 6.65 22.94
N LEU A 395 -18.97 7.49 22.91
CA LEU A 395 -18.65 8.52 23.89
C LEU A 395 -17.86 9.65 23.22
N VAL A 396 -17.79 10.80 23.91
CA VAL A 396 -17.06 11.99 23.46
C VAL A 396 -15.98 12.30 24.50
N VAL A 397 -14.86 12.83 24.04
CA VAL A 397 -13.72 13.17 24.88
C VAL A 397 -13.29 14.66 24.74
N SER A 398 -12.72 15.24 25.82
CA SER A 398 -12.21 16.61 25.81
C SER A 398 -10.87 16.73 26.53
N THR A 399 -9.85 17.09 25.75
CA THR A 399 -8.49 17.30 26.23
C THR A 399 -8.26 18.80 26.42
N SER A 400 -9.25 19.62 26.03
CA SER A 400 -9.21 21.07 26.13
C SER A 400 -8.71 21.56 27.49
N GLN A 401 -7.72 22.47 27.43
CA GLN A 401 -6.98 23.11 28.52
C GLN A 401 -7.74 24.26 29.19
N TYR A 402 -8.24 25.16 28.34
CA TYR A 402 -8.93 26.38 28.70
C TYR A 402 -10.26 26.35 27.99
N GLU A 403 -11.32 26.83 28.66
CA GLU A 403 -12.67 26.87 28.11
C GLU A 403 -13.54 27.89 28.83
N GLY A 404 -14.52 28.45 28.12
CA GLY A 404 -15.46 29.41 28.69
C GLY A 404 -16.62 28.68 29.34
N GLN A 405 -17.12 27.63 28.63
CA GLN A 405 -18.20 26.74 29.03
C GLN A 405 -18.09 25.39 28.28
N GLY A 406 -17.79 25.43 26.99
CA GLY A 406 -17.63 24.20 26.21
C GLY A 406 -18.93 23.59 25.74
N LEU A 407 -19.52 24.18 24.68
CA LEU A 407 -20.77 23.74 24.04
C LEU A 407 -20.68 22.38 23.41
N SER A 408 -19.53 22.03 22.76
CA SER A 408 -19.34 20.75 22.09
C SER A 408 -19.63 19.59 23.01
N MET A 409 -19.19 19.72 24.29
CA MET A 409 -19.41 18.76 25.37
C MET A 409 -20.91 18.75 25.71
N ILE A 410 -21.55 19.94 25.89
CA ILE A 410 -22.97 20.08 26.19
C ILE A 410 -23.78 19.39 25.10
N GLU A 411 -23.45 19.67 23.82
CA GLU A 411 -24.09 19.11 22.63
C GLU A 411 -24.09 17.58 22.64
N ALA A 412 -22.92 16.99 22.97
CA ALA A 412 -22.73 15.54 23.06
C ALA A 412 -23.65 14.97 24.12
N MET A 413 -23.70 15.62 25.30
CA MET A 413 -24.54 15.22 26.43
C MET A 413 -26.04 15.25 26.07
N ILE A 414 -26.47 16.31 25.34
CA ILE A 414 -27.84 16.48 24.85
C ILE A 414 -28.18 15.32 23.91
N SER A 415 -27.26 14.95 23.00
CA SER A 415 -27.53 13.83 22.10
C SER A 415 -27.16 12.45 22.72
N LYS A 416 -27.35 12.32 24.05
CA LYS A 416 -27.16 11.10 24.85
C LYS A 416 -25.80 10.42 24.71
N ARG A 417 -24.74 11.24 24.63
CA ARG A 417 -23.36 10.76 24.52
C ARG A 417 -22.50 11.23 25.72
N PRO A 418 -22.03 10.29 26.60
CA PRO A 418 -21.26 10.70 27.78
C PRO A 418 -19.93 11.34 27.43
N VAL A 419 -19.49 12.25 28.28
CA VAL A 419 -18.25 13.00 28.03
C VAL A 419 -17.17 12.63 29.03
N VAL A 420 -15.97 12.31 28.53
CA VAL A 420 -14.78 12.03 29.34
C VAL A 420 -13.88 13.28 29.14
N ALA A 421 -13.66 14.07 30.21
CA ALA A 421 -12.94 15.32 30.02
C ALA A 421 -12.07 15.74 31.19
N PHE A 422 -11.05 16.57 30.91
CA PHE A 422 -10.17 17.11 31.95
C PHE A 422 -10.92 18.16 32.74
N ASP A 423 -10.92 18.07 34.10
CA ASP A 423 -11.58 19.06 34.96
C ASP A 423 -10.72 20.30 34.88
N ILE A 424 -11.21 21.30 34.13
CA ILE A 424 -10.54 22.57 33.86
C ILE A 424 -11.47 23.80 34.11
N LYS A 425 -10.85 25.00 33.98
CA LYS A 425 -11.51 26.30 34.05
C LYS A 425 -11.84 26.65 32.59
N TYR A 426 -13.14 26.73 32.23
CA TYR A 426 -14.33 26.58 33.08
C TYR A 426 -15.40 25.79 32.32
N GLY A 427 -16.24 25.06 33.04
CA GLY A 427 -17.33 24.32 32.41
C GLY A 427 -17.49 22.85 32.70
N PRO A 428 -16.48 21.97 32.38
CA PRO A 428 -16.66 20.52 32.61
C PRO A 428 -17.25 20.17 33.99
N SER A 429 -16.68 20.76 35.05
CA SER A 429 -17.07 20.64 36.45
C SER A 429 -18.56 20.94 36.67
N ASP A 430 -19.06 22.03 36.04
CA ASP A 430 -20.45 22.50 36.13
C ASP A 430 -21.51 21.47 35.69
N PHE A 431 -21.40 20.93 34.46
CA PHE A 431 -22.38 19.98 33.91
C PHE A 431 -22.07 18.47 34.08
N ILE A 432 -20.78 18.07 34.10
CA ILE A 432 -20.42 16.67 34.28
C ILE A 432 -20.48 16.30 35.77
N GLU A 433 -21.09 15.12 36.05
CA GLU A 433 -21.16 14.49 37.37
C GLU A 433 -20.33 13.20 37.17
N ASP A 434 -19.07 13.19 37.69
CA ASP A 434 -18.18 12.04 37.53
C ASP A 434 -18.86 10.79 38.04
N ASN A 435 -18.83 9.72 37.25
CA ASN A 435 -19.44 8.41 37.51
C ASN A 435 -20.97 8.45 37.67
N LYS A 436 -21.63 9.25 36.82
CA LYS A 436 -23.08 9.41 36.80
C LYS A 436 -23.57 9.71 35.38
N ASN A 437 -22.86 10.61 34.66
CA ASN A 437 -23.14 11.03 33.28
C ASN A 437 -21.89 11.21 32.44
N GLY A 438 -20.76 11.05 33.12
CA GLY A 438 -19.46 11.18 32.49
C GLY A 438 -18.33 11.06 33.48
N TYR A 439 -17.12 11.29 32.98
CA TYR A 439 -15.91 11.26 33.76
C TYR A 439 -15.24 12.60 33.73
N LEU A 440 -14.82 13.01 34.90
CA LEU A 440 -14.08 14.23 35.14
C LEU A 440 -12.68 13.74 35.56
N ILE A 441 -11.75 13.79 34.60
CA ILE A 441 -10.35 13.39 34.74
C ILE A 441 -9.56 14.59 35.26
N GLU A 442 -8.56 14.33 36.12
CA GLU A 442 -7.63 15.34 36.64
C GLU A 442 -6.90 15.90 35.44
N ASN A 443 -6.78 17.22 35.35
CA ASN A 443 -6.11 17.83 34.19
C ASN A 443 -4.68 17.29 33.96
N HIS A 444 -4.41 16.96 32.69
CA HIS A 444 -3.19 16.39 32.12
C HIS A 444 -2.91 14.92 32.41
N ASN A 445 -3.70 14.29 33.31
CA ASN A 445 -3.57 12.87 33.65
C ASN A 445 -4.04 11.98 32.51
N ILE A 446 -3.23 11.91 31.43
CA ILE A 446 -3.50 11.17 30.21
C ILE A 446 -3.67 9.67 30.41
N ASN A 447 -2.94 9.09 31.38
CA ASN A 447 -3.01 7.68 31.70
C ASN A 447 -4.35 7.30 32.30
N ASP A 448 -4.85 8.09 33.27
CA ASP A 448 -6.15 7.85 33.89
C ASP A 448 -7.31 8.10 32.93
N MET A 449 -7.18 9.11 32.01
CA MET A 449 -8.20 9.40 31.00
C MET A 449 -8.33 8.18 30.11
N ALA A 450 -7.17 7.66 29.63
CA ALA A 450 -7.08 6.48 28.78
C ALA A 450 -7.78 5.28 29.40
N ASP A 451 -7.60 5.07 30.72
CA ASP A 451 -8.23 3.98 31.50
C ASP A 451 -9.75 4.12 31.54
N LYS A 452 -10.27 5.32 31.87
CA LYS A 452 -11.70 5.64 31.94
C LYS A 452 -12.38 5.67 30.55
N ILE A 453 -11.58 5.73 29.46
CA ILE A 453 -12.09 5.62 28.10
C ILE A 453 -12.28 4.13 27.83
N LEU A 454 -11.27 3.29 28.15
CA LEU A 454 -11.33 1.83 28.00
C LEU A 454 -12.47 1.23 28.79
N GLN A 455 -12.71 1.76 30.00
CA GLN A 455 -13.79 1.33 30.91
C GLN A 455 -15.14 1.50 30.22
N LEU A 456 -15.40 2.70 29.70
CA LEU A 456 -16.65 3.09 29.07
C LEU A 456 -16.85 2.52 27.68
N VAL A 457 -15.78 2.43 26.87
CA VAL A 457 -15.84 1.94 25.49
C VAL A 457 -16.04 0.41 25.35
N ASN A 458 -15.87 -0.35 26.46
CA ASN A 458 -16.07 -1.80 26.48
C ASN A 458 -17.40 -2.19 27.14
N ASN A 459 -17.89 -1.35 28.08
CA ASN A 459 -19.16 -1.54 28.80
C ASN A 459 -20.26 -0.73 28.09
N ASP A 460 -21.10 -1.44 27.30
CA ASP A 460 -22.18 -0.85 26.51
C ASP A 460 -23.36 -0.35 27.35
N VAL A 461 -23.53 -0.92 28.55
CA VAL A 461 -24.61 -0.56 29.47
C VAL A 461 -24.31 0.77 30.13
N LEU A 462 -23.04 0.98 30.55
CA LEU A 462 -22.57 2.22 31.20
C LEU A 462 -22.64 3.40 30.24
N ALA A 463 -22.14 3.22 29.01
CA ALA A 463 -22.16 4.21 27.94
C ALA A 463 -23.61 4.67 27.65
N ALA A 464 -24.58 3.74 27.79
CA ALA A 464 -26.00 3.98 27.58
C ALA A 464 -26.61 4.71 28.78
N GLU A 465 -26.29 4.26 30.01
CA GLU A 465 -26.79 4.85 31.26
C GLU A 465 -26.25 6.26 31.49
N PHE A 466 -24.94 6.46 31.25
CA PHE A 466 -24.28 7.76 31.40
C PHE A 466 -24.90 8.79 30.43
N GLY A 467 -24.99 8.43 29.14
CA GLY A 467 -25.55 9.27 28.07
C GLY A 467 -26.97 9.73 28.34
N SER A 468 -27.79 8.85 28.96
CA SER A 468 -29.17 9.14 29.33
C SER A 468 -29.24 10.19 30.45
N LYS A 469 -28.47 9.98 31.55
CA LYS A 469 -28.38 10.90 32.71
C LYS A 469 -27.79 12.25 32.33
N ALA A 470 -26.95 12.28 31.26
CA ALA A 470 -26.30 13.46 30.71
C ALA A 470 -27.33 14.37 30.07
N ARG A 471 -28.21 13.81 29.21
CA ARG A 471 -29.28 14.57 28.57
C ARG A 471 -30.20 15.15 29.64
N GLU A 472 -30.62 14.31 30.63
CA GLU A 472 -31.46 14.71 31.76
C GLU A 472 -30.88 15.95 32.46
N ASN A 473 -29.58 15.87 32.86
CA ASN A 473 -28.87 16.95 33.55
C ASN A 473 -28.86 18.29 32.81
N ILE A 474 -28.68 18.30 31.46
CA ILE A 474 -28.64 19.55 30.66
C ILE A 474 -30.02 20.22 30.64
N ILE A 475 -31.10 19.43 30.38
CA ILE A 475 -32.49 19.90 30.35
C ILE A 475 -32.83 20.60 31.67
N GLU A 476 -32.38 19.98 32.78
CA GLU A 476 -32.54 20.41 34.15
C GLU A 476 -31.86 21.76 34.43
N LYS A 477 -30.52 21.78 34.45
CA LYS A 477 -29.67 22.94 34.77
C LYS A 477 -29.75 24.12 33.79
N TYR A 478 -29.80 23.83 32.47
CA TYR A 478 -29.76 24.85 31.42
C TYR A 478 -31.10 25.11 30.69
N SER A 479 -32.18 25.28 31.46
CA SER A 479 -33.51 25.56 30.93
C SER A 479 -33.59 26.95 30.29
N THR A 480 -33.97 26.97 28.98
CA THR A 480 -34.12 28.17 28.13
C THR A 480 -34.93 29.29 28.82
N GLU A 481 -35.94 28.89 29.60
CA GLU A 481 -36.82 29.77 30.37
C GLU A 481 -36.00 30.58 31.41
N SER A 482 -35.23 29.88 32.28
CA SER A 482 -34.40 30.48 33.33
C SER A 482 -33.29 31.40 32.80
N ILE A 483 -32.64 31.02 31.65
CA ILE A 483 -31.57 31.79 31.01
C ILE A 483 -32.12 33.13 30.49
N LEU A 484 -33.24 33.10 29.74
CA LEU A 484 -33.90 34.27 29.20
C LEU A 484 -34.35 35.21 30.32
N GLU A 485 -34.77 34.62 31.45
CA GLU A 485 -35.20 35.36 32.63
C GLU A 485 -34.04 36.21 33.18
N LYS A 486 -32.80 35.66 33.19
CA LYS A 486 -31.58 36.33 33.66
C LYS A 486 -31.28 37.56 32.82
N TRP A 487 -31.39 37.43 31.47
CA TRP A 487 -31.16 38.48 30.48
C TRP A 487 -32.13 39.62 30.67
N LEU A 488 -33.43 39.27 30.73
CA LEU A 488 -34.53 40.20 30.89
C LEU A 488 -34.46 41.04 32.16
N ASN A 489 -33.82 40.50 33.22
CA ASN A 489 -33.62 41.18 34.48
C ASN A 489 -32.65 42.34 34.29
N LEU A 490 -31.59 42.10 33.51
CA LEU A 490 -30.56 43.09 33.19
C LEU A 490 -31.18 44.23 32.35
N PHE A 491 -31.94 43.85 31.30
CA PHE A 491 -32.61 44.77 30.36
C PHE A 491 -33.61 45.69 31.02
N ASN A 492 -34.22 45.23 32.10
CA ASN A 492 -35.22 46.01 32.84
C ASN A 492 -34.64 46.36 34.21
N SER A 493 -33.80 47.42 34.24
CA SER A 493 -33.12 47.90 35.45
C SER A 493 -33.10 49.43 35.52
N MET B 1 -9.32 35.07 -52.38
CA MET B 1 -10.16 33.96 -52.80
C MET B 1 -9.41 32.64 -53.14
N LYS B 2 -9.19 31.82 -52.11
CA LYS B 2 -8.50 30.55 -52.24
C LYS B 2 -9.42 29.53 -52.93
N LYS B 3 -8.81 28.59 -53.67
CA LYS B 3 -9.46 27.48 -54.35
C LYS B 3 -8.55 26.25 -54.21
N ILE B 4 -9.12 25.16 -53.67
CA ILE B 4 -8.43 23.89 -53.39
C ILE B 4 -8.69 22.79 -54.42
N PHE B 5 -7.68 21.95 -54.64
CA PHE B 5 -7.72 20.81 -55.54
C PHE B 5 -7.15 19.60 -54.83
N MET B 6 -8.00 18.60 -54.52
CA MET B 6 -7.64 17.39 -53.78
C MET B 6 -7.43 16.23 -54.71
N MET B 7 -6.16 15.81 -54.86
CA MET B 7 -5.73 14.75 -55.75
C MET B 7 -5.87 13.36 -55.21
N VAL B 8 -6.52 12.50 -55.97
CA VAL B 8 -6.67 11.08 -55.66
C VAL B 8 -6.72 10.35 -56.98
N HIS B 9 -6.25 9.10 -57.01
CA HIS B 9 -6.23 8.38 -58.26
C HIS B 9 -7.57 8.13 -58.83
N GLU B 10 -8.52 7.70 -57.99
CA GLU B 10 -9.87 7.39 -58.45
C GLU B 10 -10.91 7.54 -57.36
N LEU B 11 -12.19 7.63 -57.76
CA LEU B 11 -13.33 7.64 -56.84
C LEU B 11 -14.24 6.48 -57.20
N ASP B 12 -14.75 5.79 -56.19
CA ASP B 12 -15.71 4.70 -56.37
C ASP B 12 -16.65 4.59 -55.17
N VAL B 13 -17.56 3.61 -55.20
CA VAL B 13 -18.56 3.38 -54.17
C VAL B 13 -18.14 2.52 -52.96
N ASN B 14 -17.52 1.40 -53.20
CA ASN B 14 -17.07 0.49 -52.13
C ASN B 14 -15.92 1.08 -51.25
N LYS B 15 -15.28 2.18 -51.71
CA LYS B 15 -14.09 2.81 -51.11
C LYS B 15 -14.04 3.03 -49.58
N GLY B 16 -12.80 3.03 -49.08
CA GLY B 16 -12.48 3.15 -47.67
C GLY B 16 -12.63 4.51 -47.02
N GLY B 17 -11.77 4.75 -46.03
CA GLY B 17 -11.75 5.95 -45.20
C GLY B 17 -11.07 7.15 -45.80
N MET B 18 -10.15 6.96 -46.76
CA MET B 18 -9.45 8.07 -47.43
C MET B 18 -10.43 8.88 -48.26
N THR B 19 -11.36 8.21 -48.96
CA THR B 19 -12.33 8.91 -49.77
C THR B 19 -13.34 9.58 -48.85
N SER B 20 -13.73 8.90 -47.77
CA SER B 20 -14.67 9.44 -46.77
C SER B 20 -14.10 10.74 -46.21
N SER B 21 -12.78 10.71 -45.95
CA SER B 21 -11.95 11.79 -45.42
C SER B 21 -11.99 13.01 -46.37
N MET B 22 -11.70 12.78 -47.66
CA MET B 22 -11.68 13.80 -48.72
C MET B 22 -13.03 14.48 -48.86
N PHE B 23 -14.13 13.68 -48.92
CA PHE B 23 -15.48 14.21 -49.05
C PHE B 23 -15.87 15.14 -47.92
N ASN B 24 -15.55 14.76 -46.66
CA ASN B 24 -15.84 15.55 -45.47
C ASN B 24 -15.05 16.83 -45.45
N ARG B 25 -13.75 16.76 -45.83
CA ARG B 25 -12.84 17.90 -45.93
C ARG B 25 -13.33 18.87 -47.00
N SER B 26 -13.89 18.32 -48.10
CA SER B 26 -14.46 19.10 -49.20
C SER B 26 -15.65 19.91 -48.67
N LYS B 27 -16.59 19.23 -47.96
CA LYS B 27 -17.78 19.85 -47.35
C LYS B 27 -17.37 20.97 -46.42
N GLU B 28 -16.41 20.68 -45.53
CA GLU B 28 -15.92 21.62 -44.52
C GLU B 28 -15.27 22.89 -45.07
N PHE B 29 -14.51 22.76 -46.19
CA PHE B 29 -13.88 23.89 -46.83
C PHE B 29 -14.92 24.73 -47.57
N TYR B 30 -15.91 24.08 -48.22
CA TYR B 30 -16.97 24.78 -48.95
C TYR B 30 -17.80 25.63 -47.98
N ASP B 31 -17.97 25.11 -46.74
CA ASP B 31 -18.66 25.78 -45.63
C ASP B 31 -17.84 26.98 -45.16
N ALA B 32 -16.49 26.93 -45.39
CA ALA B 32 -15.52 27.97 -45.04
C ALA B 32 -15.25 28.91 -46.25
N ASP B 33 -16.10 28.80 -47.30
CA ASP B 33 -16.06 29.60 -48.53
C ASP B 33 -14.82 29.36 -49.42
N ILE B 34 -14.19 28.20 -49.25
CA ILE B 34 -13.06 27.81 -50.07
C ILE B 34 -13.54 26.60 -50.88
N PRO B 35 -13.68 26.72 -52.21
CA PRO B 35 -14.12 25.55 -53.00
C PRO B 35 -13.04 24.48 -53.10
N ALA B 36 -13.29 23.32 -52.49
CA ALA B 36 -12.37 22.18 -52.50
C ALA B 36 -12.96 21.13 -53.43
N ASP B 37 -12.25 20.86 -54.52
CA ASP B 37 -12.74 19.88 -55.49
C ASP B 37 -11.81 18.72 -55.68
N ILE B 38 -12.32 17.59 -56.20
CA ILE B 38 -11.51 16.42 -56.36
C ILE B 38 -11.02 16.25 -57.79
N VAL B 39 -9.75 15.85 -57.96
CA VAL B 39 -9.09 15.60 -59.24
C VAL B 39 -8.73 14.12 -59.33
N THR B 40 -9.15 13.42 -60.41
CA THR B 40 -8.86 11.98 -60.60
C THR B 40 -8.10 11.72 -61.89
N PHE B 41 -7.28 10.66 -61.88
CA PHE B 41 -6.38 10.33 -62.99
C PHE B 41 -6.58 8.97 -63.66
N ASP B 42 -7.81 8.44 -63.59
CA ASP B 42 -8.14 7.14 -64.14
C ASP B 42 -9.28 7.21 -65.16
N TYR B 43 -9.38 6.20 -66.06
CA TYR B 43 -10.47 6.12 -67.00
C TYR B 43 -11.60 5.28 -66.41
N LYS B 44 -12.82 5.79 -66.50
CA LYS B 44 -14.05 5.11 -66.12
C LYS B 44 -15.10 5.60 -67.12
N GLY B 45 -15.81 4.66 -67.75
CA GLY B 45 -16.81 5.02 -68.72
C GLY B 45 -18.03 5.59 -68.05
N ASN B 46 -18.39 5.02 -66.89
CA ASN B 46 -19.57 5.39 -66.09
C ASN B 46 -19.34 6.39 -64.95
N TYR B 47 -18.27 7.22 -65.02
CA TYR B 47 -18.00 8.16 -63.92
C TYR B 47 -19.21 8.98 -63.44
N ASP B 48 -20.01 9.52 -64.38
CA ASP B 48 -21.21 10.32 -64.09
C ASP B 48 -22.19 9.57 -63.20
N GLU B 49 -22.41 8.29 -63.54
CA GLU B 49 -23.28 7.35 -62.82
C GLU B 49 -22.76 7.21 -61.37
N ILE B 50 -21.43 7.04 -61.18
CA ILE B 50 -20.76 6.90 -59.87
C ILE B 50 -20.94 8.16 -59.01
N ILE B 51 -20.68 9.36 -59.58
CA ILE B 51 -20.82 10.61 -58.84
C ILE B 51 -22.26 10.74 -58.35
N LYS B 52 -23.24 10.50 -59.25
CA LYS B 52 -24.68 10.54 -58.93
C LYS B 52 -24.96 9.65 -57.73
N ALA B 53 -24.36 8.44 -57.71
CA ALA B 53 -24.51 7.47 -56.63
C ALA B 53 -23.97 8.03 -55.31
N LEU B 54 -22.68 8.46 -55.31
CA LEU B 54 -21.98 9.03 -54.14
C LEU B 54 -22.69 10.26 -53.56
N LYS B 55 -23.33 11.07 -54.42
CA LYS B 55 -24.04 12.26 -53.97
C LYS B 55 -25.43 11.92 -53.42
N LYS B 56 -26.10 10.87 -53.99
CA LYS B 56 -27.44 10.39 -53.56
C LYS B 56 -27.36 9.84 -52.13
N GLN B 57 -26.34 8.98 -51.87
CA GLN B 57 -26.04 8.37 -50.58
C GLN B 57 -25.74 9.43 -49.52
N GLY B 58 -25.32 10.62 -49.97
CA GLY B 58 -24.90 11.72 -49.11
C GLY B 58 -23.44 11.61 -48.69
N LYS B 59 -22.72 10.61 -49.24
CA LYS B 59 -21.29 10.40 -48.99
C LYS B 59 -20.46 11.59 -49.51
N MET B 60 -20.76 12.04 -50.72
CA MET B 60 -20.13 13.18 -51.41
C MET B 60 -21.09 14.36 -51.35
N ASP B 61 -20.57 15.55 -51.03
CA ASP B 61 -21.40 16.76 -50.99
C ASP B 61 -21.78 17.17 -52.42
N ARG B 62 -22.99 17.71 -52.60
CA ARG B 62 -23.47 18.11 -53.92
C ARG B 62 -22.63 19.23 -54.55
N ARG B 63 -22.05 20.11 -53.71
CA ARG B 63 -21.19 21.24 -54.09
C ARG B 63 -19.87 20.80 -54.74
N THR B 64 -19.23 19.75 -54.17
CA THR B 64 -17.97 19.22 -54.69
C THR B 64 -18.01 18.70 -56.14
N LYS B 65 -17.09 19.22 -56.98
CA LYS B 65 -16.91 18.86 -58.39
C LYS B 65 -15.82 17.78 -58.47
N MET B 66 -15.83 16.95 -59.51
CA MET B 66 -14.76 15.96 -59.70
C MET B 66 -14.10 16.16 -61.06
N TYR B 67 -12.94 16.80 -61.08
CA TYR B 67 -12.17 17.03 -62.30
C TYR B 67 -11.44 15.73 -62.68
N ASN B 68 -11.52 15.30 -63.94
CA ASN B 68 -10.84 14.08 -64.39
C ASN B 68 -10.06 14.32 -65.68
N VAL B 69 -8.79 13.88 -65.72
CA VAL B 69 -7.89 14.01 -66.86
C VAL B 69 -8.49 13.54 -68.22
N PHE B 70 -9.08 12.33 -68.25
CA PHE B 70 -9.66 11.80 -69.48
C PHE B 70 -10.84 12.61 -69.89
N GLU B 71 -11.72 12.97 -68.94
CA GLU B 71 -12.90 13.76 -69.24
C GLU B 71 -12.56 15.12 -69.78
N TYR B 72 -11.43 15.71 -69.34
CA TYR B 72 -10.94 16.99 -69.83
C TYR B 72 -10.65 16.93 -71.32
N PHE B 73 -10.01 15.86 -71.77
CA PHE B 73 -9.67 15.67 -73.18
C PHE B 73 -10.87 15.19 -73.96
N LYS B 74 -11.74 14.36 -73.35
CA LYS B 74 -12.97 13.89 -74.00
C LYS B 74 -13.80 15.15 -74.35
N GLN B 75 -13.86 16.11 -73.41
CA GLN B 75 -14.54 17.37 -73.61
C GLN B 75 -13.97 18.17 -74.82
N ILE B 76 -12.63 18.17 -75.01
CA ILE B 76 -11.99 18.85 -76.15
C ILE B 76 -12.41 18.17 -77.46
N SER B 77 -12.27 16.83 -77.53
CA SER B 77 -12.66 16.03 -78.71
C SER B 77 -14.10 16.27 -79.05
N ASN B 78 -14.98 16.27 -78.03
CA ASN B 78 -16.41 16.45 -78.16
C ASN B 78 -16.76 17.68 -78.97
N ASN B 79 -16.24 18.84 -78.51
CA ASN B 79 -16.47 20.15 -79.11
C ASN B 79 -15.70 20.39 -80.41
N LYS B 80 -14.65 19.56 -80.66
CA LYS B 80 -13.83 19.61 -81.88
C LYS B 80 -14.66 19.17 -83.08
N HIS B 81 -15.47 18.11 -82.94
CA HIS B 81 -16.31 17.61 -84.03
C HIS B 81 -17.77 17.98 -83.88
N PHE B 82 -18.51 17.91 -84.99
CA PHE B 82 -19.93 18.24 -85.04
C PHE B 82 -20.70 17.17 -85.77
N LYS B 83 -20.00 16.34 -86.52
CA LYS B 83 -20.53 15.22 -87.27
C LYS B 83 -20.18 13.97 -86.41
N SER B 84 -20.96 12.88 -86.49
CA SER B 84 -20.68 11.65 -85.74
C SER B 84 -19.58 10.81 -86.44
N ASN B 85 -18.85 9.96 -85.68
CA ASN B 85 -17.83 9.09 -86.28
C ASN B 85 -18.48 7.84 -86.86
N LYS B 86 -19.31 8.08 -87.89
CA LYS B 86 -20.10 7.04 -88.57
C LYS B 86 -19.20 5.93 -89.10
N LEU B 87 -17.97 6.31 -89.44
CA LEU B 87 -16.99 5.42 -90.01
C LEU B 87 -16.57 4.26 -89.14
N LEU B 88 -16.47 4.54 -87.81
CA LEU B 88 -16.10 3.57 -86.79
C LEU B 88 -17.19 2.53 -86.68
N TYR B 89 -18.47 2.99 -86.62
CA TYR B 89 -19.59 2.08 -86.51
C TYR B 89 -19.66 1.22 -87.73
N LYS B 90 -19.41 1.78 -88.97
CA LYS B 90 -19.36 0.99 -90.21
C LYS B 90 -18.24 -0.03 -90.13
N HIS B 91 -17.11 0.38 -89.58
CA HIS B 91 -15.97 -0.53 -89.40
C HIS B 91 -16.33 -1.78 -88.58
N ILE B 92 -17.01 -1.60 -87.42
CA ILE B 92 -17.48 -2.67 -86.53
C ILE B 92 -18.55 -3.54 -87.27
N SER B 93 -19.50 -2.86 -87.93
CA SER B 93 -20.62 -3.45 -88.68
C SER B 93 -20.12 -4.41 -89.74
N GLU B 94 -19.14 -3.92 -90.55
CA GLU B 94 -18.53 -4.64 -91.66
C GLU B 94 -17.85 -5.88 -91.17
N ARG B 95 -17.18 -5.82 -89.99
CA ARG B 95 -16.48 -6.97 -89.42
C ARG B 95 -17.44 -8.15 -89.14
N LEU B 96 -18.76 -7.88 -88.90
CA LEU B 96 -19.76 -8.93 -88.57
C LEU B 96 -20.62 -9.28 -89.77
N LYS B 97 -20.24 -8.81 -90.95
CA LYS B 97 -21.03 -8.92 -92.15
C LYS B 97 -21.48 -10.32 -92.66
N ASN B 98 -20.70 -11.39 -92.46
CA ASN B 98 -21.22 -12.62 -93.06
C ASN B 98 -21.22 -13.78 -92.10
N THR B 99 -21.88 -13.58 -91.00
CA THR B 99 -21.85 -14.51 -89.90
C THR B 99 -23.17 -15.13 -89.55
N ILE B 100 -23.11 -16.23 -88.81
CA ILE B 100 -24.25 -16.90 -88.20
C ILE B 100 -24.15 -16.78 -86.66
N GLU B 101 -25.30 -16.65 -85.99
CA GLU B 101 -25.35 -16.43 -84.56
C GLU B 101 -25.54 -17.71 -83.80
N ILE B 102 -24.76 -17.88 -82.76
CA ILE B 102 -24.92 -19.01 -81.86
C ILE B 102 -25.12 -18.37 -80.50
N GLU B 103 -26.24 -18.70 -79.88
CA GLU B 103 -26.64 -18.13 -78.60
C GLU B 103 -26.20 -19.02 -77.50
N GLU B 104 -25.60 -18.43 -76.45
CA GLU B 104 -25.10 -19.14 -75.28
C GLU B 104 -26.12 -18.97 -74.12
N SER B 105 -26.27 -17.72 -73.64
CA SER B 105 -27.19 -17.29 -72.59
C SER B 105 -28.15 -16.32 -73.31
N LYS B 106 -28.75 -15.40 -72.54
CA LYS B 106 -29.68 -14.40 -73.05
C LYS B 106 -28.84 -13.35 -73.82
N GLY B 107 -28.12 -12.48 -73.11
CA GLY B 107 -27.35 -11.44 -73.76
C GLY B 107 -26.07 -11.92 -74.42
N ILE B 108 -25.85 -13.24 -74.46
CA ILE B 108 -24.62 -13.77 -74.99
C ILE B 108 -24.86 -14.57 -76.22
N SER B 109 -24.08 -14.21 -77.27
CA SER B 109 -24.05 -14.80 -78.62
C SER B 109 -22.68 -14.69 -79.27
N ARG B 110 -22.35 -15.71 -80.07
CA ARG B 110 -21.10 -15.90 -80.81
C ARG B 110 -21.37 -15.94 -82.30
N TYR B 111 -20.56 -15.19 -83.05
CA TYR B 111 -20.68 -15.07 -84.50
C TYR B 111 -19.58 -15.81 -85.22
N PHE B 112 -19.96 -16.68 -86.17
CA PHE B 112 -19.04 -17.47 -86.95
C PHE B 112 -19.26 -17.19 -88.42
N ASP B 113 -18.22 -17.26 -89.27
CA ASP B 113 -18.42 -17.02 -90.71
C ASP B 113 -19.33 -18.06 -91.40
N ILE B 114 -20.25 -17.61 -92.27
CA ILE B 114 -21.15 -18.53 -92.96
C ILE B 114 -20.37 -19.32 -94.00
N THR B 115 -19.37 -18.66 -94.60
CA THR B 115 -18.64 -19.31 -95.68
C THR B 115 -17.47 -20.17 -95.20
N THR B 116 -16.89 -19.80 -94.10
CA THR B 116 -15.70 -20.46 -93.60
C THR B 116 -15.70 -21.20 -92.24
N GLY B 117 -16.51 -20.76 -91.28
CA GLY B 117 -16.53 -21.43 -90.00
C GLY B 117 -15.62 -20.74 -89.01
N THR B 118 -14.80 -19.82 -89.47
CA THR B 118 -13.94 -19.07 -88.56
C THR B 118 -14.80 -18.37 -87.46
N TYR B 119 -14.32 -18.38 -86.20
CA TYR B 119 -14.96 -17.68 -85.09
C TYR B 119 -14.70 -16.18 -85.32
N ILE B 120 -15.76 -15.34 -85.37
CA ILE B 120 -15.56 -13.92 -85.64
C ILE B 120 -15.68 -13.03 -84.44
N ALA B 121 -16.74 -13.23 -83.64
CA ALA B 121 -17.00 -12.37 -82.49
C ALA B 121 -17.83 -13.00 -81.37
N TYR B 122 -17.69 -12.43 -80.16
CA TYR B 122 -18.48 -12.70 -78.98
C TYR B 122 -19.18 -11.37 -78.64
N ILE B 123 -20.48 -11.42 -78.40
CA ILE B 123 -21.23 -10.22 -78.03
C ILE B 123 -22.05 -10.51 -76.76
N ARG B 124 -21.89 -9.65 -75.75
CA ARG B 124 -22.58 -9.74 -74.46
C ARG B 124 -23.36 -8.45 -74.27
N LYS B 125 -24.70 -8.51 -74.40
CA LYS B 125 -25.63 -7.37 -74.26
C LYS B 125 -26.21 -7.40 -72.84
N SER B 126 -26.29 -6.22 -72.21
CA SER B 126 -26.74 -6.05 -70.83
C SER B 126 -27.49 -4.70 -70.64
N LYS B 127 -28.68 -4.58 -71.25
CA LYS B 127 -29.56 -3.39 -71.20
C LYS B 127 -28.98 -2.06 -71.80
N SER B 128 -27.95 -1.48 -71.14
CA SER B 128 -27.27 -0.24 -71.53
C SER B 128 -25.89 -0.57 -72.13
N GLU B 129 -25.14 -1.41 -71.40
CA GLU B 129 -23.81 -1.87 -71.74
C GLU B 129 -23.84 -3.04 -72.74
N LYS B 130 -22.85 -3.07 -73.64
CA LYS B 130 -22.63 -4.12 -74.63
C LYS B 130 -21.15 -4.21 -74.84
N VAL B 131 -20.65 -5.42 -75.06
CA VAL B 131 -19.27 -5.66 -75.31
C VAL B 131 -19.08 -6.51 -76.55
N ILE B 132 -18.20 -6.10 -77.46
CA ILE B 132 -17.94 -6.88 -78.67
C ILE B 132 -16.51 -7.33 -78.64
N ASP B 133 -16.28 -8.64 -78.67
CA ASP B 133 -14.91 -9.15 -78.69
C ASP B 133 -14.67 -9.73 -80.04
N PHE B 134 -13.65 -9.23 -80.74
CA PHE B 134 -13.28 -9.71 -82.08
C PHE B 134 -12.11 -10.67 -81.96
N PHE B 135 -12.08 -11.69 -82.83
CA PHE B 135 -11.03 -12.74 -82.83
C PHE B 135 -10.28 -12.84 -84.13
N LYS B 136 -8.99 -13.17 -84.03
CA LYS B 136 -8.09 -13.47 -85.15
C LYS B 136 -7.36 -14.72 -84.79
N ASP B 137 -7.55 -15.74 -85.64
CA ASP B 137 -6.94 -17.06 -85.51
C ASP B 137 -7.33 -17.77 -84.22
N ASN B 138 -8.64 -17.62 -83.86
CA ASN B 138 -9.37 -18.22 -82.74
C ASN B 138 -8.97 -17.64 -81.41
N LYS B 139 -8.19 -16.53 -81.44
CA LYS B 139 -7.72 -15.84 -80.26
C LYS B 139 -8.22 -14.39 -80.26
N ARG B 140 -8.65 -13.90 -79.09
CA ARG B 140 -9.21 -12.55 -78.99
C ARG B 140 -8.18 -11.47 -79.18
N ILE B 141 -8.50 -10.51 -80.07
CA ILE B 141 -7.64 -9.39 -80.47
C ILE B 141 -8.10 -8.02 -80.01
N GLU B 142 -9.42 -7.82 -79.94
CA GLU B 142 -9.96 -6.54 -79.49
C GLU B 142 -11.31 -6.58 -78.86
N ARG B 143 -11.58 -5.62 -77.97
CA ARG B 143 -12.85 -5.52 -77.30
C ARG B 143 -13.41 -4.12 -77.37
N PHE B 144 -14.54 -3.99 -78.07
CA PHE B 144 -15.25 -2.74 -78.18
C PHE B 144 -16.33 -2.68 -77.07
N SER B 145 -16.14 -1.73 -76.13
CA SER B 145 -16.99 -1.52 -74.97
C SER B 145 -17.92 -0.35 -75.25
N PHE B 146 -19.23 -0.60 -75.08
CA PHE B 146 -20.31 0.33 -75.35
C PHE B 146 -21.09 0.60 -74.08
N ILE B 147 -21.68 1.82 -73.99
CA ILE B 147 -22.60 2.28 -72.95
C ILE B 147 -23.67 3.01 -73.74
N ASP B 148 -24.93 2.55 -73.63
CA ASP B 148 -26.11 3.12 -74.30
C ASP B 148 -25.96 3.16 -75.84
N ASN B 149 -25.53 2.01 -76.37
CA ASN B 149 -25.28 1.74 -77.79
C ASN B 149 -24.22 2.63 -78.48
N LYS B 150 -23.44 3.37 -77.67
CA LYS B 150 -22.36 4.22 -78.15
C LYS B 150 -21.02 3.65 -77.65
N VAL B 151 -20.03 3.45 -78.56
CA VAL B 151 -18.69 2.93 -78.22
C VAL B 151 -17.88 3.98 -77.48
N HIS B 152 -17.29 3.60 -76.31
CA HIS B 152 -16.48 4.50 -75.48
C HIS B 152 -15.03 4.11 -75.33
N MET B 153 -14.75 2.83 -75.45
CA MET B 153 -13.38 2.36 -75.26
C MET B 153 -13.11 1.11 -76.14
N LYS B 154 -11.84 0.91 -76.53
CA LYS B 154 -11.38 -0.23 -77.28
C LYS B 154 -10.09 -0.72 -76.68
N GLU B 155 -10.07 -2.02 -76.35
CA GLU B 155 -8.88 -2.64 -75.75
C GLU B 155 -8.33 -3.65 -76.73
N THR B 156 -7.00 -3.68 -76.88
CA THR B 156 -6.29 -4.61 -77.74
C THR B 156 -5.63 -5.67 -76.84
N PHE B 157 -5.70 -6.94 -77.26
CA PHE B 157 -5.17 -8.01 -76.46
C PHE B 157 -4.02 -8.72 -77.07
N ASN B 158 -3.13 -9.26 -76.24
CA ASN B 158 -2.01 -10.05 -76.74
C ASN B 158 -2.36 -11.55 -76.91
N VAL B 159 -1.30 -12.37 -77.03
CA VAL B 159 -1.39 -13.82 -77.21
C VAL B 159 -1.82 -14.51 -75.90
N ASP B 160 -1.59 -13.81 -74.78
CA ASP B 160 -1.94 -14.29 -73.46
C ASP B 160 -3.29 -13.71 -73.03
N ASN B 161 -4.02 -13.13 -73.99
CA ASN B 161 -5.34 -12.54 -73.78
C ASN B 161 -5.36 -11.45 -72.68
N LYS B 162 -4.29 -10.64 -72.65
CA LYS B 162 -4.09 -9.56 -71.69
C LYS B 162 -4.07 -8.22 -72.46
N VAL B 163 -4.68 -7.15 -71.87
CA VAL B 163 -4.69 -5.83 -72.50
C VAL B 163 -3.28 -5.27 -72.63
N CYS B 164 -2.94 -4.78 -73.81
CA CYS B 164 -1.65 -4.19 -74.03
C CYS B 164 -1.72 -2.80 -74.65
N TYR B 165 -2.96 -2.33 -74.96
CA TYR B 165 -3.25 -1.03 -75.58
C TYR B 165 -4.75 -0.66 -75.44
N GLN B 166 -5.02 0.63 -75.15
CA GLN B 166 -6.39 1.13 -74.98
C GLN B 166 -6.60 2.38 -75.82
N VAL B 167 -7.85 2.57 -76.29
CA VAL B 167 -8.28 3.73 -77.09
C VAL B 167 -9.58 4.22 -76.46
N PHE B 168 -9.70 5.53 -76.28
CA PHE B 168 -10.91 6.09 -75.70
C PHE B 168 -11.60 6.97 -76.74
N TYR B 169 -12.92 6.83 -76.82
CA TYR B 169 -13.75 7.56 -77.77
C TYR B 169 -14.64 8.56 -77.07
N ASP B 170 -14.81 9.71 -77.72
CA ASP B 170 -15.64 10.82 -77.24
C ASP B 170 -17.15 10.54 -77.46
N GLU B 171 -18.00 11.46 -76.95
CA GLU B 171 -19.45 11.37 -77.04
C GLU B 171 -19.90 11.25 -78.52
N LYS B 172 -19.01 11.57 -79.47
CA LYS B 172 -19.30 11.52 -80.91
C LYS B 172 -18.66 10.31 -81.61
N GLY B 173 -17.91 9.51 -80.84
CA GLY B 173 -17.28 8.29 -81.35
C GLY B 173 -15.87 8.43 -81.91
N TYR B 174 -15.27 9.61 -81.77
CA TYR B 174 -13.92 9.85 -82.27
C TYR B 174 -12.92 9.52 -81.20
N PRO B 175 -11.78 8.87 -81.56
CA PRO B 175 -10.75 8.60 -80.54
C PRO B 175 -10.04 9.86 -80.11
N TYR B 176 -9.75 9.98 -78.82
CA TYR B 176 -9.08 11.17 -78.33
C TYR B 176 -7.77 10.85 -77.63
N ILE B 177 -7.71 9.71 -76.94
CA ILE B 177 -6.52 9.24 -76.24
C ILE B 177 -6.43 7.75 -76.45
N SER B 178 -5.24 7.29 -76.81
CA SER B 178 -4.85 5.90 -76.93
C SER B 178 -3.58 5.78 -76.06
N ARG B 179 -3.31 4.59 -75.50
CA ARG B 179 -2.15 4.38 -74.64
C ARG B 179 -1.75 2.93 -74.55
N ASN B 180 -0.44 2.70 -74.49
CA ASN B 180 0.15 1.36 -74.37
C ASN B 180 0.06 0.94 -72.92
N ILE B 181 -0.35 -0.30 -72.67
CA ILE B 181 -0.46 -0.87 -71.33
C ILE B 181 0.56 -2.03 -71.26
N ASN B 182 1.36 -2.10 -70.18
CA ASN B 182 2.29 -3.22 -70.01
C ASN B 182 1.42 -4.41 -69.61
N ALA B 183 1.34 -5.45 -70.47
CA ALA B 183 0.47 -6.59 -70.22
C ALA B 183 0.78 -7.32 -68.95
N ASN B 184 2.08 -7.49 -68.62
CA ASN B 184 2.56 -8.18 -67.41
C ASN B 184 2.00 -7.61 -66.09
N ASN B 185 2.34 -6.34 -65.76
CA ASN B 185 1.92 -5.62 -64.55
C ASN B 185 0.72 -4.69 -64.69
N GLY B 186 0.25 -4.49 -65.91
CA GLY B 186 -0.88 -3.59 -66.21
C GLY B 186 -0.57 -2.10 -66.10
N ALA B 187 0.72 -1.73 -66.19
CA ALA B 187 1.18 -0.35 -66.07
C ALA B 187 0.99 0.46 -67.34
N VAL B 188 0.53 1.70 -67.18
CA VAL B 188 0.30 2.59 -68.29
C VAL B 188 1.62 3.20 -68.72
N GLY B 189 2.03 2.86 -69.95
CA GLY B 189 3.23 3.36 -70.62
C GLY B 189 2.92 4.56 -71.50
N LYS B 190 3.44 4.56 -72.77
CA LYS B 190 3.22 5.69 -73.69
C LYS B 190 1.77 6.06 -73.83
N THR B 191 1.44 7.35 -73.63
CA THR B 191 0.07 7.87 -73.75
C THR B 191 0.02 8.88 -74.86
N TYR B 192 -0.94 8.74 -75.80
CA TYR B 192 -1.08 9.68 -76.90
C TYR B 192 -2.40 10.40 -76.84
N VAL B 193 -2.36 11.72 -76.65
CA VAL B 193 -3.58 12.51 -76.70
C VAL B 193 -3.73 12.81 -78.18
N LEU B 194 -4.56 12.00 -78.83
CA LEU B 194 -4.81 12.06 -80.24
C LEU B 194 -5.44 13.35 -80.68
N VAL B 195 -6.39 13.91 -79.92
CA VAL B 195 -6.97 15.18 -80.36
C VAL B 195 -5.96 16.28 -80.65
N ASN B 196 -4.96 16.40 -79.75
CA ASN B 196 -3.91 17.39 -79.85
C ASN B 196 -2.67 16.94 -80.64
N LYS B 197 -2.65 15.66 -81.10
CA LYS B 197 -1.51 15.06 -81.84
C LYS B 197 -0.20 15.24 -81.01
N LYS B 198 -0.27 14.84 -79.70
CA LYS B 198 0.84 14.95 -78.73
C LYS B 198 1.00 13.65 -77.97
N GLU B 199 2.27 13.27 -77.72
CA GLU B 199 2.59 12.06 -76.97
C GLU B 199 3.10 12.38 -75.58
N PHE B 200 3.05 11.37 -74.69
CA PHE B 200 3.50 11.46 -73.31
C PHE B 200 4.22 10.18 -72.91
N LYS B 201 5.31 10.31 -72.09
CA LYS B 201 6.08 9.16 -71.63
C LYS B 201 5.19 8.09 -71.00
N ASN B 202 4.32 8.54 -70.07
CA ASN B 202 3.43 7.71 -69.26
C ASN B 202 2.32 8.54 -68.73
N ASN B 203 1.43 7.96 -67.88
CA ASN B 203 0.34 8.70 -67.25
C ASN B 203 0.81 9.82 -66.41
N LEU B 204 1.98 9.67 -65.75
CA LEU B 204 2.57 10.73 -64.95
C LEU B 204 2.76 11.97 -65.80
N ALA B 205 3.43 11.83 -66.97
CA ALA B 205 3.71 12.91 -67.93
C ALA B 205 2.47 13.69 -68.34
N LEU B 206 1.40 12.93 -68.67
CA LEU B 206 0.09 13.43 -69.10
C LEU B 206 -0.61 14.15 -67.97
N CYS B 207 -0.64 13.56 -66.77
CA CYS B 207 -1.29 14.15 -65.63
C CYS B 207 -0.64 15.37 -65.15
N VAL B 208 0.68 15.48 -65.32
CA VAL B 208 1.43 16.70 -64.96
C VAL B 208 0.98 17.84 -65.91
N TYR B 209 0.97 17.57 -67.24
CA TYR B 209 0.51 18.50 -68.26
C TYR B 209 -0.92 18.93 -67.93
N TYR B 210 -1.80 17.97 -67.56
CA TYR B 210 -3.19 18.23 -67.20
C TYR B 210 -3.30 19.24 -66.05
N LEU B 211 -2.64 18.92 -64.91
CA LEU B 211 -2.64 19.77 -63.72
C LEU B 211 -2.14 21.16 -64.04
N GLU B 212 -1.07 21.28 -64.84
CA GLU B 212 -0.51 22.56 -65.25
C GLU B 212 -1.56 23.35 -66.06
N LYS B 213 -2.39 22.65 -66.86
CA LYS B 213 -3.46 23.31 -67.63
C LYS B 213 -4.72 23.59 -66.77
N LEU B 214 -5.04 22.72 -65.81
CA LEU B 214 -6.21 22.84 -64.94
C LEU B 214 -6.03 23.89 -63.83
N ILE B 215 -4.87 23.89 -63.18
CA ILE B 215 -4.62 24.78 -62.06
C ILE B 215 -3.83 26.01 -62.46
N LYS B 216 -4.40 27.19 -62.12
CA LYS B 216 -3.84 28.52 -62.33
C LYS B 216 -2.61 28.62 -61.40
N ASP B 217 -1.48 29.18 -61.90
CA ASP B 217 -0.29 29.32 -61.03
C ASP B 217 -0.36 30.53 -60.08
N SER B 218 -1.44 30.62 -59.30
CA SER B 218 -1.70 31.67 -58.32
C SER B 218 -1.37 31.14 -56.94
N LYS B 219 -0.99 32.04 -56.00
CA LYS B 219 -0.69 31.67 -54.61
C LYS B 219 -2.00 31.28 -53.90
N ASP B 220 -3.15 31.69 -54.48
CA ASP B 220 -4.51 31.39 -54.04
C ASP B 220 -4.97 30.02 -54.56
N SER B 221 -4.12 29.30 -55.32
CA SER B 221 -4.40 27.96 -55.85
C SER B 221 -3.69 26.97 -54.93
N ILE B 222 -4.45 26.00 -54.36
CA ILE B 222 -3.92 24.99 -53.43
C ILE B 222 -4.15 23.56 -53.92
N MET B 223 -3.06 22.76 -53.95
CA MET B 223 -3.06 21.36 -54.33
C MET B 223 -2.81 20.55 -53.07
N ILE B 224 -3.74 19.65 -52.75
CA ILE B 224 -3.65 18.72 -51.62
C ILE B 224 -3.58 17.32 -52.22
N CYS B 225 -2.54 16.58 -51.89
CA CYS B 225 -2.42 15.25 -52.43
C CYS B 225 -2.67 14.15 -51.42
N ASP B 226 -3.86 13.52 -51.49
CA ASP B 226 -4.30 12.44 -50.59
C ASP B 226 -3.83 11.05 -50.99
N GLY B 227 -3.92 10.75 -52.28
CA GLY B 227 -3.44 9.50 -52.81
C GLY B 227 -1.92 9.51 -52.83
N PRO B 228 -1.25 8.56 -52.15
CA PRO B 228 0.22 8.58 -52.14
C PRO B 228 0.87 8.34 -53.50
N GLY B 229 0.17 7.60 -54.36
CA GLY B 229 0.64 7.28 -55.70
C GLY B 229 0.52 8.43 -56.64
N SER B 230 -0.44 9.31 -56.34
CA SER B 230 -0.75 10.53 -57.09
C SER B 230 0.27 11.62 -56.79
N PHE B 231 1.02 11.49 -55.67
CA PHE B 231 2.03 12.45 -55.26
C PHE B 231 2.94 12.98 -56.35
N PRO B 232 3.65 12.12 -57.13
CA PRO B 232 4.55 12.65 -58.17
C PRO B 232 3.85 13.52 -59.22
N LYS B 233 2.58 13.22 -59.54
CA LYS B 233 1.77 14.02 -60.48
C LYS B 233 1.71 15.49 -59.95
N MET B 234 1.51 15.67 -58.61
CA MET B 234 1.49 17.00 -58.00
C MET B 234 2.92 17.57 -57.93
N PHE B 235 3.87 16.75 -57.43
CA PHE B 235 5.26 17.13 -57.23
C PHE B 235 5.98 17.66 -58.47
N ASN B 236 5.76 17.04 -59.62
CA ASN B 236 6.41 17.37 -60.87
C ASN B 236 5.85 18.55 -61.66
N THR B 237 4.80 19.23 -61.16
CA THR B 237 4.26 20.37 -61.91
C THR B 237 5.20 21.58 -61.85
N ASN B 238 5.21 22.34 -62.95
CA ASN B 238 6.01 23.55 -63.11
C ASN B 238 5.51 24.74 -62.26
N HIS B 239 4.39 24.56 -61.52
CA HIS B 239 3.77 25.58 -60.67
C HIS B 239 4.78 26.22 -59.71
N LYS B 240 5.03 27.51 -59.91
CA LYS B 240 5.97 28.32 -59.16
C LYS B 240 5.34 29.01 -57.94
N ASN B 241 4.08 29.44 -58.05
CA ASN B 241 3.36 30.14 -56.98
C ASN B 241 2.29 29.32 -56.26
N ALA B 242 1.71 28.31 -56.95
CA ALA B 242 0.70 27.43 -56.39
C ALA B 242 1.23 26.65 -55.19
N GLN B 243 0.38 26.50 -54.16
CA GLN B 243 0.70 25.78 -52.92
C GLN B 243 0.57 24.23 -53.07
N LYS B 244 1.56 23.48 -52.57
CA LYS B 244 1.57 22.03 -52.69
C LYS B 244 1.67 21.34 -51.35
N TYR B 245 0.62 20.58 -50.99
CA TYR B 245 0.55 19.83 -49.73
C TYR B 245 0.35 18.33 -50.00
N GLY B 246 0.95 17.51 -49.14
CA GLY B 246 0.84 16.07 -49.22
C GLY B 246 0.25 15.56 -47.94
N VAL B 247 -0.88 14.79 -48.00
CA VAL B 247 -1.49 14.25 -46.80
C VAL B 247 -1.17 12.77 -46.66
N ILE B 248 -0.61 12.36 -45.49
CA ILE B 248 -0.31 10.96 -45.23
C ILE B 248 -1.38 10.40 -44.34
N HIS B 249 -2.26 9.57 -44.92
CA HIS B 249 -3.36 8.96 -44.20
C HIS B 249 -3.01 7.64 -43.48
N VAL B 250 -1.82 7.06 -43.71
CA VAL B 250 -1.51 5.76 -43.09
C VAL B 250 -0.25 5.74 -42.30
N ASN B 251 -0.03 4.68 -41.47
CA ASN B 251 1.22 4.48 -40.75
C ASN B 251 2.34 4.41 -41.83
N HIS B 252 3.35 5.30 -41.77
CA HIS B 252 4.40 5.35 -42.78
C HIS B 252 5.36 4.16 -42.76
N HIS B 253 5.32 3.33 -41.70
CA HIS B 253 6.19 2.16 -41.63
C HIS B 253 5.60 1.04 -42.45
N GLU B 254 6.49 0.24 -43.07
CA GLU B 254 6.11 -0.92 -43.87
C GLU B 254 5.34 -1.94 -43.00
N ASN B 255 4.16 -2.36 -43.46
CA ASN B 255 3.30 -3.29 -42.73
C ASN B 255 3.93 -4.64 -42.60
N PHE B 256 3.85 -5.25 -41.39
CA PHE B 256 4.37 -6.57 -41.04
C PHE B 256 5.86 -6.66 -41.30
N ASP B 257 6.60 -5.68 -40.81
CA ASP B 257 8.04 -5.61 -40.99
C ASP B 257 8.70 -5.12 -39.71
N ASP B 258 9.68 -5.92 -39.24
CA ASP B 258 10.50 -5.77 -38.03
C ASP B 258 11.90 -5.22 -38.32
N THR B 259 12.23 -5.04 -39.61
CA THR B 259 13.50 -4.52 -40.13
C THR B 259 13.61 -2.97 -40.05
N GLY B 260 12.51 -2.32 -39.63
CA GLY B 260 12.39 -0.87 -39.52
C GLY B 260 12.32 -0.18 -40.87
N ALA B 261 11.68 -0.84 -41.86
CA ALA B 261 11.57 -0.35 -43.24
C ALA B 261 10.33 0.48 -43.38
N PHE B 262 10.28 1.35 -44.42
CA PHE B 262 9.13 2.23 -44.65
C PHE B 262 8.39 1.90 -45.91
N LYS B 263 7.12 2.36 -45.97
CA LYS B 263 6.29 2.23 -47.15
C LYS B 263 6.98 3.11 -48.21
N LYS B 264 7.24 2.53 -49.39
CA LYS B 264 7.97 3.20 -50.48
C LYS B 264 7.43 4.56 -50.86
N SER B 265 6.12 4.63 -51.14
CA SER B 265 5.44 5.87 -51.54
C SER B 265 5.54 6.97 -50.48
N GLU B 266 5.17 6.62 -49.24
CA GLU B 266 5.19 7.49 -48.08
C GLU B 266 6.58 8.02 -47.80
N LYS B 267 7.61 7.14 -47.92
CA LYS B 267 9.02 7.51 -47.75
C LYS B 267 9.37 8.68 -48.68
N TYR B 268 8.99 8.57 -50.00
CA TYR B 268 9.21 9.62 -51.01
C TYR B 268 8.52 10.94 -50.64
N ILE B 269 7.25 10.85 -50.18
CA ILE B 269 6.49 12.02 -49.75
C ILE B 269 7.23 12.67 -48.59
N ILE B 270 7.55 11.88 -47.55
CA ILE B 270 8.26 12.35 -46.37
C ILE B 270 9.60 12.98 -46.70
N GLU B 271 10.44 12.29 -47.47
CA GLU B 271 11.77 12.77 -47.83
C GLU B 271 11.73 14.15 -48.52
N ASN B 272 10.75 14.34 -49.43
CA ASN B 272 10.59 15.59 -50.17
C ASN B 272 9.75 16.66 -49.48
N ALA B 273 9.41 16.46 -48.18
CA ALA B 273 8.59 17.37 -47.37
C ALA B 273 9.04 18.82 -47.44
N ASN B 274 10.35 19.05 -47.32
CA ASN B 274 10.93 20.38 -47.37
C ASN B 274 10.82 21.07 -48.74
N LYS B 275 10.77 20.27 -49.82
CA LYS B 275 10.66 20.81 -51.18
C LYS B 275 9.23 21.32 -51.54
N ILE B 276 8.20 20.97 -50.72
CA ILE B 276 6.81 21.43 -50.90
C ILE B 276 6.37 22.33 -49.74
N ASN B 277 5.11 22.79 -49.75
CA ASN B 277 4.56 23.65 -48.70
C ASN B 277 4.37 22.93 -47.34
N GLY B 278 4.26 21.60 -47.37
CA GLY B 278 4.11 20.81 -46.15
C GLY B 278 3.50 19.44 -46.34
N VAL B 279 3.93 18.47 -45.51
CA VAL B 279 3.40 17.10 -45.45
C VAL B 279 2.54 17.01 -44.20
N ILE B 280 1.30 16.56 -44.36
CA ILE B 280 0.35 16.51 -43.25
C ILE B 280 0.09 15.11 -42.77
N VAL B 281 0.22 14.90 -41.46
CA VAL B 281 -0.09 13.64 -40.78
C VAL B 281 -1.26 13.85 -39.82
N LEU B 282 -1.97 12.78 -39.40
CA LEU B 282 -3.19 12.92 -38.58
C LEU B 282 -3.00 13.00 -37.08
N THR B 283 -1.98 12.29 -36.56
CA THR B 283 -1.64 12.23 -35.12
C THR B 283 -0.35 12.98 -34.81
N GLU B 284 -0.29 13.64 -33.64
CA GLU B 284 0.93 14.33 -33.21
C GLU B 284 2.05 13.32 -32.97
N ALA B 285 1.63 12.09 -32.64
CA ALA B 285 2.46 10.91 -32.42
C ALA B 285 3.30 10.57 -33.66
N GLN B 286 2.64 10.44 -34.81
CA GLN B 286 3.25 10.13 -36.11
C GLN B 286 4.19 11.23 -36.58
N ARG B 287 3.83 12.50 -36.27
CA ARG B 287 4.64 13.67 -36.60
C ARG B 287 6.01 13.54 -35.96
N LEU B 288 6.03 13.25 -34.64
CA LEU B 288 7.26 13.09 -33.87
C LEU B 288 8.11 11.98 -34.43
N ASP B 289 7.50 10.81 -34.69
CA ASP B 289 8.16 9.64 -35.27
C ASP B 289 8.84 9.99 -36.60
N ILE B 290 8.11 10.66 -37.52
CA ILE B 290 8.63 11.08 -38.83
C ILE B 290 9.80 12.05 -38.68
N LEU B 291 9.67 13.03 -37.77
CA LEU B 291 10.71 14.02 -37.52
C LEU B 291 11.99 13.42 -36.93
N ASN B 292 11.83 12.41 -36.04
CA ASN B 292 12.92 11.70 -35.34
C ASN B 292 13.60 10.64 -36.21
N GLN B 293 13.00 10.27 -37.36
CA GLN B 293 13.57 9.24 -38.25
C GLN B 293 14.15 9.84 -39.54
N PHE B 294 13.66 11.05 -39.96
CA PHE B 294 14.03 11.70 -41.22
C PHE B 294 14.57 13.10 -41.02
N ASP B 295 15.36 13.55 -42.02
CA ASP B 295 16.00 14.86 -42.02
C ASP B 295 15.19 15.92 -42.75
N VAL B 296 13.97 16.15 -42.23
CA VAL B 296 12.97 17.10 -42.73
C VAL B 296 12.30 17.81 -41.54
N GLU B 297 11.70 18.99 -41.78
CA GLU B 297 11.03 19.78 -40.73
C GLU B 297 9.57 20.09 -41.10
N ASN B 298 9.28 20.21 -42.40
CA ASN B 298 7.96 20.53 -42.98
C ASN B 298 6.88 19.44 -42.78
N ILE B 299 6.71 18.94 -41.55
CA ILE B 299 5.70 17.95 -41.21
C ILE B 299 4.72 18.56 -40.23
N PHE B 300 3.41 18.52 -40.55
CA PHE B 300 2.38 19.12 -39.71
C PHE B 300 1.25 18.17 -39.36
N THR B 301 0.74 18.27 -38.13
CA THR B 301 -0.38 17.44 -37.69
C THR B 301 -1.69 18.18 -37.80
N ILE B 302 -2.59 17.66 -38.62
CA ILE B 302 -3.93 18.16 -38.80
C ILE B 302 -4.81 16.92 -38.83
N SER B 303 -5.72 16.78 -37.87
CA SER B 303 -6.59 15.62 -37.82
C SER B 303 -7.64 15.68 -38.93
N ASN B 304 -8.45 14.62 -39.08
CA ASN B 304 -9.54 14.61 -40.04
C ASN B 304 -10.68 15.41 -39.44
N PHE B 305 -11.49 16.08 -40.29
CA PHE B 305 -12.68 16.78 -39.78
C PHE B 305 -13.66 15.67 -39.37
N VAL B 306 -14.31 15.82 -38.21
CA VAL B 306 -15.25 14.78 -37.78
C VAL B 306 -16.68 15.21 -38.02
N LYS B 307 -17.45 14.34 -38.70
CA LYS B 307 -18.86 14.57 -39.01
C LYS B 307 -19.63 14.21 -37.74
N ILE B 308 -19.93 15.23 -36.91
CA ILE B 308 -20.63 15.03 -35.64
C ILE B 308 -22.14 14.91 -35.87
N HIS B 309 -22.56 13.75 -36.37
CA HIS B 309 -23.97 13.42 -36.62
C HIS B 309 -24.66 13.23 -35.29
N ASN B 310 -25.97 12.99 -35.35
CA ASN B 310 -26.79 12.76 -34.20
C ASN B 310 -26.65 11.34 -33.62
N ALA B 311 -26.37 11.25 -32.30
CA ALA B 311 -26.26 9.96 -31.62
C ALA B 311 -27.62 9.25 -31.53
N PRO B 312 -27.66 7.89 -31.64
CA PRO B 312 -28.95 7.17 -31.59
C PRO B 312 -29.82 7.44 -30.37
N LYS B 313 -31.13 7.23 -30.53
CA LYS B 313 -32.12 7.46 -29.49
C LYS B 313 -31.84 6.63 -28.23
N HIS B 314 -31.67 5.32 -28.38
CA HIS B 314 -31.41 4.43 -27.27
C HIS B 314 -30.15 3.62 -27.48
N PHE B 315 -29.54 3.22 -26.36
CA PHE B 315 -28.34 2.39 -26.33
C PHE B 315 -28.77 0.93 -26.53
N GLN B 316 -27.86 0.10 -27.08
CA GLN B 316 -28.18 -1.32 -27.27
C GLN B 316 -27.93 -2.08 -25.98
N THR B 317 -29.02 -2.63 -25.42
CA THR B 317 -29.03 -3.40 -24.18
C THR B 317 -28.53 -4.84 -24.40
N GLU B 318 -28.85 -5.41 -25.57
CA GLU B 318 -28.46 -6.76 -25.98
C GLU B 318 -26.96 -6.86 -26.20
N LYS B 319 -26.38 -8.03 -25.85
CA LYS B 319 -24.95 -8.33 -25.97
C LYS B 319 -24.47 -8.44 -27.45
N ILE B 320 -24.33 -7.29 -28.14
CA ILE B 320 -23.89 -7.22 -29.53
C ILE B 320 -22.60 -6.37 -29.67
N VAL B 321 -21.53 -7.00 -30.16
CA VAL B 321 -20.24 -6.36 -30.38
C VAL B 321 -20.06 -6.12 -31.89
N GLY B 322 -19.75 -4.88 -32.25
CA GLY B 322 -19.61 -4.51 -33.65
C GLY B 322 -18.22 -4.22 -34.17
N HIS B 323 -18.06 -4.30 -35.50
CA HIS B 323 -16.83 -4.05 -36.22
C HIS B 323 -17.15 -3.67 -37.67
N ILE B 324 -16.85 -2.40 -38.05
CA ILE B 324 -17.09 -1.90 -39.41
C ILE B 324 -15.73 -1.51 -40.02
N SER B 325 -15.23 -2.30 -40.97
CA SER B 325 -13.92 -2.04 -41.55
C SER B 325 -13.75 -2.62 -42.92
N ARG B 326 -12.69 -2.18 -43.63
CA ARG B 326 -12.30 -2.81 -44.88
C ARG B 326 -11.71 -4.15 -44.40
N MET B 327 -12.10 -5.30 -44.98
CA MET B 327 -11.58 -6.59 -44.51
C MET B 327 -10.20 -6.91 -45.08
N VAL B 328 -9.13 -6.34 -44.48
CA VAL B 328 -7.74 -6.54 -44.91
C VAL B 328 -6.86 -7.17 -43.79
N PRO B 329 -5.61 -7.62 -44.11
CA PRO B 329 -4.74 -8.21 -43.07
C PRO B 329 -4.39 -7.24 -41.94
N THR B 330 -4.10 -5.95 -42.24
CA THR B 330 -3.77 -4.97 -41.18
C THR B 330 -4.91 -4.73 -40.19
N LYS B 331 -6.16 -5.05 -40.56
CA LYS B 331 -7.28 -4.87 -39.65
C LYS B 331 -7.39 -6.01 -38.62
N ARG B 332 -6.49 -7.03 -38.74
CA ARG B 332 -6.35 -8.22 -37.89
C ARG B 332 -7.64 -8.85 -37.34
N ILE B 333 -8.56 -9.16 -38.28
CA ILE B 333 -9.87 -9.80 -37.99
C ILE B 333 -9.65 -11.24 -37.47
N ASP B 334 -8.50 -11.82 -37.83
CA ASP B 334 -8.15 -13.14 -37.34
C ASP B 334 -8.04 -13.11 -35.80
N LEU B 335 -7.38 -12.08 -35.23
CA LEU B 335 -7.28 -11.92 -33.78
C LEU B 335 -8.68 -11.64 -33.23
N LEU B 336 -9.50 -10.94 -34.04
CA LEU B 336 -10.87 -10.64 -33.68
C LEU B 336 -11.66 -11.94 -33.48
N ILE B 337 -11.55 -12.90 -34.44
CA ILE B 337 -12.16 -14.23 -34.36
C ILE B 337 -11.58 -15.00 -33.16
N GLU B 338 -10.25 -14.91 -32.93
CA GLU B 338 -9.62 -15.59 -31.78
C GLU B 338 -10.15 -15.00 -30.43
N VAL B 339 -10.46 -13.68 -30.40
CA VAL B 339 -11.00 -12.99 -29.20
C VAL B 339 -12.42 -13.41 -28.99
N ALA B 340 -13.20 -13.47 -30.08
CA ALA B 340 -14.60 -13.88 -30.06
C ALA B 340 -14.74 -15.27 -29.41
N GLU B 341 -13.83 -16.19 -29.77
CA GLU B 341 -13.78 -17.56 -29.25
C GLU B 341 -13.57 -17.56 -27.72
N LEU B 342 -12.70 -16.69 -27.20
CA LEU B 342 -12.43 -16.58 -25.76
C LEU B 342 -13.64 -16.05 -25.01
N VAL B 343 -14.34 -15.09 -25.66
CA VAL B 343 -15.53 -14.42 -25.13
C VAL B 343 -16.70 -15.40 -25.05
N VAL B 344 -17.06 -16.06 -26.19
CA VAL B 344 -18.16 -17.04 -26.26
C VAL B 344 -17.97 -18.26 -25.34
N LYS B 345 -16.71 -18.69 -25.12
CA LYS B 345 -16.38 -19.79 -24.22
C LYS B 345 -16.58 -19.42 -22.73
N LYS B 346 -16.66 -18.10 -22.42
CA LYS B 346 -16.93 -17.61 -21.07
C LYS B 346 -18.39 -17.13 -20.93
N ASP B 347 -19.02 -16.69 -22.06
CA ASP B 347 -20.41 -16.24 -22.14
C ASP B 347 -21.01 -16.54 -23.52
N ASN B 348 -21.88 -17.56 -23.58
CA ASN B 348 -22.56 -18.05 -24.78
C ASN B 348 -23.44 -16.98 -25.52
N ALA B 349 -24.10 -16.08 -24.74
CA ALA B 349 -25.04 -15.04 -25.17
C ALA B 349 -24.58 -14.01 -26.24
N VAL B 350 -23.34 -13.50 -26.10
CA VAL B 350 -22.73 -12.46 -26.95
C VAL B 350 -22.62 -12.78 -28.45
N LYS B 351 -23.04 -11.81 -29.30
CA LYS B 351 -23.01 -11.89 -30.74
C LYS B 351 -22.05 -10.84 -31.32
N PHE B 352 -21.30 -11.20 -32.38
CA PHE B 352 -20.33 -10.34 -33.04
C PHE B 352 -20.75 -10.03 -34.48
N HIS B 353 -20.88 -8.75 -34.82
CA HIS B 353 -21.29 -8.35 -36.17
C HIS B 353 -20.12 -7.73 -36.91
N ILE B 354 -19.71 -8.35 -38.04
CA ILE B 354 -18.58 -7.88 -38.84
C ILE B 354 -18.99 -7.42 -40.22
N TYR B 355 -19.28 -6.12 -40.33
CA TYR B 355 -19.64 -5.48 -41.59
C TYR B 355 -18.35 -5.20 -42.35
N GLY B 356 -18.44 -5.22 -43.67
CA GLY B 356 -17.31 -4.94 -44.55
C GLY B 356 -16.94 -6.10 -45.45
N GLU B 357 -16.14 -5.78 -46.48
CA GLU B 357 -15.68 -6.74 -47.47
C GLU B 357 -14.23 -6.46 -47.85
N GLY B 358 -13.52 -7.51 -48.27
CA GLY B 358 -12.14 -7.41 -48.69
C GLY B 358 -11.42 -8.73 -48.75
N SER B 359 -10.10 -8.65 -49.06
CA SER B 359 -9.15 -9.76 -49.18
C SER B 359 -9.42 -10.96 -48.23
N VAL B 360 -9.33 -10.72 -46.92
CA VAL B 360 -9.47 -11.71 -45.85
C VAL B 360 -10.87 -12.30 -45.58
N LYS B 361 -11.93 -11.76 -46.25
CA LYS B 361 -13.35 -12.16 -46.05
C LYS B 361 -13.61 -13.67 -46.01
N ASP B 362 -13.07 -14.39 -47.00
CA ASP B 362 -13.24 -15.84 -47.19
C ASP B 362 -12.55 -16.69 -46.12
N LYS B 363 -11.32 -16.30 -45.74
CA LYS B 363 -10.50 -16.97 -44.73
C LYS B 363 -11.14 -16.86 -43.37
N ILE B 364 -11.70 -15.66 -43.05
CA ILE B 364 -12.38 -15.40 -41.79
C ILE B 364 -13.67 -16.22 -41.72
N ALA B 365 -14.40 -16.29 -42.85
CA ALA B 365 -15.65 -17.05 -42.98
C ALA B 365 -15.39 -18.52 -42.68
N LYS B 366 -14.28 -19.07 -43.25
CA LYS B 366 -13.80 -20.44 -43.07
C LYS B 366 -13.37 -20.65 -41.60
N MET B 367 -12.73 -19.62 -41.02
CA MET B 367 -12.23 -19.57 -39.65
C MET B 367 -13.37 -19.64 -38.62
N ILE B 368 -14.55 -19.06 -38.96
CA ILE B 368 -15.75 -19.04 -38.11
C ILE B 368 -16.30 -20.48 -37.93
N GLU B 369 -16.43 -21.21 -39.05
CA GLU B 369 -16.93 -22.58 -39.14
C GLU B 369 -16.11 -23.57 -38.28
N ASP B 370 -14.77 -23.54 -38.43
CA ASP B 370 -13.81 -24.39 -37.74
C ASP B 370 -13.78 -24.16 -36.22
N LYS B 371 -13.99 -22.91 -35.79
CA LYS B 371 -13.99 -22.53 -34.37
C LYS B 371 -15.37 -22.76 -33.71
N ASN B 372 -16.39 -23.07 -34.55
CA ASN B 372 -17.80 -23.36 -34.21
C ASN B 372 -18.50 -22.15 -33.56
N LEU B 373 -18.39 -20.99 -34.24
CA LEU B 373 -18.96 -19.72 -33.81
C LEU B 373 -19.95 -19.20 -34.86
N GLU B 374 -20.49 -20.10 -35.71
CA GLU B 374 -21.44 -19.79 -36.79
C GLU B 374 -22.71 -19.14 -36.25
N ARG B 375 -23.08 -19.49 -35.00
CA ARG B 375 -24.26 -19.00 -34.27
C ARG B 375 -23.94 -17.73 -33.44
N ASN B 376 -22.64 -17.33 -33.37
CA ASN B 376 -22.19 -16.16 -32.59
C ASN B 376 -21.50 -15.03 -33.39
N VAL B 377 -20.80 -15.36 -34.47
CA VAL B 377 -20.08 -14.38 -35.30
C VAL B 377 -20.67 -14.37 -36.72
N PHE B 378 -21.10 -13.19 -37.21
CA PHE B 378 -21.72 -13.10 -38.54
C PHE B 378 -21.09 -12.01 -39.41
N LEU B 379 -20.76 -12.39 -40.65
CA LEU B 379 -20.18 -11.46 -41.63
C LEU B 379 -21.32 -10.80 -42.43
N LYS B 380 -21.79 -9.66 -41.91
CA LYS B 380 -22.91 -8.89 -42.44
C LYS B 380 -22.66 -8.18 -43.79
N GLY B 381 -21.47 -8.32 -44.38
CA GLY B 381 -21.11 -7.70 -45.66
C GLY B 381 -21.11 -6.17 -45.65
N TYR B 382 -20.61 -5.55 -46.74
CA TYR B 382 -20.51 -4.08 -46.85
C TYR B 382 -21.83 -3.35 -46.55
N THR B 383 -21.72 -2.17 -45.95
CA THR B 383 -22.85 -1.31 -45.62
C THR B 383 -22.59 0.08 -46.19
N THR B 384 -23.66 0.80 -46.55
CA THR B 384 -23.63 2.17 -47.08
C THR B 384 -24.22 3.11 -46.03
N THR B 385 -24.68 2.52 -44.89
CA THR B 385 -25.28 3.20 -43.75
C THR B 385 -24.58 2.85 -42.42
N PRO B 386 -23.23 3.00 -42.26
CA PRO B 386 -22.59 2.61 -40.99
C PRO B 386 -23.27 3.17 -39.75
N GLN B 387 -23.74 4.45 -39.82
CA GLN B 387 -24.44 5.14 -38.75
C GLN B 387 -25.62 4.32 -38.23
N LYS B 388 -26.36 3.66 -39.17
CA LYS B 388 -27.53 2.81 -38.87
C LYS B 388 -27.17 1.52 -38.15
N CYS B 389 -26.06 0.89 -38.57
CA CYS B 389 -25.56 -0.36 -37.98
C CYS B 389 -25.08 -0.13 -36.57
N LEU B 390 -24.45 1.04 -36.32
CA LEU B 390 -23.91 1.46 -35.04
C LEU B 390 -24.92 1.50 -33.92
N GLU B 391 -26.18 1.78 -34.26
CA GLU B 391 -27.31 1.84 -33.32
C GLU B 391 -27.49 0.47 -32.65
N ASP B 392 -27.31 -0.60 -33.44
CA ASP B 392 -27.51 -2.00 -33.04
C ASP B 392 -26.42 -2.61 -32.16
N PHE B 393 -25.26 -1.92 -31.97
CA PHE B 393 -24.13 -2.42 -31.17
C PHE B 393 -24.12 -1.89 -29.73
N LYS B 394 -23.68 -2.74 -28.77
CA LYS B 394 -23.53 -2.35 -27.36
C LYS B 394 -22.17 -1.65 -27.22
N LEU B 395 -21.15 -2.18 -27.92
CA LEU B 395 -19.78 -1.67 -27.99
C LEU B 395 -19.16 -2.04 -29.33
N VAL B 396 -18.02 -1.40 -29.64
CA VAL B 396 -17.25 -1.62 -30.86
C VAL B 396 -15.84 -2.08 -30.45
N VAL B 397 -15.23 -2.92 -31.28
CA VAL B 397 -13.92 -3.47 -31.04
C VAL B 397 -12.94 -3.21 -32.24
N SER B 398 -11.62 -3.06 -31.94
CA SER B 398 -10.58 -2.86 -32.95
C SER B 398 -9.34 -3.69 -32.67
N THR B 399 -9.09 -4.63 -33.59
CA THR B 399 -7.93 -5.51 -33.54
C THR B 399 -6.85 -4.98 -34.48
N SER B 400 -7.18 -3.91 -35.22
CA SER B 400 -6.29 -3.26 -36.18
C SER B 400 -4.88 -3.03 -35.61
N GLN B 401 -3.83 -3.41 -36.38
CA GLN B 401 -2.43 -3.38 -35.99
C GLN B 401 -1.67 -2.14 -36.47
N TYR B 402 -2.11 -1.55 -37.57
CA TYR B 402 -1.55 -0.34 -38.14
C TYR B 402 -2.71 0.54 -38.48
N GLU B 403 -2.59 1.85 -38.19
CA GLU B 403 -3.65 2.83 -38.44
C GLU B 403 -3.11 4.25 -38.56
N GLY B 404 -3.78 5.09 -39.36
CA GLY B 404 -3.43 6.49 -39.55
C GLY B 404 -3.96 7.31 -38.40
N GLN B 405 -5.26 7.07 -38.08
CA GLN B 405 -6.03 7.70 -37.01
C GLN B 405 -7.19 6.78 -36.61
N GLY B 406 -7.84 6.15 -37.59
CA GLY B 406 -8.94 5.24 -37.32
C GLY B 406 -10.28 5.91 -37.08
N LEU B 407 -10.94 6.32 -38.19
CA LEU B 407 -12.23 6.97 -38.20
C LEU B 407 -13.35 6.08 -37.72
N SER B 408 -13.34 4.76 -38.09
CA SER B 408 -14.39 3.80 -37.68
C SER B 408 -14.62 3.82 -36.17
N MET B 409 -13.51 3.89 -35.40
CA MET B 409 -13.48 4.01 -33.94
C MET B 409 -14.08 5.36 -33.52
N ILE B 410 -13.63 6.48 -34.17
CA ILE B 410 -14.13 7.83 -33.88
C ILE B 410 -15.63 7.88 -34.10
N GLU B 411 -16.10 7.31 -35.24
CA GLU B 411 -17.50 7.24 -35.62
C GLU B 411 -18.35 6.55 -34.56
N ALA B 412 -17.86 5.42 -34.04
CA ALA B 412 -18.50 4.63 -32.98
C ALA B 412 -18.66 5.48 -31.73
N MET B 413 -17.59 6.19 -31.34
CA MET B 413 -17.56 7.05 -30.17
C MET B 413 -18.56 8.21 -30.29
N ILE B 414 -18.65 8.81 -31.53
CA ILE B 414 -19.60 9.89 -31.85
C ILE B 414 -21.02 9.37 -31.68
N SER B 415 -21.31 8.15 -32.16
CA SER B 415 -22.64 7.59 -32.00
C SER B 415 -22.84 6.87 -30.63
N LYS B 416 -22.18 7.38 -29.58
CA LYS B 416 -22.27 6.93 -28.19
C LYS B 416 -22.00 5.43 -27.95
N ARG B 417 -21.03 4.88 -28.68
CA ARG B 417 -20.64 3.47 -28.57
C ARG B 417 -19.17 3.34 -28.14
N PRO B 418 -18.89 2.79 -26.92
CA PRO B 418 -17.49 2.68 -26.45
C PRO B 418 -16.64 1.73 -27.29
N VAL B 419 -15.31 1.99 -27.31
CA VAL B 419 -14.36 1.19 -28.08
C VAL B 419 -13.34 0.44 -27.24
N VAL B 420 -13.15 -0.84 -27.54
CA VAL B 420 -12.16 -1.69 -26.91
C VAL B 420 -11.19 -1.92 -28.05
N ALA B 421 -9.97 -1.40 -27.94
CA ALA B 421 -8.99 -1.47 -29.03
C ALA B 421 -7.56 -1.64 -28.57
N PHE B 422 -6.72 -2.21 -29.45
CA PHE B 422 -5.29 -2.39 -29.17
C PHE B 422 -4.61 -1.05 -29.26
N ASP B 423 -3.79 -0.67 -28.24
CA ASP B 423 -3.03 0.59 -28.25
C ASP B 423 -1.95 0.40 -29.28
N ILE B 424 -2.16 1.03 -30.47
CA ILE B 424 -1.25 0.93 -31.62
C ILE B 424 -0.87 2.29 -32.20
N LYS B 425 0.04 2.26 -33.22
CA LYS B 425 0.47 3.39 -34.03
C LYS B 425 -0.46 3.40 -35.25
N TYR B 426 -1.34 4.42 -35.39
CA TYR B 426 -1.50 5.60 -34.55
C TYR B 426 -2.99 5.90 -34.38
N GLY B 427 -3.37 6.52 -33.26
CA GLY B 427 -4.76 6.92 -33.06
C GLY B 427 -5.50 6.48 -31.80
N PRO B 428 -5.68 5.16 -31.55
CA PRO B 428 -6.43 4.73 -30.36
C PRO B 428 -6.06 5.48 -29.08
N SER B 429 -4.76 5.59 -28.80
CA SER B 429 -4.15 6.28 -27.66
C SER B 429 -4.64 7.72 -27.54
N ASP B 430 -4.69 8.45 -28.68
CA ASP B 430 -5.12 9.86 -28.79
C ASP B 430 -6.53 10.15 -28.27
N PHE B 431 -7.56 9.41 -28.75
CA PHE B 431 -8.96 9.64 -28.37
C PHE B 431 -9.54 8.79 -27.24
N ILE B 432 -9.00 7.57 -27.03
CA ILE B 432 -9.47 6.67 -25.97
C ILE B 432 -8.85 7.05 -24.65
N GLU B 433 -9.70 7.42 -23.67
CA GLU B 433 -9.32 7.69 -22.29
C GLU B 433 -9.63 6.35 -21.61
N ASP B 434 -8.56 5.54 -21.31
CA ASP B 434 -8.74 4.20 -20.72
C ASP B 434 -9.50 4.22 -19.41
N ASN B 435 -10.61 3.49 -19.40
CA ASN B 435 -11.57 3.33 -18.30
C ASN B 435 -12.49 4.56 -18.13
N LYS B 436 -12.43 5.53 -19.05
CA LYS B 436 -13.34 6.69 -19.00
C LYS B 436 -14.40 6.59 -20.12
N ASN B 437 -13.96 6.34 -21.38
CA ASN B 437 -14.77 6.23 -22.61
C ASN B 437 -14.43 5.00 -23.48
N GLY B 438 -13.53 4.16 -22.99
CA GLY B 438 -13.10 2.95 -23.65
C GLY B 438 -11.97 2.25 -22.93
N TYR B 439 -11.64 1.05 -23.40
CA TYR B 439 -10.55 0.26 -22.85
C TYR B 439 -9.49 0.19 -23.91
N LEU B 440 -8.25 0.50 -23.51
CA LEU B 440 -7.05 0.56 -24.36
C LEU B 440 -6.17 -0.63 -23.99
N ILE B 441 -6.38 -1.72 -24.75
CA ILE B 441 -5.71 -3.00 -24.59
C ILE B 441 -4.29 -2.98 -25.12
N GLU B 442 -3.36 -3.65 -24.44
CA GLU B 442 -1.96 -3.80 -24.87
C GLU B 442 -2.01 -4.54 -26.19
N ASN B 443 -1.24 -4.09 -27.19
CA ASN B 443 -1.29 -4.74 -28.48
C ASN B 443 -0.98 -6.25 -28.42
N HIS B 444 -1.82 -7.02 -29.14
CA HIS B 444 -1.82 -8.48 -29.26
C HIS B 444 -2.33 -9.27 -28.06
N ASN B 445 -2.55 -8.61 -26.89
CA ASN B 445 -3.05 -9.25 -25.67
C ASN B 445 -4.54 -9.60 -25.82
N ILE B 446 -4.81 -10.63 -26.62
CA ILE B 446 -6.16 -11.10 -26.95
C ILE B 446 -6.97 -11.57 -25.75
N ASN B 447 -6.28 -12.14 -24.75
CA ASN B 447 -6.91 -12.63 -23.51
C ASN B 447 -7.44 -11.50 -22.68
N ASP B 448 -6.66 -10.41 -22.49
CA ASP B 448 -7.10 -9.23 -21.73
C ASP B 448 -8.20 -8.44 -22.47
N MET B 449 -8.12 -8.38 -23.84
CA MET B 449 -9.15 -7.73 -24.65
C MET B 449 -10.48 -8.46 -24.41
N ALA B 450 -10.46 -9.79 -24.52
CA ALA B 450 -11.59 -10.66 -24.31
C ALA B 450 -12.26 -10.41 -22.95
N ASP B 451 -11.44 -10.24 -21.88
CA ASP B 451 -11.89 -9.96 -20.52
C ASP B 451 -12.61 -8.61 -20.43
N LYS B 452 -12.02 -7.53 -21.01
CA LYS B 452 -12.63 -6.21 -20.96
C LYS B 452 -13.88 -6.14 -21.82
N ILE B 453 -13.99 -7.02 -22.82
CA ILE B 453 -15.20 -7.08 -23.64
C ILE B 453 -16.30 -7.67 -22.78
N LEU B 454 -16.01 -8.78 -22.07
CA LEU B 454 -16.96 -9.44 -21.17
C LEU B 454 -17.42 -8.51 -20.07
N GLN B 455 -16.49 -7.68 -19.52
CA GLN B 455 -16.75 -6.69 -18.48
C GLN B 455 -17.82 -5.71 -18.93
N LEU B 456 -17.60 -5.12 -20.11
CA LEU B 456 -18.47 -4.10 -20.70
C LEU B 456 -19.78 -4.63 -21.28
N VAL B 457 -19.76 -5.83 -21.90
CA VAL B 457 -20.94 -6.42 -22.54
C VAL B 457 -21.98 -6.98 -21.54
N ASN B 458 -21.62 -7.11 -20.26
CA ASN B 458 -22.53 -7.60 -19.21
C ASN B 458 -23.04 -6.46 -18.32
N ASN B 459 -22.25 -5.37 -18.20
CA ASN B 459 -22.58 -4.17 -17.42
C ASN B 459 -23.18 -3.12 -18.36
N ASP B 460 -24.52 -2.99 -18.34
CA ASP B 460 -25.28 -2.07 -19.19
C ASP B 460 -25.10 -0.60 -18.80
N VAL B 461 -24.77 -0.34 -17.53
CA VAL B 461 -24.55 1.02 -17.02
C VAL B 461 -23.21 1.58 -17.52
N LEU B 462 -22.15 0.73 -17.52
CA LEU B 462 -20.81 1.09 -17.97
C LEU B 462 -20.79 1.39 -19.45
N ALA B 463 -21.40 0.49 -20.26
CA ALA B 463 -21.53 0.62 -21.71
C ALA B 463 -22.23 1.93 -22.09
N ALA B 464 -23.21 2.38 -21.24
CA ALA B 464 -23.96 3.61 -21.39
C ALA B 464 -23.12 4.82 -21.00
N GLU B 465 -22.43 4.75 -19.84
CA GLU B 465 -21.58 5.82 -19.32
C GLU B 465 -20.35 6.06 -20.18
N PHE B 466 -19.70 4.98 -20.65
CA PHE B 466 -18.52 5.07 -21.52
C PHE B 466 -18.88 5.73 -22.85
N GLY B 467 -19.94 5.23 -23.50
CA GLY B 467 -20.44 5.73 -24.77
C GLY B 467 -20.77 7.22 -24.76
N SER B 468 -21.31 7.71 -23.62
CA SER B 468 -21.66 9.10 -23.42
C SER B 468 -20.40 9.97 -23.34
N LYS B 469 -19.42 9.59 -22.49
CA LYS B 469 -18.15 10.31 -22.31
C LYS B 469 -17.30 10.28 -23.57
N ALA B 470 -17.49 9.25 -24.43
CA ALA B 470 -16.80 9.05 -25.71
C ALA B 470 -17.24 10.13 -26.69
N ARG B 471 -18.57 10.36 -26.83
CA ARG B 471 -19.11 11.39 -27.70
C ARG B 471 -18.58 12.75 -27.24
N GLU B 472 -18.66 13.03 -25.93
CA GLU B 472 -18.18 14.26 -25.30
C GLU B 472 -16.72 14.53 -25.69
N ASN B 473 -15.83 13.54 -25.47
CA ASN B 473 -14.40 13.62 -25.78
C ASN B 473 -14.08 13.99 -27.24
N ILE B 474 -14.85 13.44 -28.23
CA ILE B 474 -14.65 13.74 -29.66
C ILE B 474 -14.96 15.23 -29.95
N ILE B 475 -16.16 15.68 -29.53
CA ILE B 475 -16.64 17.05 -29.69
C ILE B 475 -15.60 18.03 -29.16
N GLU B 476 -15.04 17.71 -27.98
CA GLU B 476 -14.01 18.47 -27.27
C GLU B 476 -12.68 18.56 -28.07
N LYS B 477 -11.97 17.43 -28.25
CA LYS B 477 -10.66 17.33 -28.92
C LYS B 477 -10.64 17.63 -30.41
N TYR B 478 -11.65 17.14 -31.14
CA TYR B 478 -11.75 17.25 -32.60
C TYR B 478 -12.75 18.27 -33.15
N SER B 479 -12.73 19.48 -32.59
CA SER B 479 -13.61 20.57 -32.98
C SER B 479 -13.29 21.08 -34.37
N THR B 480 -14.29 21.03 -35.27
CA THR B 480 -14.24 21.46 -36.67
C THR B 480 -13.61 22.85 -36.85
N GLU B 481 -13.86 23.74 -35.87
CA GLU B 481 -13.32 25.09 -35.81
C GLU B 481 -11.78 25.07 -35.72
N SER B 482 -11.23 24.33 -34.71
CA SER B 482 -9.78 24.21 -34.49
C SER B 482 -9.01 23.55 -35.61
N ILE B 483 -9.62 22.54 -36.28
CA ILE B 483 -9.02 21.78 -37.41
C ILE B 483 -8.87 22.71 -38.61
N LEU B 484 -9.94 23.41 -38.97
CA LEU B 484 -9.96 24.36 -40.09
C LEU B 484 -8.96 25.49 -39.84
N GLU B 485 -8.80 25.89 -38.58
CA GLU B 485 -7.84 26.92 -38.17
C GLU B 485 -6.41 26.47 -38.51
N LYS B 486 -6.08 25.17 -38.29
CA LYS B 486 -4.76 24.59 -38.56
C LYS B 486 -4.43 24.66 -40.06
N TRP B 487 -5.42 24.32 -40.92
CA TRP B 487 -5.32 24.34 -42.37
C TRP B 487 -5.06 25.74 -42.87
N LEU B 488 -5.89 26.69 -42.40
CA LEU B 488 -5.85 28.11 -42.76
C LEU B 488 -4.53 28.78 -42.40
N ASN B 489 -3.83 28.27 -41.36
CA ASN B 489 -2.52 28.75 -40.92
C ASN B 489 -1.48 28.42 -41.99
N LEU B 490 -1.56 27.21 -42.56
CA LEU B 490 -0.66 26.73 -43.61
C LEU B 490 -0.86 27.55 -44.90
N PHE B 491 -2.14 27.72 -45.31
CA PHE B 491 -2.56 28.46 -46.50
C PHE B 491 -2.15 29.93 -46.50
N ASN B 492 -2.03 30.52 -45.30
CA ASN B 492 -1.65 31.90 -45.14
C ASN B 492 -0.28 31.95 -44.44
N SER B 493 0.80 31.75 -45.23
CA SER B 493 2.16 31.75 -44.68
C SER B 493 3.16 32.57 -45.50
N MET C 1 -4.83 -5.58 -2.60
CA MET C 1 -5.04 -6.78 -3.41
C MET C 1 -3.74 -7.54 -3.79
N LYS C 2 -3.35 -8.45 -2.90
CA LYS C 2 -2.16 -9.28 -3.09
C LYS C 2 -2.40 -10.33 -4.18
N LYS C 3 -1.34 -10.72 -4.89
CA LYS C 3 -1.31 -11.76 -5.93
C LYS C 3 0.00 -12.54 -5.79
N ILE C 4 -0.13 -13.87 -5.66
CA ILE C 4 0.97 -14.80 -5.46
C ILE C 4 1.38 -15.58 -6.73
N PHE C 5 2.68 -15.89 -6.83
CA PHE C 5 3.28 -16.64 -7.93
C PHE C 5 4.18 -17.70 -7.33
N MET C 6 3.81 -18.99 -7.47
CA MET C 6 4.53 -20.14 -6.92
C MET C 6 5.36 -20.81 -7.99
N MET C 7 6.69 -20.66 -7.87
CA MET C 7 7.68 -21.17 -8.81
C MET C 7 8.09 -22.61 -8.60
N VAL C 8 7.98 -23.39 -9.65
CA VAL C 8 8.41 -24.77 -9.69
C VAL C 8 8.88 -25.06 -11.10
N HIS C 9 9.85 -25.96 -11.26
CA HIS C 9 10.38 -26.21 -12.58
C HIS C 9 9.37 -26.77 -13.52
N GLU C 10 8.58 -27.74 -13.08
CA GLU C 10 7.57 -28.35 -13.94
C GLU C 10 6.38 -28.92 -13.16
N LEU C 11 5.28 -29.18 -13.86
CA LEU C 11 4.13 -29.85 -13.29
C LEU C 11 3.84 -31.10 -14.12
N ASP C 12 3.50 -32.20 -13.42
CA ASP C 12 3.14 -33.46 -14.08
C ASP C 12 2.19 -34.26 -13.21
N VAL C 13 1.80 -35.45 -13.69
CA VAL C 13 0.85 -36.32 -13.02
C VAL C 13 1.39 -37.28 -11.94
N ASN C 14 2.48 -37.96 -12.23
CA ASN C 14 3.09 -38.90 -11.30
C ASN C 14 3.69 -38.24 -10.04
N LYS C 15 3.85 -36.88 -10.07
CA LYS C 15 4.54 -36.07 -9.06
C LYS C 15 4.27 -36.32 -7.56
N GLY C 16 5.29 -36.02 -6.77
CA GLY C 16 5.34 -36.20 -5.34
C GLY C 16 4.52 -35.26 -4.49
N GLY C 17 5.05 -34.99 -3.29
CA GLY C 17 4.45 -34.17 -2.25
C GLY C 17 4.60 -32.68 -2.38
N MET C 18 5.68 -32.20 -3.04
CA MET C 18 5.91 -30.77 -3.25
C MET C 18 4.81 -30.18 -4.16
N THR C 19 4.37 -30.94 -5.20
CA THR C 19 3.32 -30.46 -6.09
C THR C 19 1.98 -30.52 -5.39
N SER C 20 1.75 -31.60 -4.61
CA SER C 20 0.52 -31.79 -3.82
C SER C 20 0.36 -30.61 -2.86
N SER C 21 1.50 -30.21 -2.24
CA SER C 21 1.69 -29.10 -1.31
C SER C 21 1.30 -27.76 -1.97
N MET C 22 1.87 -27.48 -3.18
CA MET C 22 1.62 -26.27 -3.96
C MET C 22 0.16 -26.12 -4.31
N PHE C 23 -0.47 -27.20 -4.82
CA PHE C 23 -1.87 -27.20 -5.20
C PHE C 23 -2.80 -26.86 -4.05
N ASN C 24 -2.55 -27.44 -2.86
CA ASN C 24 -3.35 -27.22 -1.67
C ASN C 24 -3.21 -25.78 -1.18
N ARG C 25 -1.96 -25.28 -1.20
CA ARG C 25 -1.63 -23.91 -0.81
C ARG C 25 -2.29 -22.91 -1.77
N SER C 26 -2.37 -23.27 -3.07
CA SER C 26 -3.02 -22.47 -4.10
C SER C 26 -4.50 -22.35 -3.76
N LYS C 27 -5.18 -23.51 -3.47
CA LYS C 27 -6.61 -23.57 -3.10
C LYS C 27 -6.88 -22.71 -1.89
N GLU C 28 -6.06 -22.88 -0.84
CA GLU C 28 -6.17 -22.17 0.42
C GLU C 28 -6.05 -20.65 0.33
N PHE C 29 -5.14 -20.15 -0.53
CA PHE C 29 -4.96 -18.73 -0.75
C PHE C 29 -6.11 -18.15 -1.56
N TYR C 30 -6.60 -18.90 -2.58
CA TYR C 30 -7.72 -18.46 -3.41
C TYR C 30 -8.98 -18.30 -2.54
N ASP C 31 -9.13 -19.19 -1.52
CA ASP C 31 -10.20 -19.18 -0.54
C ASP C 31 -10.05 -17.95 0.38
N ALA C 32 -8.81 -17.43 0.51
CA ALA C 32 -8.45 -16.25 1.30
C ALA C 32 -8.42 -14.96 0.41
N ASP C 33 -8.94 -15.08 -0.84
CA ASP C 33 -9.05 -14.02 -1.85
C ASP C 33 -7.73 -13.51 -2.39
N ILE C 34 -6.68 -14.31 -2.27
CA ILE C 34 -5.37 -14.01 -2.80
C ILE C 34 -5.14 -15.02 -3.94
N PRO C 35 -5.09 -14.59 -5.21
CA PRO C 35 -4.84 -15.55 -6.30
C PRO C 35 -3.40 -16.07 -6.31
N ALA C 36 -3.24 -17.37 -6.06
CA ALA C 36 -1.94 -18.03 -6.03
C ALA C 36 -1.86 -18.88 -7.28
N ASP C 37 -0.93 -18.55 -8.18
CA ASP C 37 -0.80 -19.29 -9.43
C ASP C 37 0.56 -19.92 -9.57
N ILE C 38 0.68 -20.94 -10.43
CA ILE C 38 1.94 -21.64 -10.61
C ILE C 38 2.68 -21.17 -11.86
N VAL C 39 4.01 -20.99 -11.74
CA VAL C 39 4.92 -20.60 -12.81
C VAL C 39 5.89 -21.77 -13.10
N THR C 40 6.00 -22.22 -14.36
CA THR C 40 6.88 -23.32 -14.76
C THR C 40 7.89 -22.89 -15.81
N PHE C 41 9.09 -23.52 -15.80
CA PHE C 41 10.20 -23.17 -16.67
C PHE C 41 10.70 -24.24 -17.64
N ASP C 42 9.81 -25.17 -18.01
CA ASP C 42 10.15 -26.29 -18.90
C ASP C 42 9.28 -26.35 -20.14
N TYR C 43 9.75 -27.03 -21.21
CA TYR C 43 8.95 -27.21 -22.40
C TYR C 43 8.19 -28.54 -22.32
N LYS C 44 6.90 -28.50 -22.65
CA LYS C 44 6.02 -29.66 -22.75
C LYS C 44 5.04 -29.29 -23.86
N GLY C 45 4.89 -30.17 -24.83
CA GLY C 45 3.99 -29.92 -25.94
C GLY C 45 2.55 -30.07 -25.52
N ASN C 46 2.30 -31.06 -24.64
CA ASN C 46 0.97 -31.41 -24.14
C ASN C 46 0.58 -30.78 -22.79
N TYR C 47 1.18 -29.64 -22.40
CA TYR C 47 0.85 -29.02 -21.10
C TYR C 47 -0.66 -28.90 -20.82
N ASP C 48 -1.45 -28.46 -21.81
CA ASP C 48 -2.90 -28.27 -21.70
C ASP C 48 -3.60 -29.56 -21.28
N GLU C 49 -3.20 -30.68 -21.91
CA GLU C 49 -3.68 -32.02 -21.65
C GLU C 49 -3.41 -32.40 -20.16
N ILE C 50 -2.18 -32.08 -19.66
CA ILE C 50 -1.74 -32.34 -18.29
C ILE C 50 -2.58 -31.55 -17.28
N ILE C 51 -2.77 -30.25 -17.52
CA ILE C 51 -3.55 -29.42 -16.60
C ILE C 51 -4.96 -29.97 -16.49
N LYS C 52 -5.59 -30.28 -17.65
CA LYS C 52 -6.94 -30.87 -17.72
C LYS C 52 -7.01 -32.11 -16.82
N ALA C 53 -5.96 -32.97 -16.90
CA ALA C 53 -5.85 -34.19 -16.11
C ALA C 53 -5.81 -33.88 -14.63
N LEU C 54 -4.86 -33.03 -14.19
CA LEU C 54 -4.65 -32.61 -12.80
C LEU C 54 -5.89 -31.96 -12.19
N LYS C 55 -6.67 -31.23 -12.99
CA LYS C 55 -7.89 -30.58 -12.53
C LYS C 55 -9.07 -31.55 -12.44
N LYS C 56 -9.13 -32.56 -13.35
CA LYS C 56 -10.18 -33.59 -13.38
C LYS C 56 -10.09 -34.49 -12.14
N GLN C 57 -8.86 -34.94 -11.81
CA GLN C 57 -8.51 -35.75 -10.63
C GLN C 57 -8.85 -35.01 -9.33
N GLY C 58 -8.95 -33.68 -9.41
CA GLY C 58 -9.19 -32.80 -8.27
C GLY C 58 -7.90 -32.46 -7.52
N LYS C 59 -6.74 -32.93 -8.06
CA LYS C 59 -5.42 -32.68 -7.47
C LYS C 59 -5.11 -31.16 -7.51
N MET C 60 -5.39 -30.51 -8.66
CA MET C 60 -5.19 -29.09 -8.91
C MET C 60 -6.56 -28.41 -8.88
N ASP C 61 -6.66 -27.26 -8.20
CA ASP C 61 -7.92 -26.51 -8.14
C ASP C 61 -8.20 -25.88 -9.48
N ARG C 62 -9.47 -25.78 -9.86
CA ARG C 62 -9.90 -25.22 -11.16
C ARG C 62 -9.49 -23.75 -11.31
N ARG C 63 -9.48 -22.99 -10.18
CA ARG C 63 -9.13 -21.58 -10.09
C ARG C 63 -7.68 -21.30 -10.45
N THR C 64 -6.75 -22.16 -9.96
CA THR C 64 -5.30 -22.02 -10.20
C THR C 64 -4.86 -22.07 -11.69
N LYS C 65 -4.14 -21.03 -12.12
CA LYS C 65 -3.58 -20.87 -13.47
C LYS C 65 -2.12 -21.37 -13.47
N MET C 66 -1.61 -21.79 -14.63
CA MET C 66 -0.23 -22.20 -14.72
C MET C 66 0.51 -21.39 -15.79
N TYR C 67 1.30 -20.41 -15.35
CA TYR C 67 2.07 -19.57 -16.25
C TYR C 67 3.36 -20.34 -16.67
N ASN C 68 3.67 -20.38 -17.96
CA ASN C 68 4.87 -21.06 -18.42
C ASN C 68 5.66 -20.19 -19.39
N VAL C 69 6.98 -20.10 -19.17
CA VAL C 69 7.91 -19.33 -19.99
C VAL C 69 7.80 -19.56 -21.50
N PHE C 70 7.81 -20.82 -21.95
CA PHE C 70 7.70 -21.13 -23.37
C PHE C 70 6.37 -20.75 -23.91
N GLU C 71 5.28 -21.04 -23.16
CA GLU C 71 3.95 -20.69 -23.62
C GLU C 71 3.76 -19.17 -23.75
N TYR C 72 4.46 -18.38 -22.92
CA TYR C 72 4.40 -16.93 -22.99
C TYR C 72 4.92 -16.44 -24.33
N PHE C 73 6.03 -17.02 -24.79
CA PHE C 73 6.63 -16.65 -26.07
C PHE C 73 5.87 -17.27 -27.24
N LYS C 74 5.32 -18.50 -27.06
CA LYS C 74 4.51 -19.16 -28.08
C LYS C 74 3.31 -18.24 -28.37
N GLN C 75 2.71 -17.68 -27.29
CA GLN C 75 1.62 -16.73 -27.39
C GLN C 75 1.97 -15.49 -28.22
N ILE C 76 3.19 -14.94 -28.06
CA ILE C 76 3.67 -13.77 -28.83
C ILE C 76 3.76 -14.12 -30.34
N SER C 77 4.48 -15.24 -30.69
CA SER C 77 4.64 -15.74 -32.05
C SER C 77 3.26 -15.95 -32.67
N ASN C 78 2.34 -16.59 -31.92
CA ASN C 78 0.98 -16.91 -32.35
C ASN C 78 0.29 -15.71 -32.94
N ASN C 79 0.18 -14.64 -32.15
CA ASN C 79 -0.49 -13.39 -32.50
C ASN C 79 0.31 -12.51 -33.46
N LYS C 80 1.63 -12.79 -33.62
CA LYS C 80 2.52 -12.06 -34.53
C LYS C 80 2.12 -12.37 -35.99
N HIS C 81 1.82 -13.67 -36.26
CA HIS C 81 1.42 -14.21 -37.56
C HIS C 81 -0.11 -14.30 -37.77
N PHE C 82 -0.52 -14.44 -39.04
CA PHE C 82 -1.93 -14.58 -39.39
C PHE C 82 -2.07 -15.61 -40.49
N LYS C 83 -0.96 -15.89 -41.16
CA LYS C 83 -0.82 -16.86 -42.23
C LYS C 83 -0.12 -18.08 -41.59
N SER C 84 -0.36 -19.30 -42.09
CA SER C 84 0.30 -20.51 -41.55
C SER C 84 1.73 -20.65 -42.11
N ASN C 85 2.67 -21.27 -41.37
CA ASN C 85 4.05 -21.50 -41.88
C ASN C 85 4.04 -22.71 -42.81
N LYS C 86 3.34 -22.53 -43.97
CA LYS C 86 3.16 -23.56 -45.00
C LYS C 86 4.51 -24.07 -45.51
N LEU C 87 5.50 -23.18 -45.47
CA LEU C 87 6.84 -23.44 -45.95
C LEU C 87 7.57 -24.56 -45.23
N LEU C 88 7.35 -24.65 -43.89
CA LEU C 88 7.96 -25.68 -43.06
C LEU C 88 7.37 -27.04 -43.43
N TYR C 89 6.03 -27.10 -43.59
CA TYR C 89 5.40 -28.34 -43.96
C TYR C 89 5.88 -28.78 -45.31
N LYS C 90 6.04 -27.83 -46.30
CA LYS C 90 6.60 -28.16 -47.63
C LYS C 90 8.03 -28.67 -47.50
N HIS C 91 8.80 -28.06 -46.59
CA HIS C 91 10.16 -28.49 -46.32
C HIS C 91 10.25 -29.98 -45.89
N ILE C 92 9.37 -30.41 -44.95
CA ILE C 92 9.28 -31.78 -44.45
C ILE C 92 8.78 -32.71 -45.57
N SER C 93 7.75 -32.26 -46.32
CA SER C 93 7.10 -32.97 -47.44
C SER C 93 8.09 -33.32 -48.50
N GLU C 94 8.88 -32.31 -48.91
CA GLU C 94 9.89 -32.41 -49.95
C GLU C 94 10.94 -33.43 -49.57
N ARG C 95 11.35 -33.49 -48.27
CA ARG C 95 12.36 -34.42 -47.80
C ARG C 95 11.97 -35.88 -48.02
N LEU C 96 10.67 -36.21 -48.08
CA LEU C 96 10.18 -37.60 -48.29
C LEU C 96 9.77 -37.89 -49.72
N LYS C 97 9.98 -36.93 -50.61
CA LYS C 97 9.49 -36.95 -51.96
C LYS C 97 9.72 -38.17 -52.86
N ASN C 98 10.82 -38.92 -52.74
CA ASN C 98 10.89 -40.02 -53.71
C ASN C 98 11.22 -41.33 -53.05
N THR C 99 10.37 -41.72 -52.11
CA THR C 99 10.64 -42.87 -51.27
C THR C 99 9.74 -44.03 -51.48
N ILE C 100 10.20 -45.18 -50.99
CA ILE C 100 9.50 -46.45 -50.87
C ILE C 100 9.35 -46.65 -49.36
N GLU C 101 8.19 -47.18 -48.95
CA GLU C 101 7.85 -47.34 -47.55
C GLU C 101 7.93 -48.80 -47.13
N ILE C 102 8.70 -49.08 -46.07
CA ILE C 102 8.80 -50.43 -45.50
C ILE C 102 8.17 -50.33 -44.13
N GLU C 103 7.15 -51.17 -43.86
CA GLU C 103 6.38 -51.17 -42.61
C GLU C 103 6.96 -52.05 -41.56
N GLU C 104 7.01 -51.57 -40.31
CA GLU C 104 7.55 -52.36 -39.19
C GLU C 104 6.41 -52.92 -38.33
N SER C 105 5.77 -52.05 -37.53
CA SER C 105 4.67 -52.33 -36.61
C SER C 105 3.52 -51.55 -37.22
N LYS C 106 2.53 -51.12 -36.40
CA LYS C 106 1.35 -50.41 -36.91
C LYS C 106 1.73 -49.01 -37.35
N GLY C 107 1.86 -48.08 -36.40
CA GLY C 107 2.22 -46.70 -36.71
C GLY C 107 3.57 -46.58 -37.40
N ILE C 108 4.53 -47.43 -36.97
CA ILE C 108 5.91 -47.51 -37.42
C ILE C 108 6.13 -47.91 -38.90
N SER C 109 6.87 -47.04 -39.65
CA SER C 109 7.26 -47.21 -41.08
C SER C 109 8.60 -46.48 -41.37
N ARG C 110 9.34 -46.98 -42.37
CA ARG C 110 10.64 -46.45 -42.78
C ARG C 110 10.62 -46.12 -44.25
N TYR C 111 11.36 -45.08 -44.61
CA TYR C 111 11.32 -44.55 -45.97
C TYR C 111 12.68 -44.55 -46.62
N PHE C 112 12.76 -45.18 -47.80
CA PHE C 112 14.03 -45.28 -48.49
C PHE C 112 13.91 -44.70 -49.86
N ASP C 113 14.91 -43.92 -50.34
CA ASP C 113 14.89 -43.36 -51.69
C ASP C 113 14.66 -44.50 -52.74
N ILE C 114 13.77 -44.26 -53.70
CA ILE C 114 13.47 -45.25 -54.74
C ILE C 114 14.66 -45.37 -55.68
N THR C 115 15.34 -44.25 -55.95
CA THR C 115 16.40 -44.25 -56.93
C THR C 115 17.75 -44.60 -56.36
N THR C 116 17.97 -44.21 -55.12
CA THR C 116 19.24 -44.43 -54.48
C THR C 116 19.38 -45.56 -53.42
N GLY C 117 18.30 -45.93 -52.77
CA GLY C 117 18.33 -46.93 -51.72
C GLY C 117 18.70 -46.36 -50.36
N THR C 118 18.96 -45.05 -50.27
CA THR C 118 19.31 -44.44 -48.99
C THR C 118 18.18 -44.46 -47.98
N TYR C 119 18.51 -44.64 -46.69
CA TYR C 119 17.51 -44.59 -45.64
C TYR C 119 17.19 -43.09 -45.35
N ILE C 120 15.95 -42.66 -45.65
CA ILE C 120 15.49 -41.28 -45.56
C ILE C 120 14.84 -40.92 -44.26
N ALA C 121 13.89 -41.74 -43.80
CA ALA C 121 13.15 -41.36 -42.61
C ALA C 121 12.50 -42.50 -41.89
N TYR C 122 12.27 -42.28 -40.57
CA TYR C 122 11.55 -43.15 -39.65
C TYR C 122 10.29 -42.38 -39.22
N ILE C 123 9.10 -43.01 -39.30
CA ILE C 123 7.85 -42.35 -38.91
C ILE C 123 7.02 -43.24 -37.98
N ARG C 124 6.64 -42.70 -36.81
CA ARG C 124 5.86 -43.40 -35.80
C ARG C 124 4.59 -42.59 -35.53
N LYS C 125 3.42 -43.09 -35.99
CA LYS C 125 2.11 -42.46 -35.85
C LYS C 125 1.40 -43.09 -34.68
N SER C 126 0.71 -42.27 -33.88
CA SER C 126 0.04 -42.70 -32.64
C SER C 126 -1.22 -41.84 -32.35
N LYS C 127 -2.26 -42.01 -33.19
CA LYS C 127 -3.55 -41.30 -33.10
C LYS C 127 -3.52 -39.76 -33.26
N SER C 128 -2.93 -39.03 -32.29
CA SER C 128 -2.78 -37.57 -32.24
C SER C 128 -1.31 -37.17 -32.54
N GLU C 129 -0.39 -37.83 -31.81
CA GLU C 129 1.05 -37.65 -31.90
C GLU C 129 1.66 -38.42 -33.10
N LYS C 130 2.69 -37.83 -33.70
CA LYS C 130 3.47 -38.39 -34.80
C LYS C 130 4.89 -37.87 -34.64
N VAL C 131 5.86 -38.71 -34.96
CA VAL C 131 7.25 -38.36 -34.90
C VAL C 131 7.93 -38.70 -36.21
N ILE C 132 8.71 -37.76 -36.77
CA ILE C 132 9.43 -38.02 -38.00
C ILE C 132 10.92 -37.89 -37.70
N ASP C 133 11.69 -38.96 -37.94
CA ASP C 133 13.16 -38.94 -37.74
C ASP C 133 13.79 -38.94 -39.09
N PHE C 134 14.59 -37.91 -39.37
CA PHE C 134 15.31 -37.81 -40.63
C PHE C 134 16.74 -38.26 -40.47
N PHE C 135 17.29 -38.88 -41.51
CA PHE C 135 18.64 -39.46 -41.48
C PHE C 135 19.58 -38.93 -42.53
N LYS C 136 20.86 -38.75 -42.16
CA LYS C 136 21.93 -38.37 -43.07
C LYS C 136 23.09 -39.29 -42.83
N ASP C 137 23.48 -39.98 -43.88
CA ASP C 137 24.58 -40.95 -43.91
C ASP C 137 24.38 -42.10 -42.95
N ASN C 138 23.09 -42.56 -42.91
CA ASN C 138 22.50 -43.67 -42.16
C ASN C 138 22.43 -43.42 -40.67
N LYS C 139 22.68 -42.17 -40.26
CA LYS C 139 22.64 -41.73 -38.88
C LYS C 139 21.55 -40.63 -38.70
N ARG C 140 20.80 -40.69 -37.59
CA ARG C 140 19.72 -39.74 -37.34
C ARG C 140 20.22 -38.35 -37.02
N ILE C 141 19.66 -37.36 -37.72
CA ILE C 141 20.01 -35.94 -37.64
C ILE C 141 18.95 -35.05 -37.04
N GLU C 142 17.67 -35.38 -37.24
CA GLU C 142 16.60 -34.58 -36.68
C GLU C 142 15.31 -35.30 -36.44
N ARG C 143 14.51 -34.78 -35.50
CA ARG C 143 13.22 -35.35 -35.19
C ARG C 143 12.16 -34.28 -35.09
N PHE C 144 11.20 -34.37 -36.01
CA PHE C 144 10.04 -33.49 -36.03
C PHE C 144 8.91 -34.14 -35.24
N SER C 145 8.54 -33.51 -34.12
CA SER C 145 7.51 -33.96 -33.19
C SER C 145 6.22 -33.17 -33.47
N PHE C 146 5.13 -33.91 -33.70
CA PHE C 146 3.82 -33.39 -34.02
C PHE C 146 2.79 -33.81 -32.96
N ILE C 147 1.74 -32.99 -32.80
CA ILE C 147 0.56 -33.21 -31.97
C ILE C 147 -0.60 -32.73 -32.84
N ASP C 148 -1.54 -33.63 -33.14
CA ASP C 148 -2.73 -33.36 -33.95
C ASP C 148 -2.37 -32.82 -35.35
N ASN C 149 -1.42 -33.53 -35.99
CA ASN C 149 -0.86 -33.25 -37.32
C ASN C 149 -0.17 -31.87 -37.52
N LYS C 150 0.09 -31.16 -36.40
CA LYS C 150 0.76 -29.90 -36.40
C LYS C 150 2.13 -30.06 -35.68
N VAL C 151 3.24 -29.60 -36.32
CA VAL C 151 4.61 -29.68 -35.78
C VAL C 151 4.78 -28.67 -34.64
N HIS C 152 5.30 -29.13 -33.47
CA HIS C 152 5.52 -28.28 -32.30
C HIS C 152 6.97 -28.15 -31.86
N MET C 153 7.78 -29.16 -32.17
CA MET C 153 9.17 -29.14 -31.75
C MET C 153 10.06 -29.87 -32.77
N LYS C 154 11.34 -29.48 -32.83
CA LYS C 154 12.35 -30.11 -33.66
C LYS C 154 13.62 -30.28 -32.85
N GLU C 155 14.12 -31.52 -32.80
CA GLU C 155 15.35 -31.82 -32.08
C GLU C 155 16.42 -32.24 -33.08
N THR C 156 17.65 -31.76 -32.88
CA THR C 156 18.81 -32.06 -33.71
C THR C 156 19.71 -33.02 -32.91
N PHE C 157 20.26 -34.03 -33.59
CA PHE C 157 21.05 -35.02 -32.93
C PHE C 157 22.48 -35.05 -33.35
N ASN C 158 23.39 -35.45 -32.42
CA ASN C 158 24.80 -35.59 -32.75
C ASN C 158 25.16 -36.97 -33.33
N VAL C 159 26.48 -37.28 -33.30
CA VAL C 159 27.03 -38.57 -33.80
C VAL C 159 26.70 -39.72 -32.85
N ASP C 160 26.44 -39.35 -31.58
CA ASP C 160 26.11 -40.29 -30.53
C ASP C 160 24.60 -40.41 -30.38
N ASN C 161 23.85 -39.87 -31.38
CA ASN C 161 22.39 -39.87 -31.43
C ASN C 161 21.75 -39.27 -30.15
N LYS C 162 22.34 -38.18 -29.68
CA LYS C 162 21.89 -37.44 -28.51
C LYS C 162 21.48 -36.01 -28.93
N VAL C 163 20.40 -35.47 -28.31
CA VAL C 163 19.93 -34.11 -28.61
C VAL C 163 20.99 -33.06 -28.25
N CYS C 164 21.24 -32.16 -29.18
CA CYS C 164 22.19 -31.10 -28.92
C CYS C 164 21.65 -29.72 -29.23
N TYR C 165 20.38 -29.65 -29.75
CA TYR C 165 19.69 -28.42 -30.15
C TYR C 165 18.19 -28.67 -30.32
N GLN C 166 17.36 -27.72 -29.86
CA GLN C 166 15.90 -27.80 -29.94
C GLN C 166 15.31 -26.54 -30.52
N VAL C 167 14.18 -26.64 -31.24
CA VAL C 167 13.45 -25.54 -31.86
C VAL C 167 11.98 -25.76 -31.50
N PHE C 168 11.29 -24.70 -31.11
CA PHE C 168 9.89 -24.80 -30.76
C PHE C 168 9.06 -23.97 -31.72
N TYR C 169 7.95 -24.56 -32.17
CA TYR C 169 7.04 -23.93 -33.13
C TYR C 169 5.72 -23.56 -32.49
N ASP C 170 5.17 -22.42 -32.94
CA ASP C 170 3.89 -21.88 -32.48
C ASP C 170 2.70 -22.62 -33.09
N GLU C 171 1.47 -22.27 -32.65
CA GLU C 171 0.21 -22.87 -33.12
C GLU C 171 0.05 -22.70 -34.64
N LYS C 172 0.84 -21.80 -35.25
CA LYS C 172 0.83 -21.53 -36.68
C LYS C 172 2.03 -22.18 -37.43
N GLY C 173 2.90 -22.85 -36.69
CA GLY C 173 4.05 -23.53 -37.28
C GLY C 173 5.34 -22.75 -37.39
N TYR C 174 5.40 -21.51 -36.85
CA TYR C 174 6.62 -20.70 -36.89
C TYR C 174 7.56 -20.95 -35.70
N PRO C 175 8.89 -21.08 -35.95
CA PRO C 175 9.86 -21.24 -34.84
C PRO C 175 9.90 -20.00 -33.94
N TYR C 176 9.88 -20.14 -32.62
CA TYR C 176 9.90 -18.93 -31.79
C TYR C 176 11.07 -18.91 -30.81
N ILE C 177 11.51 -20.12 -30.40
CA ILE C 177 12.65 -20.34 -29.52
C ILE C 177 13.43 -21.57 -30.04
N SER C 178 14.72 -21.43 -30.05
CA SER C 178 15.62 -22.48 -30.39
C SER C 178 16.62 -22.39 -29.26
N ARG C 179 17.33 -23.50 -28.93
CA ARG C 179 18.32 -23.52 -27.85
C ARG C 179 19.25 -24.70 -27.96
N ASN C 180 20.52 -24.46 -27.60
CA ASN C 180 21.53 -25.50 -27.63
C ASN C 180 21.37 -26.30 -26.34
N ILE C 181 21.53 -27.59 -26.46
CA ILE C 181 21.47 -28.54 -25.37
C ILE C 181 22.86 -29.22 -25.28
N ASN C 182 23.44 -29.29 -24.06
CA ASN C 182 24.70 -30.01 -23.88
C ASN C 182 24.35 -31.49 -23.98
N ALA C 183 24.84 -32.17 -25.02
CA ALA C 183 24.48 -33.57 -25.25
C ALA C 183 24.84 -34.49 -24.11
N ASN C 184 26.03 -34.31 -23.49
CA ASN C 184 26.52 -35.13 -22.37
C ASN C 184 25.56 -35.18 -21.17
N ASN C 185 25.29 -34.03 -20.51
CA ASN C 185 24.43 -33.90 -19.33
C ASN C 185 22.98 -33.45 -19.59
N GLY C 186 22.70 -33.04 -20.82
CA GLY C 186 21.37 -32.55 -21.21
C GLY C 186 21.02 -31.16 -20.71
N ALA C 187 22.06 -30.34 -20.39
CA ALA C 187 21.90 -28.98 -19.89
C ALA C 187 21.59 -27.96 -20.98
N VAL C 188 20.62 -27.09 -20.71
CA VAL C 188 20.20 -26.06 -21.66
C VAL C 188 21.17 -24.89 -21.59
N GLY C 189 21.82 -24.63 -22.73
CA GLY C 189 22.75 -23.52 -22.88
C GLY C 189 22.14 -22.28 -23.53
N LYS C 190 22.79 -21.75 -24.58
CA LYS C 190 22.26 -20.57 -25.25
C LYS C 190 20.83 -20.72 -25.74
N THR C 191 19.94 -19.85 -25.20
CA THR C 191 18.54 -19.80 -25.64
C THR C 191 18.40 -18.58 -26.56
N TYR C 192 17.85 -18.78 -27.77
CA TYR C 192 17.60 -17.72 -28.73
C TYR C 192 16.11 -17.63 -28.89
N VAL C 193 15.54 -16.51 -28.40
CA VAL C 193 14.13 -16.21 -28.58
C VAL C 193 14.01 -15.46 -29.91
N LEU C 194 13.83 -16.27 -30.96
CA LEU C 194 13.70 -15.92 -32.38
C LEU C 194 12.60 -14.93 -32.67
N VAL C 195 11.44 -14.97 -31.96
CA VAL C 195 10.42 -13.92 -32.22
C VAL C 195 10.84 -12.48 -31.93
N ASN C 196 11.48 -12.28 -30.76
CA ASN C 196 12.02 -11.02 -30.29
C ASN C 196 13.43 -10.75 -30.84
N LYS C 197 13.99 -11.71 -31.61
CA LYS C 197 15.36 -11.65 -32.16
C LYS C 197 16.37 -11.27 -31.05
N LYS C 198 16.27 -11.97 -29.88
CA LYS C 198 17.09 -11.78 -28.69
C LYS C 198 17.67 -13.10 -28.19
N GLU C 199 18.94 -13.08 -27.74
CA GLU C 199 19.63 -14.24 -27.17
C GLU C 199 19.76 -14.14 -25.67
N PHE C 200 19.89 -15.31 -25.02
CA PHE C 200 20.04 -15.48 -23.58
C PHE C 200 21.15 -16.49 -23.31
N LYS C 201 21.97 -16.23 -22.25
CA LYS C 201 23.11 -17.07 -21.86
C LYS C 201 22.71 -18.51 -21.65
N ASN C 202 21.58 -18.72 -20.95
CA ASN C 202 20.97 -20.02 -20.67
C ASN C 202 19.55 -19.87 -20.21
N ASN C 203 18.95 -20.98 -19.75
CA ASN C 203 17.59 -20.92 -19.25
C ASN C 203 17.39 -19.98 -18.07
N LEU C 204 18.38 -19.88 -17.16
CA LEU C 204 18.29 -18.96 -16.04
C LEU C 204 18.06 -17.53 -16.54
N ALA C 205 18.89 -17.09 -17.50
CA ALA C 205 18.83 -15.76 -18.13
C ALA C 205 17.44 -15.43 -18.65
N LEU C 206 16.83 -16.45 -19.30
CA LEU C 206 15.52 -16.36 -19.91
C LEU C 206 14.44 -16.17 -18.89
N CYS C 207 14.39 -17.07 -17.91
CA CYS C 207 13.38 -17.05 -16.89
C CYS C 207 13.44 -15.84 -16.03
N VAL C 208 14.65 -15.28 -15.83
CA VAL C 208 14.78 -14.04 -15.08
C VAL C 208 14.04 -12.94 -15.87
N TYR C 209 14.35 -12.81 -17.18
CA TYR C 209 13.72 -11.86 -18.09
C TYR C 209 12.21 -12.10 -18.10
N TYR C 210 11.78 -13.39 -18.19
CA TYR C 210 10.38 -13.78 -18.17
C TYR C 210 9.64 -13.28 -16.90
N LEU C 211 10.19 -13.66 -15.72
CA LEU C 211 9.61 -13.25 -14.44
C LEU C 211 9.52 -11.74 -14.30
N GLU C 212 10.58 -11.01 -14.72
CA GLU C 212 10.59 -9.55 -14.73
C GLU C 212 9.45 -8.99 -15.63
N LYS C 213 9.13 -9.70 -16.74
CA LYS C 213 8.04 -9.29 -17.61
C LYS C 213 6.65 -9.76 -17.11
N LEU C 214 6.60 -10.92 -16.47
CA LEU C 214 5.35 -11.49 -15.94
C LEU C 214 4.86 -10.82 -14.65
N ILE C 215 5.78 -10.59 -13.72
CA ILE C 215 5.44 -10.03 -12.43
C ILE C 215 5.69 -8.52 -12.34
N LYS C 216 4.62 -7.81 -11.94
CA LYS C 216 4.59 -6.36 -11.70
C LYS C 216 5.48 -6.09 -10.47
N ASP C 217 6.31 -5.02 -10.48
CA ASP C 217 7.17 -4.73 -9.32
C ASP C 217 6.42 -3.97 -8.19
N SER C 218 5.27 -4.53 -7.77
CA SER C 218 4.42 -4.01 -6.72
C SER C 218 4.72 -4.75 -5.43
N LYS C 219 4.48 -4.10 -4.27
CA LYS C 219 4.66 -4.73 -2.95
C LYS C 219 3.55 -5.77 -2.74
N ASP C 220 2.46 -5.64 -3.55
CA ASP C 220 1.31 -6.54 -3.59
C ASP C 220 1.58 -7.78 -4.45
N SER C 221 2.78 -7.88 -5.06
CA SER C 221 3.20 -9.02 -5.89
C SER C 221 4.10 -9.89 -5.06
N ILE C 222 3.74 -11.19 -4.90
CA ILE C 222 4.49 -12.15 -4.08
C ILE C 222 5.00 -13.36 -4.88
N MET C 223 6.31 -13.64 -4.78
CA MET C 223 6.99 -14.77 -5.40
C MET C 223 7.35 -15.78 -4.31
N ILE C 224 6.86 -17.01 -4.44
CA ILE C 224 7.15 -18.12 -3.54
C ILE C 224 7.92 -19.16 -4.36
N CYS C 225 9.09 -19.53 -3.92
CA CYS C 225 9.87 -20.49 -4.66
C CYS C 225 9.94 -21.85 -3.99
N ASP C 226 9.14 -22.79 -4.53
CA ASP C 226 9.04 -24.16 -4.04
C ASP C 226 10.18 -25.09 -4.51
N GLY C 227 10.45 -25.06 -5.80
CA GLY C 227 11.52 -25.82 -6.44
C GLY C 227 12.85 -25.22 -6.05
N PRO C 228 13.78 -26.02 -5.45
CA PRO C 228 15.08 -25.44 -5.03
C PRO C 228 15.99 -25.02 -6.20
N GLY C 229 15.80 -25.68 -7.34
CA GLY C 229 16.55 -25.40 -8.56
C GLY C 229 16.08 -24.13 -9.23
N SER C 230 14.81 -23.80 -9.01
CA SER C 230 14.13 -22.63 -9.54
C SER C 230 14.53 -21.38 -8.76
N PHE C 231 15.06 -21.55 -7.54
CA PHE C 231 15.47 -20.43 -6.69
C PHE C 231 16.25 -19.32 -7.37
N PRO C 232 17.38 -19.58 -8.07
CA PRO C 232 18.13 -18.48 -8.69
C PRO C 232 17.31 -17.64 -9.69
N LYS C 233 16.35 -18.28 -10.41
CA LYS C 233 15.45 -17.61 -11.34
C LYS C 233 14.68 -16.49 -10.57
N MET C 234 14.20 -16.79 -9.33
CA MET C 234 13.51 -15.81 -8.49
C MET C 234 14.51 -14.81 -7.90
N PHE C 235 15.62 -15.33 -7.33
CA PHE C 235 16.67 -14.53 -6.68
C PHE C 235 17.30 -13.44 -7.55
N ASN C 236 17.56 -13.74 -8.82
CA ASN C 236 18.23 -12.83 -9.76
C ASN C 236 17.35 -11.76 -10.41
N THR C 237 16.05 -11.69 -10.09
CA THR C 237 15.19 -10.67 -10.70
C THR C 237 15.49 -9.28 -10.15
N ASN C 238 15.36 -8.27 -11.01
CA ASN C 238 15.60 -6.87 -10.68
C ASN C 238 14.50 -6.27 -9.79
N HIS C 239 13.44 -7.06 -9.44
CA HIS C 239 12.31 -6.65 -8.61
C HIS C 239 12.76 -6.03 -7.30
N LYS C 240 12.46 -4.72 -7.15
CA LYS C 240 12.82 -3.90 -5.98
C LYS C 240 11.77 -3.90 -4.89
N ASN C 241 10.47 -3.94 -5.26
CA ASN C 241 9.35 -3.92 -4.31
C ASN C 241 8.62 -5.25 -4.11
N ALA C 242 8.66 -6.13 -5.13
CA ALA C 242 8.03 -7.44 -5.09
C ALA C 242 8.65 -8.29 -3.99
N GLN C 243 7.79 -9.04 -3.28
CA GLN C 243 8.18 -9.93 -2.16
C GLN C 243 8.74 -11.27 -2.65
N LYS C 244 9.88 -11.72 -2.06
CA LYS C 244 10.51 -12.97 -2.46
C LYS C 244 10.67 -13.95 -1.31
N TYR C 245 10.00 -15.10 -1.40
CA TYR C 245 10.06 -16.16 -0.39
C TYR C 245 10.59 -17.47 -0.99
N GLY C 246 11.30 -18.23 -0.18
CA GLY C 246 11.83 -19.52 -0.56
C GLY C 246 11.32 -20.57 0.40
N VAL C 247 10.69 -21.64 -0.11
CA VAL C 247 10.16 -22.71 0.75
C VAL C 247 11.07 -23.93 0.65
N ILE C 248 11.57 -24.44 1.81
CA ILE C 248 12.42 -25.63 1.86
C ILE C 248 11.55 -26.78 2.30
N HIS C 249 11.26 -27.69 1.36
CA HIS C 249 10.42 -28.86 1.55
C HIS C 249 11.11 -30.11 2.08
N VAL C 250 12.45 -30.12 2.16
CA VAL C 250 13.19 -31.30 2.61
C VAL C 250 14.17 -31.04 3.71
N ASN C 251 14.78 -32.13 4.21
CA ASN C 251 15.87 -32.03 5.17
C ASN C 251 17.05 -31.36 4.43
N HIS C 252 17.56 -30.23 4.94
CA HIS C 252 18.62 -29.49 4.30
C HIS C 252 19.99 -30.17 4.33
N HIS C 253 20.16 -31.23 5.14
CA HIS C 253 21.41 -31.97 5.19
C HIS C 253 21.51 -32.92 4.02
N GLU C 254 22.73 -33.11 3.49
CA GLU C 254 23.02 -34.00 2.38
C GLU C 254 22.66 -35.44 2.75
N ASN C 255 21.84 -36.10 1.91
CA ASN C 255 21.37 -37.47 2.14
C ASN C 255 22.50 -38.46 2.13
N PHE C 256 22.48 -39.39 3.10
CA PHE C 256 23.47 -40.46 3.29
C PHE C 256 24.89 -39.91 3.40
N ASP C 257 25.07 -38.94 4.29
CA ASP C 257 26.35 -38.30 4.51
C ASP C 257 26.54 -38.04 5.99
N ASP C 258 27.68 -38.49 6.50
CA ASP C 258 28.17 -38.43 7.89
C ASP C 258 29.21 -37.32 8.12
N THR C 259 29.62 -36.64 7.02
CA THR C 259 30.61 -35.57 6.99
C THR C 259 30.04 -34.20 7.43
N GLY C 260 28.73 -34.15 7.69
CA GLY C 260 28.00 -32.95 8.11
C GLY C 260 27.85 -31.94 6.98
N ALA C 261 27.70 -32.45 5.74
CA ALA C 261 27.56 -31.65 4.53
C ALA C 261 26.09 -31.36 4.28
N PHE C 262 25.82 -30.29 3.52
CA PHE C 262 24.46 -29.88 3.18
C PHE C 262 24.12 -30.05 1.72
N LYS C 263 22.82 -30.11 1.41
CA LYS C 263 22.33 -30.17 0.05
C LYS C 263 22.75 -28.83 -0.58
N LYS C 264 23.42 -28.89 -1.76
CA LYS C 264 23.97 -27.71 -2.43
C LYS C 264 22.97 -26.59 -2.64
N SER C 265 21.82 -26.94 -3.26
CA SER C 265 20.74 -26.00 -3.57
C SER C 265 20.17 -25.32 -2.32
N GLU C 266 19.79 -26.13 -1.31
CA GLU C 266 19.23 -25.72 -0.03
C GLU C 266 20.19 -24.82 0.72
N LYS C 267 21.50 -25.16 0.71
CA LYS C 267 22.55 -24.36 1.33
C LYS C 267 22.49 -22.93 0.79
N TYR C 268 22.44 -22.77 -0.58
CA TYR C 268 22.35 -21.47 -1.25
C TYR C 268 21.11 -20.68 -0.83
N ILE C 269 19.95 -21.36 -0.75
CA ILE C 269 18.68 -20.75 -0.33
C ILE C 269 18.87 -20.23 1.10
N ILE C 270 19.32 -21.11 1.99
CA ILE C 270 19.55 -20.79 3.40
C ILE C 270 20.54 -19.66 3.59
N GLU C 271 21.70 -19.72 2.93
CA GLU C 271 22.74 -18.70 3.05
C GLU C 271 22.22 -17.30 2.70
N ASN C 272 21.43 -17.22 1.62
CA ASN C 272 20.87 -15.97 1.12
C ASN C 272 19.53 -15.55 1.77
N ALA C 273 19.10 -16.23 2.86
CA ALA C 273 17.85 -15.99 3.58
C ALA C 273 17.62 -14.53 3.93
N ASN C 274 18.67 -13.86 4.44
CA ASN C 274 18.59 -12.46 4.83
C ASN C 274 18.44 -11.49 3.65
N LYS C 275 18.92 -11.90 2.44
CA LYS C 275 18.82 -11.08 1.22
C LYS C 275 17.39 -11.06 0.61
N ILE C 276 16.50 -11.99 1.02
CA ILE C 276 15.11 -12.05 0.56
C ILE C 276 14.13 -11.79 1.70
N ASN C 277 12.81 -11.85 1.43
CA ASN C 277 11.79 -11.61 2.44
C ASN C 277 11.70 -12.70 3.53
N GLY C 278 12.18 -13.91 3.21
CA GLY C 278 12.18 -15.02 4.15
C GLY C 278 12.25 -16.41 3.54
N VAL C 279 12.92 -17.34 4.25
CA VAL C 279 13.05 -18.74 3.88
C VAL C 279 12.11 -19.52 4.81
N ILE C 280 11.22 -20.34 4.24
CA ILE C 280 10.24 -21.09 5.01
C ILE C 280 10.54 -22.55 5.12
N VAL C 281 10.52 -23.07 6.35
CA VAL C 281 10.70 -24.50 6.66
C VAL C 281 9.41 -25.04 7.30
N LEU C 282 9.18 -26.35 7.27
CA LEU C 282 7.89 -26.94 7.73
C LEU C 282 7.79 -27.25 9.21
N THR C 283 8.93 -27.64 9.84
CA THR C 283 9.04 -28.01 11.25
C THR C 283 9.81 -26.97 12.06
N GLU C 284 9.37 -26.72 13.32
CA GLU C 284 10.07 -25.78 14.21
C GLU C 284 11.46 -26.33 14.55
N ALA C 285 11.58 -27.67 14.49
CA ALA C 285 12.79 -28.47 14.68
C ALA C 285 13.88 -28.07 13.68
N GLN C 286 13.54 -28.08 12.36
CA GLN C 286 14.42 -27.72 11.25
C GLN C 286 14.84 -26.26 11.30
N ARG C 287 13.93 -25.39 11.76
CA ARG C 287 14.18 -23.96 11.90
C ARG C 287 15.35 -23.76 12.86
N LEU C 288 15.29 -24.41 14.03
CA LEU C 288 16.32 -24.31 15.06
C LEU C 288 17.65 -24.80 14.55
N ASP C 289 17.66 -25.97 13.89
CA ASP C 289 18.85 -26.57 13.29
C ASP C 289 19.53 -25.60 12.31
N ILE C 290 18.74 -25.03 11.38
CA ILE C 290 19.23 -24.08 10.37
C ILE C 290 19.82 -22.83 11.04
N LEU C 291 19.14 -22.30 12.07
CA LEU C 291 19.57 -21.10 12.78
C LEU C 291 20.86 -21.32 13.56
N ASN C 292 21.02 -22.53 14.15
CA ASN C 292 22.18 -22.94 14.94
C ASN C 292 23.41 -23.31 14.10
N GLN C 293 23.22 -23.56 12.77
CA GLN C 293 24.28 -23.98 11.85
C GLN C 293 24.73 -22.85 10.93
N PHE C 294 23.85 -21.87 10.64
CA PHE C 294 24.10 -20.76 9.71
C PHE C 294 23.93 -19.39 10.34
N ASP C 295 24.62 -18.39 9.74
CA ASP C 295 24.57 -17.02 10.22
C ASP C 295 23.53 -16.15 9.51
N VAL C 296 22.27 -16.57 9.65
CA VAL C 296 21.07 -15.94 9.10
C VAL C 296 19.95 -15.95 10.16
N GLU C 297 18.95 -15.07 10.01
CA GLU C 297 17.83 -14.96 10.96
C GLU C 297 16.47 -15.13 10.28
N ASN C 298 16.37 -14.75 8.99
CA ASN C 298 15.17 -14.78 8.16
C ASN C 298 14.63 -16.18 7.82
N ILE C 299 14.51 -17.05 8.84
CA ILE C 299 13.99 -18.42 8.69
C ILE C 299 12.70 -18.54 9.47
N PHE C 300 11.61 -18.97 8.79
CA PHE C 300 10.30 -19.09 9.43
C PHE C 300 9.66 -20.44 9.27
N THR C 301 8.97 -20.91 10.31
CA THR C 301 8.28 -22.19 10.26
C THR C 301 6.81 -22.00 9.95
N ILE C 302 6.37 -22.54 8.82
CA ILE C 302 4.97 -22.53 8.39
C ILE C 302 4.77 -23.95 7.85
N SER C 303 3.88 -24.70 8.48
CA SER C 303 3.60 -26.07 8.04
C SER C 303 2.79 -26.06 6.74
N ASN C 304 2.55 -27.24 6.15
CA ASN C 304 1.71 -27.36 4.96
C ASN C 304 0.27 -27.26 5.38
N PHE C 305 -0.60 -26.75 4.50
CA PHE C 305 -2.03 -26.71 4.80
C PHE C 305 -2.49 -28.16 4.68
N VAL C 306 -3.34 -28.61 5.60
CA VAL C 306 -3.80 -29.99 5.54
C VAL C 306 -5.22 -30.08 5.03
N LYS C 307 -5.40 -30.91 3.98
CA LYS C 307 -6.68 -31.18 3.35
C LYS C 307 -7.41 -32.19 4.26
N ILE C 308 -8.27 -31.68 5.16
CA ILE C 308 -8.99 -32.52 6.10
C ILE C 308 -10.23 -33.12 5.46
N HIS C 309 -10.02 -34.15 4.63
CA HIS C 309 -11.07 -34.91 3.96
C HIS C 309 -11.82 -35.74 5.00
N ASN C 310 -12.97 -36.30 4.64
CA ASN C 310 -13.68 -37.13 5.59
C ASN C 310 -13.04 -38.52 5.71
N ALA C 311 -12.92 -39.00 6.96
CA ALA C 311 -12.35 -40.31 7.31
C ALA C 311 -13.25 -41.46 6.86
N PRO C 312 -12.68 -42.65 6.47
CA PRO C 312 -13.53 -43.78 6.01
C PRO C 312 -14.60 -44.23 6.97
N LYS C 313 -15.66 -44.87 6.43
CA LYS C 313 -16.79 -45.33 7.22
C LYS C 313 -16.36 -46.33 8.29
N HIS C 314 -15.65 -47.39 7.90
CA HIS C 314 -15.19 -48.40 8.84
C HIS C 314 -13.69 -48.58 8.81
N PHE C 315 -13.15 -49.03 9.96
CA PHE C 315 -11.73 -49.31 10.16
C PHE C 315 -11.45 -50.69 9.56
N GLN C 316 -10.21 -50.92 9.10
CA GLN C 316 -9.85 -52.23 8.56
C GLN C 316 -9.51 -53.20 9.69
N THR C 317 -10.33 -54.26 9.81
CA THR C 317 -10.19 -55.31 10.81
C THR C 317 -9.08 -56.31 10.44
N GLU C 318 -8.93 -56.58 9.13
CA GLU C 318 -7.94 -57.51 8.57
C GLU C 318 -6.53 -56.97 8.75
N LYS C 319 -5.58 -57.88 9.00
CA LYS C 319 -4.15 -57.55 9.21
C LYS C 319 -3.46 -57.02 7.93
N ILE C 320 -3.74 -55.75 7.57
CA ILE C 320 -3.15 -55.10 6.39
C ILE C 320 -2.34 -53.85 6.79
N VAL C 321 -1.03 -53.85 6.50
CA VAL C 321 -0.13 -52.73 6.77
C VAL C 321 0.16 -52.00 5.45
N GLY C 322 -0.03 -50.68 5.44
CA GLY C 322 0.16 -49.88 4.24
C GLY C 322 1.35 -48.95 4.20
N HIS C 323 1.74 -48.59 2.96
CA HIS C 323 2.83 -47.69 2.68
C HIS C 323 2.62 -47.03 1.31
N ILE C 324 2.40 -45.70 1.29
CA ILE C 324 2.20 -44.93 0.07
C ILE C 324 3.34 -43.91 -0.06
N SER C 325 4.26 -44.15 -0.98
CA SER C 325 5.41 -43.24 -1.13
C SER C 325 6.02 -43.25 -2.51
N ARG C 326 6.87 -42.24 -2.80
CA ARG C 326 7.70 -42.25 -4.00
C ARG C 326 8.74 -43.37 -3.69
N MET C 327 8.96 -44.34 -4.57
CA MET C 327 9.90 -45.42 -4.26
C MET C 327 11.36 -45.02 -4.49
N VAL C 328 11.94 -44.27 -3.54
CA VAL C 328 13.35 -43.85 -3.63
C VAL C 328 14.23 -44.41 -2.45
N PRO C 329 15.58 -44.23 -2.48
CA PRO C 329 16.42 -44.74 -1.38
C PRO C 329 16.12 -44.11 -0.01
N THR C 330 15.87 -42.75 0.08
CA THR C 330 15.57 -42.09 1.35
C THR C 330 14.28 -42.59 2.02
N LYS C 331 13.40 -43.24 1.27
CA LYS C 331 12.16 -43.76 1.85
C LYS C 331 12.38 -45.12 2.52
N ARG C 332 13.62 -45.65 2.41
CA ARG C 332 14.15 -46.90 3.01
C ARG C 332 13.22 -48.13 3.04
N ILE C 333 12.60 -48.42 1.88
CA ILE C 333 11.67 -49.55 1.69
C ILE C 333 12.39 -50.92 1.93
N ASP C 334 13.71 -50.95 1.72
CA ASP C 334 14.56 -52.10 2.01
C ASP C 334 14.45 -52.47 3.49
N LEU C 335 14.40 -51.46 4.39
CA LEU C 335 14.26 -51.72 5.82
C LEU C 335 12.87 -52.25 6.03
N LEU C 336 11.87 -51.58 5.41
CA LEU C 336 10.46 -52.00 5.45
C LEU C 336 10.29 -53.49 5.12
N ILE C 337 11.05 -54.00 4.12
CA ILE C 337 11.07 -55.42 3.73
C ILE C 337 11.70 -56.30 4.85
N GLU C 338 12.80 -55.84 5.47
CA GLU C 338 13.38 -56.63 6.57
C GLU C 338 12.43 -56.67 7.79
N VAL C 339 11.71 -55.55 8.03
CA VAL C 339 10.70 -55.42 9.10
C VAL C 339 9.57 -56.40 8.79
N ALA C 340 9.15 -56.46 7.51
CA ALA C 340 8.11 -57.35 6.99
C ALA C 340 8.47 -58.80 7.33
N GLU C 341 9.74 -59.18 7.02
CA GLU C 341 10.30 -60.52 7.25
C GLU C 341 10.24 -60.90 8.73
N LEU C 342 10.57 -59.98 9.64
CA LEU C 342 10.52 -60.20 11.09
C LEU C 342 9.07 -60.39 11.56
N VAL C 343 8.15 -59.62 10.97
CA VAL C 343 6.73 -59.62 11.29
C VAL C 343 6.10 -60.94 10.84
N VAL C 344 6.24 -61.30 9.53
CA VAL C 344 5.68 -62.55 8.97
C VAL C 344 6.21 -63.83 9.63
N LYS C 345 7.47 -63.82 10.08
CA LYS C 345 8.11 -64.94 10.80
C LYS C 345 7.54 -65.11 12.21
N LYS C 346 6.85 -64.09 12.76
CA LYS C 346 6.20 -64.15 14.06
C LYS C 346 4.67 -64.32 13.90
N ASP C 347 4.11 -63.80 12.78
CA ASP C 347 2.68 -63.92 12.42
C ASP C 347 2.50 -63.99 10.89
N ASN C 348 2.17 -65.20 10.39
CA ASN C 348 1.96 -65.53 8.97
C ASN C 348 0.85 -64.71 8.27
N ALA C 349 -0.25 -64.39 9.00
CA ALA C 349 -1.47 -63.69 8.56
C ALA C 349 -1.33 -62.31 7.91
N VAL C 350 -0.46 -61.44 8.48
CA VAL C 350 -0.24 -60.04 8.06
C VAL C 350 0.24 -59.82 6.61
N LYS C 351 -0.43 -58.89 5.91
CA LYS C 351 -0.14 -58.50 4.53
C LYS C 351 0.34 -57.04 4.46
N PHE C 352 1.34 -56.77 3.60
CA PHE C 352 1.93 -55.45 3.42
C PHE C 352 1.65 -54.92 2.02
N HIS C 353 1.05 -53.74 1.92
CA HIS C 353 0.72 -53.13 0.63
C HIS C 353 1.62 -51.93 0.38
N ILE C 354 2.43 -51.99 -0.70
CA ILE C 354 3.35 -50.93 -1.05
C ILE C 354 3.01 -50.24 -2.38
N TYR C 355 2.21 -49.19 -2.28
CA TYR C 355 1.81 -48.37 -3.42
C TYR C 355 2.95 -47.40 -3.72
N GLY C 356 3.08 -47.03 -5.00
CA GLY C 356 4.10 -46.11 -5.49
C GLY C 356 5.07 -46.73 -6.48
N GLU C 357 5.82 -45.87 -7.18
CA GLU C 357 6.80 -46.24 -8.19
C GLU C 357 8.03 -45.33 -8.13
N GLY C 358 9.18 -45.88 -8.49
CA GLY C 358 10.43 -45.13 -8.51
C GLY C 358 11.67 -46.01 -8.64
N SER C 359 12.85 -45.35 -8.58
CA SER C 359 14.18 -45.93 -8.66
C SER C 359 14.31 -47.37 -8.07
N VAL C 360 14.06 -47.51 -6.76
CA VAL C 360 14.21 -48.75 -6.00
C VAL C 360 13.17 -49.87 -6.24
N LYS C 361 12.11 -49.60 -7.03
CA LYS C 361 11.00 -50.54 -7.30
C LYS C 361 11.41 -51.97 -7.66
N ASP C 362 12.37 -52.11 -8.59
CA ASP C 362 12.86 -53.39 -9.11
C ASP C 362 13.67 -54.19 -8.10
N LYS C 363 14.53 -53.51 -7.31
CA LYS C 363 15.39 -54.09 -6.28
C LYS C 363 14.56 -54.64 -5.15
N ILE C 364 13.50 -53.92 -4.74
CA ILE C 364 12.58 -54.33 -3.68
C ILE C 364 11.81 -55.57 -4.15
N ALA C 365 11.32 -55.53 -5.43
CA ALA C 365 10.58 -56.61 -6.06
C ALA C 365 11.40 -57.90 -5.99
N LYS C 366 12.71 -57.79 -6.34
CA LYS C 366 13.70 -58.86 -6.31
C LYS C 366 13.92 -59.32 -4.86
N MET C 367 13.97 -58.36 -3.93
CA MET C 367 14.16 -58.55 -2.49
C MET C 367 13.02 -59.35 -1.86
N ILE C 368 11.76 -59.18 -2.37
CA ILE C 368 10.55 -59.88 -1.92
C ILE C 368 10.66 -61.38 -2.19
N GLU C 369 11.05 -61.73 -3.44
CA GLU C 369 11.22 -63.10 -3.95
C GLU C 369 12.23 -63.91 -3.13
N ASP C 370 13.43 -63.33 -2.89
CA ASP C 370 14.54 -63.95 -2.17
C ASP C 370 14.22 -64.22 -0.70
N LYS C 371 13.43 -63.32 -0.08
CA LYS C 371 13.04 -63.43 1.33
C LYS C 371 11.80 -64.33 1.53
N ASN C 372 11.17 -64.74 0.40
CA ASN C 372 9.98 -65.60 0.29
C ASN C 372 8.74 -65.00 0.96
N LEU C 373 8.45 -63.74 0.59
CA LEU C 373 7.32 -62.96 1.11
C LEU C 373 6.38 -62.56 -0.04
N GLU C 374 6.43 -63.30 -1.17
CA GLU C 374 5.62 -63.06 -2.38
C GLU C 374 4.12 -63.14 -2.08
N ARG C 375 3.74 -63.95 -1.08
CA ARG C 375 2.38 -64.18 -0.59
C ARG C 375 1.99 -63.17 0.53
N ASN C 376 2.95 -62.36 1.03
CA ASN C 376 2.73 -61.41 2.11
C ASN C 376 2.97 -59.92 1.80
N VAL C 377 3.92 -59.62 0.91
CA VAL C 377 4.27 -58.24 0.53
C VAL C 377 3.96 -58.03 -0.95
N PHE C 378 3.15 -57.00 -1.28
CA PHE C 378 2.77 -56.74 -2.67
C PHE C 378 3.01 -55.30 -3.12
N LEU C 379 3.65 -55.13 -4.29
CA LEU C 379 3.91 -53.81 -4.86
C LEU C 379 2.76 -53.41 -5.78
N LYS C 380 1.76 -52.74 -5.19
CA LYS C 380 0.53 -52.31 -5.84
C LYS C 380 0.65 -51.17 -6.88
N GLY C 381 1.86 -50.66 -7.14
CA GLY C 381 2.11 -49.58 -8.11
C GLY C 381 1.45 -48.25 -7.78
N TYR C 382 1.77 -47.15 -8.52
CA TYR C 382 1.21 -45.78 -8.23
C TYR C 382 -0.34 -45.71 -8.08
N THR C 383 -0.82 -44.77 -7.28
CA THR C 383 -2.26 -44.55 -7.09
C THR C 383 -2.64 -43.07 -7.12
N THR C 384 -3.70 -42.74 -7.90
CA THR C 384 -4.23 -41.38 -8.08
C THR C 384 -5.33 -41.10 -7.04
N THR C 385 -5.66 -42.14 -6.25
CA THR C 385 -6.66 -42.14 -5.17
C THR C 385 -6.04 -42.64 -3.84
N PRO C 386 -4.94 -42.05 -3.28
CA PRO C 386 -4.39 -42.56 -2.01
C PRO C 386 -5.44 -42.68 -0.91
N GLN C 387 -6.39 -41.72 -0.83
CA GLN C 387 -7.50 -41.70 0.14
C GLN C 387 -8.27 -43.03 0.12
N LYS C 388 -8.51 -43.60 -1.09
CA LYS C 388 -9.22 -44.86 -1.31
C LYS C 388 -8.44 -46.07 -0.81
N CYS C 389 -7.10 -46.09 -1.03
CA CYS C 389 -6.22 -47.18 -0.61
C CYS C 389 -6.11 -47.23 0.91
N LEU C 390 -6.10 -46.04 1.55
CA LEU C 390 -6.00 -45.86 2.99
C LEU C 390 -7.10 -46.54 3.77
N GLU C 391 -8.30 -46.66 3.16
CA GLU C 391 -9.47 -47.33 3.75
C GLU C 391 -9.14 -48.80 4.06
N ASP C 392 -8.40 -49.43 3.13
CA ASP C 392 -8.02 -50.85 3.15
C ASP C 392 -6.92 -51.24 4.17
N PHE C 393 -6.24 -50.25 4.81
CA PHE C 393 -5.15 -50.52 5.77
C PHE C 393 -5.59 -50.48 7.23
N LYS C 394 -4.99 -51.33 8.08
CA LYS C 394 -5.26 -51.36 9.53
C LYS C 394 -4.39 -50.26 10.18
N LEU C 395 -3.15 -50.13 9.68
CA LEU C 395 -2.14 -49.16 10.10
C LEU C 395 -1.21 -48.83 8.93
N VAL C 396 -0.44 -47.74 9.07
CA VAL C 396 0.53 -47.30 8.09
C VAL C 396 1.91 -47.29 8.76
N VAL C 397 2.96 -47.53 7.99
CA VAL C 397 4.33 -47.57 8.46
C VAL C 397 5.27 -46.61 7.67
N SER C 398 6.32 -46.10 8.33
CA SER C 398 7.32 -45.22 7.71
C SER C 398 8.73 -45.58 8.11
N THR C 399 9.51 -46.01 7.13
CA THR C 399 10.91 -46.38 7.29
C THR C 399 11.76 -45.23 6.80
N SER C 400 11.12 -44.21 6.22
CA SER C 400 11.80 -43.02 5.69
C SER C 400 12.85 -42.46 6.67
N GLN C 401 14.07 -42.22 6.17
CA GLN C 401 15.26 -41.76 6.92
C GLN C 401 15.42 -40.23 7.00
N TYR C 402 15.02 -39.54 5.95
CA TYR C 402 15.07 -38.09 5.83
C TYR C 402 13.68 -37.66 5.37
N GLU C 403 13.18 -36.53 5.92
CA GLU C 403 11.87 -35.98 5.59
C GLU C 403 11.77 -34.50 5.94
N GLY C 404 10.94 -33.76 5.21
CA GLY C 404 10.70 -32.34 5.46
C GLY C 404 9.65 -32.14 6.54
N GLN C 405 8.56 -32.94 6.41
CA GLN C 405 7.39 -33.01 7.29
C GLN C 405 6.70 -34.39 7.17
N GLY C 406 6.55 -34.89 5.95
CA GLY C 406 5.93 -36.20 5.70
C GLY C 406 4.42 -36.18 5.69
N LEU C 407 3.85 -35.73 4.55
CA LEU C 407 2.41 -35.63 4.33
C LEU C 407 1.72 -36.98 4.27
N SER C 408 2.36 -38.02 3.65
CA SER C 408 1.77 -39.38 3.55
C SER C 408 1.32 -39.90 4.91
N MET C 409 2.15 -39.65 5.97
CA MET C 409 1.90 -39.98 7.37
C MET C 409 0.73 -39.13 7.87
N ILE C 410 0.76 -37.80 7.61
CA ILE C 410 -0.32 -36.90 8.05
C ILE C 410 -1.66 -37.36 7.45
N GLU C 411 -1.65 -37.67 6.13
CA GLU C 411 -2.79 -38.16 5.36
C GLU C 411 -3.41 -39.40 6.00
N ALA C 412 -2.55 -40.38 6.38
CA ALA C 412 -2.95 -41.63 7.03
C ALA C 412 -3.65 -41.32 8.34
N MET C 413 -3.06 -40.42 9.15
CA MET C 413 -3.61 -40.02 10.44
C MET C 413 -5.00 -39.34 10.29
N ILE C 414 -5.15 -38.47 9.26
CA ILE C 414 -6.41 -37.79 8.94
C ILE C 414 -7.45 -38.84 8.58
N SER C 415 -7.09 -39.86 7.78
CA SER C 415 -8.04 -40.92 7.46
C SER C 415 -8.13 -42.04 8.52
N LYS C 416 -7.94 -41.66 9.81
CA LYS C 416 -8.05 -42.51 11.00
C LYS C 416 -7.20 -43.79 10.97
N ARG C 417 -5.98 -43.68 10.44
CA ARG C 417 -5.03 -44.79 10.36
C ARG C 417 -3.73 -44.48 11.16
N PRO C 418 -3.44 -45.22 12.26
CA PRO C 418 -2.24 -44.90 13.06
C PRO C 418 -0.95 -45.17 12.29
N VAL C 419 0.13 -44.40 12.63
CA VAL C 419 1.43 -44.54 11.95
C VAL C 419 2.52 -45.03 12.88
N VAL C 420 3.22 -46.09 12.47
CA VAL C 420 4.40 -46.63 13.15
C VAL C 420 5.55 -46.11 12.31
N ALA C 421 6.41 -45.26 12.87
CA ALA C 421 7.47 -44.64 12.10
C ALA C 421 8.76 -44.39 12.87
N PHE C 422 9.89 -44.32 12.16
CA PHE C 422 11.17 -44.01 12.76
C PHE C 422 11.21 -42.53 13.13
N ASP C 423 11.61 -42.19 14.39
CA ASP C 423 11.74 -40.81 14.84
C ASP C 423 12.96 -40.26 14.12
N ILE C 424 12.71 -39.44 13.10
CA ILE C 424 13.74 -38.85 12.24
C ILE C 424 13.58 -37.33 12.09
N LYS C 425 14.55 -36.72 11.36
CA LYS C 425 14.55 -35.32 11.00
C LYS C 425 13.94 -35.27 9.61
N TYR C 426 12.74 -34.66 9.44
CA TYR C 426 11.95 -33.93 10.43
C TYR C 426 10.46 -34.25 10.23
N GLY C 427 9.67 -34.18 11.31
CA GLY C 427 8.23 -34.43 11.20
C GLY C 427 7.59 -35.48 12.09
N PRO C 428 7.97 -36.78 12.01
CA PRO C 428 7.31 -37.81 12.83
C PRO C 428 7.11 -37.41 14.29
N SER C 429 8.19 -36.91 14.93
CA SER C 429 8.25 -36.42 16.31
C SER C 429 7.14 -35.41 16.58
N ASP C 430 6.94 -34.43 15.66
CA ASP C 430 5.97 -33.34 15.74
C ASP C 430 4.51 -33.78 15.91
N PHE C 431 3.99 -34.64 15.01
CA PHE C 431 2.59 -35.08 15.04
C PHE C 431 2.26 -36.39 15.77
N ILE C 432 3.24 -37.33 15.90
CA ILE C 432 3.06 -38.59 16.61
C ILE C 432 3.26 -38.42 18.12
N GLU C 433 2.30 -38.92 18.88
CA GLU C 433 2.35 -38.99 20.34
C GLU C 433 2.54 -40.49 20.62
N ASP C 434 3.78 -40.92 20.94
CA ASP C 434 4.03 -42.35 21.17
C ASP C 434 3.06 -42.92 22.22
N ASN C 435 2.48 -44.08 21.87
CA ASN C 435 1.49 -44.83 22.64
C ASN C 435 0.18 -44.05 22.83
N LYS C 436 -0.16 -43.14 21.88
CA LYS C 436 -1.40 -42.36 21.97
C LYS C 436 -2.20 -42.32 20.67
N ASN C 437 -1.52 -42.16 19.52
CA ASN C 437 -2.10 -42.08 18.18
C ASN C 437 -1.20 -42.84 17.15
N GLY C 438 -0.22 -43.54 17.69
CA GLY C 438 0.75 -44.32 16.95
C GLY C 438 1.97 -44.62 17.78
N TYR C 439 2.95 -45.24 17.15
CA TYR C 439 4.19 -45.57 17.80
C TYR C 439 5.31 -44.90 17.06
N LEU C 440 6.18 -44.24 17.82
CA LEU C 440 7.38 -43.57 17.34
C LEU C 440 8.58 -44.47 17.74
N ILE C 441 9.23 -45.10 16.72
CA ILE C 441 10.34 -46.06 16.83
C ILE C 441 11.67 -45.35 16.71
N GLU C 442 12.70 -45.81 17.46
CA GLU C 442 14.07 -45.29 17.40
C GLU C 442 14.54 -45.56 15.98
N ASN C 443 15.17 -44.58 15.33
CA ASN C 443 15.63 -44.77 13.94
C ASN C 443 16.56 -45.97 13.77
N HIS C 444 16.27 -46.76 12.72
CA HIS C 444 16.93 -48.00 12.29
C HIS C 444 16.65 -49.24 13.12
N ASN C 445 15.99 -49.10 14.29
CA ASN C 445 15.62 -50.21 15.15
C ASN C 445 14.46 -51.03 14.54
N ILE C 446 14.79 -51.81 13.50
CA ILE C 446 13.83 -52.62 12.75
C ILE C 446 13.15 -53.69 13.57
N ASN C 447 13.86 -54.25 14.58
CA ASN C 447 13.36 -55.27 15.48
C ASN C 447 12.25 -54.72 16.36
N ASP C 448 12.44 -53.53 16.95
CA ASP C 448 11.42 -52.89 17.80
C ASP C 448 10.22 -52.41 16.98
N MET C 449 10.46 -51.92 15.73
CA MET C 449 9.38 -51.48 14.84
C MET C 449 8.50 -52.68 14.56
N ALA C 450 9.12 -53.83 14.19
CA ALA C 450 8.46 -55.10 13.91
C ALA C 450 7.56 -55.52 15.06
N ASP C 451 8.03 -55.39 16.31
CA ASP C 451 7.30 -55.74 17.52
C ASP C 451 6.07 -54.86 17.71
N LYS C 452 6.23 -53.53 17.53
CA LYS C 452 5.13 -52.55 17.65
C LYS C 452 4.10 -52.75 16.58
N ILE C 453 4.52 -53.20 15.38
CA ILE C 453 3.60 -53.49 14.28
C ILE C 453 2.74 -54.68 14.68
N LEU C 454 3.38 -55.76 15.18
CA LEU C 454 2.67 -56.96 15.63
C LEU C 454 1.69 -56.64 16.75
N GLN C 455 2.07 -55.73 17.68
CA GLN C 455 1.25 -55.28 18.81
C GLN C 455 -0.07 -54.69 18.30
N LEU C 456 0.05 -53.72 17.37
CA LEU C 456 -1.06 -52.98 16.80
C LEU C 456 -1.90 -53.76 15.80
N VAL C 457 -1.26 -54.60 14.96
CA VAL C 457 -1.95 -55.38 13.92
C VAL C 457 -2.79 -56.56 14.46
N ASN C 458 -2.62 -56.93 15.75
CA ASN C 458 -3.37 -58.01 16.38
C ASN C 458 -4.46 -57.48 17.30
N ASN C 459 -4.26 -56.26 17.87
CA ASN C 459 -5.21 -55.58 18.75
C ASN C 459 -6.05 -54.59 17.92
N ASP C 460 -7.30 -54.99 17.59
CA ASP C 460 -8.23 -54.22 16.76
C ASP C 460 -8.78 -52.97 17.45
N VAL C 461 -8.83 -52.99 18.78
CA VAL C 461 -9.32 -51.87 19.59
C VAL C 461 -8.29 -50.73 19.62
N LEU C 462 -6.99 -51.09 19.77
CA LEU C 462 -5.88 -50.14 19.80
C LEU C 462 -5.73 -49.43 18.46
N ALA C 463 -5.75 -50.19 17.36
CA ALA C 463 -5.66 -49.69 15.99
C ALA C 463 -6.79 -48.68 15.71
N ALA C 464 -7.98 -48.90 16.34
CA ALA C 464 -9.16 -48.06 16.23
C ALA C 464 -9.01 -46.81 17.10
N GLU C 465 -8.55 -46.97 18.35
CA GLU C 465 -8.34 -45.87 19.31
C GLU C 465 -7.21 -44.93 18.87
N PHE C 466 -6.11 -45.51 18.37
CA PHE C 466 -4.97 -44.72 17.89
C PHE C 466 -5.34 -43.88 16.68
N GLY C 467 -5.99 -44.51 15.69
CA GLY C 467 -6.44 -43.86 14.46
C GLY C 467 -7.39 -42.70 14.69
N SER C 468 -8.26 -42.82 15.71
CA SER C 468 -9.21 -41.78 16.13
C SER C 468 -8.48 -40.58 16.72
N LYS C 469 -7.57 -40.80 17.71
CA LYS C 469 -6.78 -39.75 18.36
C LYS C 469 -5.82 -39.06 17.40
N ALA C 470 -5.42 -39.77 16.32
CA ALA C 470 -4.53 -39.30 15.25
C ALA C 470 -5.24 -38.23 14.44
N ARG C 471 -6.49 -38.49 14.00
CA ARG C 471 -7.28 -37.53 13.25
C ARG C 471 -7.49 -36.29 14.10
N GLU C 472 -7.90 -36.46 15.39
CA GLU C 472 -8.11 -35.38 16.36
C GLU C 472 -6.88 -34.48 16.44
N ASN C 473 -5.68 -35.08 16.68
CA ASN C 473 -4.41 -34.37 16.80
C ASN C 473 -4.07 -33.49 15.60
N ILE C 474 -4.38 -33.96 14.37
CA ILE C 474 -4.07 -33.18 13.16
C ILE C 474 -4.93 -31.93 13.08
N ILE C 475 -6.26 -32.10 13.24
CA ILE C 475 -7.25 -31.03 13.21
C ILE C 475 -6.85 -29.94 14.20
N GLU C 476 -6.39 -30.35 15.38
CA GLU C 476 -5.93 -29.54 16.49
C GLU C 476 -4.68 -28.70 16.14
N LYS C 477 -3.51 -29.37 15.94
CA LYS C 477 -2.20 -28.76 15.65
C LYS C 477 -2.07 -28.02 14.31
N TYR C 478 -2.64 -28.59 13.25
CA TYR C 478 -2.51 -28.08 11.89
C TYR C 478 -3.77 -27.40 11.31
N SER C 479 -4.38 -26.49 12.11
CA SER C 479 -5.57 -25.74 11.72
C SER C 479 -5.27 -24.75 10.60
N THR C 480 -5.99 -24.89 9.47
CA THR C 480 -5.90 -24.08 8.25
C THR C 480 -5.91 -22.57 8.54
N GLU C 481 -6.68 -22.16 9.55
CA GLU C 481 -6.79 -20.79 10.04
C GLU C 481 -5.42 -20.26 10.54
N SER C 482 -4.78 -20.99 11.49
CA SER C 482 -3.50 -20.62 12.08
C SER C 482 -2.35 -20.58 11.09
N ILE C 483 -2.33 -21.52 10.09
CA ILE C 483 -1.29 -21.63 9.06
C ILE C 483 -1.36 -20.40 8.14
N LEU C 484 -2.56 -20.06 7.63
CA LEU C 484 -2.80 -18.92 6.78
C LEU C 484 -2.45 -17.62 7.49
N GLU C 485 -2.67 -17.58 8.81
CA GLU C 485 -2.34 -16.44 9.66
C GLU C 485 -0.82 -16.19 9.65
N LYS C 486 -0.01 -17.27 9.68
CA LYS C 486 1.46 -17.21 9.66
C LYS C 486 1.96 -16.58 8.35
N TRP C 487 1.38 -17.01 7.20
CA TRP C 487 1.69 -16.52 5.86
C TRP C 487 1.39 -15.04 5.73
N LEU C 488 0.17 -14.65 6.13
CA LEU C 488 -0.35 -13.29 6.08
C LEU C 488 0.49 -12.30 6.91
N ASN C 489 1.15 -12.79 7.98
CA ASN C 489 2.04 -12.00 8.83
C ASN C 489 3.26 -11.57 8.04
N LEU C 490 3.81 -12.50 7.24
CA LEU C 490 4.99 -12.29 6.39
C LEU C 490 4.66 -11.28 5.29
N PHE C 491 3.51 -11.48 4.61
CA PHE C 491 3.01 -10.65 3.50
C PHE C 491 2.74 -9.20 3.89
N ASN C 492 2.41 -8.98 5.17
CA ASN C 492 2.13 -7.66 5.69
C ASN C 492 3.24 -7.30 6.70
N SER C 493 4.39 -6.84 6.17
CA SER C 493 5.55 -6.48 6.97
C SER C 493 6.21 -5.18 6.47
N MET D 1 -10.63 -1.78 48.98
CA MET D 1 -9.60 -1.81 47.93
C MET D 1 -8.23 -1.21 48.35
N LYS D 2 -7.40 -2.06 48.97
CA LYS D 2 -6.07 -1.64 49.42
C LYS D 2 -5.12 -1.50 48.22
N LYS D 3 -4.14 -0.59 48.33
CA LYS D 3 -3.09 -0.33 47.34
C LYS D 3 -1.78 -0.04 48.09
N ILE D 4 -0.73 -0.80 47.77
CA ILE D 4 0.59 -0.74 48.40
C ILE D 4 1.65 0.01 47.59
N PHE D 5 2.59 0.67 48.28
CA PHE D 5 3.70 1.43 47.71
C PHE D 5 4.96 1.04 48.48
N MET D 6 5.88 0.34 47.80
CA MET D 6 7.15 -0.15 48.37
C MET D 6 8.32 0.76 48.00
N MET D 7 8.83 1.49 49.00
CA MET D 7 9.90 2.47 48.86
C MET D 7 11.30 1.91 48.89
N VAL D 8 12.08 2.24 47.88
CA VAL D 8 13.48 1.89 47.76
C VAL D 8 14.17 3.01 47.01
N HIS D 9 15.45 3.26 47.29
CA HIS D 9 16.12 4.35 46.62
C HIS D 9 16.23 4.18 45.13
N GLU D 10 16.61 2.98 44.67
CA GLU D 10 16.76 2.71 43.24
C GLU D 10 16.53 1.25 42.88
N LEU D 11 16.33 0.99 41.58
CA LEU D 11 16.24 -0.36 41.03
C LEU D 11 17.29 -0.50 39.94
N ASP D 12 18.01 -1.65 39.94
CA ASP D 12 19.00 -1.98 38.92
C ASP D 12 18.98 -3.49 38.53
N VAL D 13 19.82 -3.85 37.56
CA VAL D 13 19.89 -5.19 36.98
C VAL D 13 20.93 -6.10 37.67
N ASN D 14 21.78 -5.51 38.52
CA ASN D 14 22.86 -6.18 39.23
C ASN D 14 22.69 -6.26 40.79
N LYS D 15 21.46 -5.91 41.29
CA LYS D 15 21.07 -5.82 42.72
C LYS D 15 20.92 -7.13 43.55
N GLY D 16 21.02 -6.97 44.87
CA GLY D 16 20.97 -8.04 45.86
C GLY D 16 19.64 -8.70 46.15
N GLY D 17 19.51 -9.18 47.38
CA GLY D 17 18.35 -9.91 47.90
C GLY D 17 17.20 -9.04 48.34
N MET D 18 17.49 -7.75 48.66
CA MET D 18 16.51 -6.75 49.10
C MET D 18 15.54 -6.42 47.97
N THR D 19 16.04 -6.34 46.72
CA THR D 19 15.21 -6.07 45.53
C THR D 19 14.48 -7.35 45.12
N SER D 20 15.17 -8.52 45.23
CA SER D 20 14.59 -9.83 44.93
C SER D 20 13.37 -10.06 45.83
N SER D 21 13.52 -9.66 47.11
CA SER D 21 12.52 -9.70 48.18
C SER D 21 11.28 -8.86 47.80
N MET D 22 11.51 -7.58 47.39
CA MET D 22 10.46 -6.63 46.99
C MET D 22 9.67 -7.15 45.80
N PHE D 23 10.36 -7.65 44.76
CA PHE D 23 9.73 -8.19 43.56
C PHE D 23 8.81 -9.35 43.86
N ASN D 24 9.24 -10.29 44.72
CA ASN D 24 8.45 -11.46 45.11
C ASN D 24 7.22 -11.06 45.92
N ARG D 25 7.40 -10.10 46.86
CA ARG D 25 6.35 -9.56 47.70
C ARG D 25 5.32 -8.83 46.84
N SER D 26 5.79 -8.14 45.77
CA SER D 26 4.95 -7.44 44.81
C SER D 26 4.07 -8.45 44.10
N LYS D 27 4.67 -9.56 43.57
CA LYS D 27 3.96 -10.65 42.87
C LYS D 27 2.89 -11.24 43.78
N GLU D 28 3.28 -11.56 45.03
CA GLU D 28 2.41 -12.17 46.02
C GLU D 28 1.18 -11.35 46.42
N PHE D 29 1.36 -10.01 46.53
CA PHE D 29 0.26 -9.11 46.84
C PHE D 29 -0.67 -8.94 45.65
N TYR D 30 -0.11 -8.86 44.43
CA TYR D 30 -0.90 -8.73 43.20
C TYR D 30 -1.79 -9.97 43.02
N ASP D 31 -1.27 -11.16 43.42
CA ASP D 31 -1.97 -12.45 43.43
C ASP D 31 -3.10 -12.43 44.47
N ALA D 32 -2.95 -11.58 45.51
CA ALA D 32 -3.91 -11.37 46.59
C ALA D 32 -4.85 -10.17 46.29
N ASP D 33 -4.81 -9.67 45.03
CA ASP D 33 -5.61 -8.54 44.50
C ASP D 33 -5.31 -7.18 45.15
N ILE D 34 -4.11 -7.04 45.72
CA ILE D 34 -3.64 -5.79 46.30
C ILE D 34 -2.50 -5.34 45.40
N PRO D 35 -2.64 -4.25 44.65
CA PRO D 35 -1.53 -3.79 43.80
C PRO D 35 -0.37 -3.21 44.62
N ALA D 36 0.79 -3.90 44.59
CA ALA D 36 1.99 -3.47 45.29
C ALA D 36 2.97 -2.95 44.25
N ASP D 37 3.28 -1.66 44.29
CA ASP D 37 4.18 -1.07 43.31
C ASP D 37 5.41 -0.47 43.94
N ILE D 38 6.47 -0.29 43.15
CA ILE D 38 7.72 0.24 43.68
C ILE D 38 7.90 1.72 43.38
N VAL D 39 8.41 2.47 44.39
CA VAL D 39 8.67 3.91 44.33
C VAL D 39 10.18 4.13 44.47
N THR D 40 10.80 4.87 43.52
CA THR D 40 12.25 5.17 43.53
C THR D 40 12.54 6.66 43.55
N PHE D 41 13.67 7.04 44.15
CA PHE D 41 14.05 8.44 44.36
C PHE D 41 15.35 8.91 43.72
N ASP D 42 15.78 8.24 42.63
CA ASP D 42 17.02 8.54 41.93
C ASP D 42 16.79 8.89 40.44
N TYR D 43 17.76 9.61 39.81
CA TYR D 43 17.69 9.91 38.37
C TYR D 43 18.45 8.83 37.60
N LYS D 44 17.83 8.32 36.54
CA LYS D 44 18.39 7.36 35.60
C LYS D 44 17.76 7.73 34.26
N GLY D 45 18.59 7.94 33.24
CA GLY D 45 18.10 8.30 31.91
C GLY D 45 17.42 7.12 31.24
N ASN D 46 18.00 5.94 31.41
CA ASN D 46 17.54 4.67 30.82
C ASN D 46 16.62 3.81 31.70
N TYR D 47 15.88 4.41 32.67
CA TYR D 47 15.01 3.60 33.54
C TYR D 47 14.12 2.59 32.82
N ASP D 48 13.47 3.03 31.72
CA ASP D 48 12.57 2.21 30.89
C ASP D 48 13.26 0.95 30.40
N GLU D 49 14.51 1.11 29.90
CA GLU D 49 15.37 0.04 29.42
C GLU D 49 15.61 -0.99 30.55
N ILE D 50 15.92 -0.49 31.79
CA ILE D 50 16.17 -1.32 32.99
C ILE D 50 14.93 -2.14 33.37
N ILE D 51 13.75 -1.50 33.42
CA ILE D 51 12.52 -2.21 33.79
C ILE D 51 12.27 -3.34 32.80
N LYS D 52 12.37 -3.02 31.47
CA LYS D 52 12.22 -4.00 30.39
C LYS D 52 13.12 -5.22 30.64
N ALA D 53 14.38 -4.96 31.03
CA ALA D 53 15.38 -5.99 31.35
C ALA D 53 14.93 -6.85 32.53
N LEU D 54 14.61 -6.22 33.68
CA LEU D 54 14.15 -6.89 34.91
C LEU D 54 12.90 -7.73 34.71
N LYS D 55 12.01 -7.29 33.82
CA LYS D 55 10.77 -8.01 33.52
C LYS D 55 11.01 -9.18 32.54
N LYS D 56 11.97 -9.04 31.59
CA LYS D 56 12.33 -10.07 30.60
C LYS D 56 12.96 -11.28 31.32
N GLN D 57 13.91 -11.00 32.24
CA GLN D 57 14.62 -11.98 33.08
C GLN D 57 13.63 -12.75 33.97
N GLY D 58 12.47 -12.16 34.22
CA GLY D 58 11.44 -12.71 35.10
C GLY D 58 11.66 -12.34 36.55
N LYS D 59 12.70 -11.51 36.83
CA LYS D 59 13.05 -11.05 38.17
C LYS D 59 11.92 -10.18 38.74
N MET D 60 11.41 -9.25 37.92
CA MET D 60 10.31 -8.33 38.23
C MET D 60 9.04 -8.82 37.54
N ASP D 61 7.89 -8.84 38.26
CA ASP D 61 6.62 -9.25 37.67
C ASP D 61 6.14 -8.18 36.69
N ARG D 62 5.47 -8.59 35.60
CA ARG D 62 5.00 -7.67 34.56
C ARG D 62 3.95 -6.69 35.08
N ARG D 63 3.16 -7.13 36.08
CA ARG D 63 2.09 -6.36 36.75
C ARG D 63 2.64 -5.15 37.54
N THR D 64 3.75 -5.36 38.27
CA THR D 64 4.38 -4.31 39.09
C THR D 64 4.86 -3.06 38.30
N LYS D 65 4.40 -1.87 38.74
CA LYS D 65 4.74 -0.56 38.18
C LYS D 65 5.89 0.03 39.03
N MET D 66 6.70 0.92 38.42
CA MET D 66 7.75 1.59 39.17
C MET D 66 7.59 3.09 39.10
N TYR D 67 7.07 3.68 40.19
CA TYR D 67 6.87 5.12 40.29
C TYR D 67 8.22 5.79 40.63
N ASN D 68 8.59 6.85 39.92
CA ASN D 68 9.84 7.55 40.19
C ASN D 68 9.64 9.05 40.23
N VAL D 69 10.21 9.69 41.26
CA VAL D 69 10.12 11.14 41.50
C VAL D 69 10.44 12.01 40.28
N PHE D 70 11.58 11.75 39.61
CA PHE D 70 12.00 12.53 38.44
C PHE D 70 11.05 12.29 37.29
N GLU D 71 10.66 11.03 37.06
CA GLU D 71 9.73 10.73 35.98
C GLU D 71 8.37 11.39 36.17
N TYR D 72 7.95 11.58 37.43
CA TYR D 72 6.69 12.24 37.75
C TYR D 72 6.70 13.68 37.27
N PHE D 73 7.81 14.38 37.50
CA PHE D 73 7.94 15.76 37.07
C PHE D 73 8.23 15.86 35.59
N LYS D 74 8.99 14.86 35.01
CA LYS D 74 9.29 14.82 33.58
C LYS D 74 7.92 14.75 32.86
N GLN D 75 7.01 13.90 33.41
CA GLN D 75 5.65 13.74 32.89
C GLN D 75 4.87 15.07 32.87
N ILE D 76 5.00 15.91 33.91
CA ILE D 76 4.34 17.22 33.98
C ILE D 76 4.85 18.13 32.87
N SER D 77 6.18 18.31 32.76
CA SER D 77 6.81 19.16 31.74
C SER D 77 6.43 18.68 30.34
N ASN D 78 6.45 17.33 30.14
CA ASN D 78 6.10 16.71 28.87
C ASN D 78 4.77 17.23 28.35
N ASN D 79 3.71 17.10 29.16
CA ASN D 79 2.34 17.51 28.84
C ASN D 79 2.11 19.01 28.88
N LYS D 80 3.01 19.75 29.57
CA LYS D 80 2.96 21.22 29.70
C LYS D 80 3.19 21.87 28.33
N HIS D 81 4.17 21.34 27.58
CA HIS D 81 4.63 21.79 26.27
C HIS D 81 4.03 20.96 25.15
N PHE D 82 4.04 21.50 23.93
CA PHE D 82 3.49 20.83 22.73
C PHE D 82 4.30 21.14 21.48
N LYS D 83 5.32 21.99 21.63
CA LYS D 83 6.31 22.36 20.64
C LYS D 83 7.64 21.82 21.24
N SER D 84 8.62 21.48 20.40
CA SER D 84 9.92 20.98 20.89
C SER D 84 10.83 22.13 21.36
N ASN D 85 11.79 21.83 22.27
CA ASN D 85 12.75 22.84 22.73
C ASN D 85 13.88 22.98 21.70
N LYS D 86 13.52 23.44 20.49
CA LYS D 86 14.43 23.60 19.37
C LYS D 86 15.60 24.52 19.73
N LEU D 87 15.32 25.49 20.63
CA LEU D 87 16.27 26.49 21.09
C LEU D 87 17.51 25.94 21.79
N LEU D 88 17.32 24.87 22.59
CA LEU D 88 18.41 24.22 23.30
C LEU D 88 19.35 23.55 22.30
N TYR D 89 18.78 22.82 21.32
CA TYR D 89 19.57 22.17 20.30
C TYR D 89 20.33 23.18 19.51
N LYS D 90 19.70 24.34 19.15
CA LYS D 90 20.39 25.45 18.45
C LYS D 90 21.52 26.00 19.35
N HIS D 91 21.28 26.08 20.66
CA HIS D 91 22.30 26.53 21.59
C HIS D 91 23.58 25.67 21.56
N ILE D 92 23.41 24.32 21.57
CA ILE D 92 24.49 23.33 21.49
C ILE D 92 25.18 23.42 20.09
N SER D 93 24.37 23.49 19.00
CA SER D 93 24.78 23.58 17.60
C SER D 93 25.67 24.78 17.38
N GLU D 94 25.23 25.95 17.87
CA GLU D 94 25.93 27.21 17.75
C GLU D 94 27.28 27.17 18.40
N ARG D 95 27.39 26.49 19.57
CA ARG D 95 28.65 26.37 20.30
C ARG D 95 29.72 25.64 19.46
N LEU D 96 29.27 24.74 18.56
CA LEU D 96 30.15 23.92 17.72
C LEU D 96 30.38 24.47 16.30
N LYS D 97 29.82 25.66 16.01
CA LYS D 97 29.77 26.30 14.70
C LYS D 97 31.04 26.52 13.85
N ASN D 98 32.20 26.76 14.45
CA ASN D 98 33.31 27.06 13.54
C ASN D 98 34.55 26.30 13.91
N THR D 99 34.40 24.98 13.92
CA THR D 99 35.42 24.05 14.39
C THR D 99 36.02 23.12 13.36
N ILE D 100 37.15 22.51 13.73
CA ILE D 100 37.87 21.48 13.00
C ILE D 100 37.84 20.22 13.86
N GLU D 101 37.65 19.05 13.23
CA GLU D 101 37.49 17.82 13.99
C GLU D 101 38.74 16.92 14.04
N ILE D 102 39.18 16.59 15.24
CA ILE D 102 40.26 15.65 15.36
C ILE D 102 39.69 14.39 15.99
N GLU D 103 39.76 13.28 15.23
CA GLU D 103 39.28 11.97 15.65
C GLU D 103 40.27 11.31 16.59
N GLU D 104 39.75 10.63 17.65
CA GLU D 104 40.56 9.86 18.60
C GLU D 104 40.36 8.37 18.27
N SER D 105 39.27 7.78 18.79
CA SER D 105 38.88 6.38 18.60
C SER D 105 37.79 6.39 17.54
N LYS D 106 36.82 5.48 17.69
CA LYS D 106 35.71 5.36 16.75
C LYS D 106 34.74 6.49 17.04
N GLY D 107 33.92 6.34 18.08
CA GLY D 107 32.94 7.37 18.42
C GLY D 107 33.53 8.62 19.02
N ILE D 108 34.84 8.66 19.20
CA ILE D 108 35.50 9.78 19.87
C ILE D 108 36.16 10.75 18.96
N SER D 109 35.82 12.05 19.15
CA SER D 109 36.30 13.19 18.38
C SER D 109 36.35 14.49 19.20
N ARG D 110 37.31 15.38 18.86
CA ARG D 110 37.48 16.67 19.52
C ARG D 110 37.38 17.77 18.49
N TYR D 111 36.83 18.90 18.91
CA TYR D 111 36.58 20.05 18.05
C TYR D 111 37.32 21.29 18.51
N PHE D 112 38.01 21.91 17.60
CA PHE D 112 38.83 23.08 17.86
C PHE D 112 38.43 24.25 16.95
N ASP D 113 38.33 25.50 17.51
CA ASP D 113 37.99 26.69 16.70
C ASP D 113 38.95 26.91 15.49
N ILE D 114 38.38 27.08 14.27
CA ILE D 114 39.20 27.25 13.05
C ILE D 114 39.98 28.54 13.10
N THR D 115 39.38 29.57 13.72
CA THR D 115 40.00 30.88 13.75
C THR D 115 40.96 31.06 14.90
N THR D 116 40.69 30.42 16.02
CA THR D 116 41.47 30.59 17.24
C THR D 116 42.29 29.41 17.79
N GLY D 117 41.88 28.19 17.46
CA GLY D 117 42.60 27.02 17.93
C GLY D 117 42.15 26.49 19.28
N THR D 118 41.28 27.23 19.93
CA THR D 118 40.74 26.89 21.21
C THR D 118 40.04 25.55 21.18
N TYR D 119 40.36 24.69 22.16
CA TYR D 119 39.66 23.42 22.35
C TYR D 119 38.21 23.78 22.79
N ILE D 120 37.23 23.44 21.93
CA ILE D 120 35.80 23.73 22.11
C ILE D 120 35.00 22.61 22.78
N ALA D 121 35.11 21.38 22.24
CA ALA D 121 34.33 20.24 22.70
C ALA D 121 34.95 18.88 22.47
N TYR D 122 34.42 17.87 23.21
CA TYR D 122 34.74 16.45 23.13
C TYR D 122 33.41 15.67 22.89
N ILE D 123 33.35 14.89 21.81
CA ILE D 123 32.15 14.12 21.59
C ILE D 123 32.43 12.64 21.53
N ARG D 124 31.64 11.82 22.26
CA ARG D 124 31.73 10.37 22.32
C ARG D 124 30.36 9.77 21.94
N LYS D 125 30.25 9.21 20.71
CA LYS D 125 29.03 8.62 20.14
C LYS D 125 29.08 7.11 20.34
N SER D 126 27.93 6.52 20.70
CA SER D 126 27.80 5.09 21.02
C SER D 126 26.40 4.57 20.64
N LYS D 127 26.11 4.49 19.31
CA LYS D 127 24.84 4.01 18.75
C LYS D 127 23.58 4.83 19.10
N SER D 128 23.14 4.77 20.38
CA SER D 128 21.95 5.45 20.93
C SER D 128 22.40 6.65 21.80
N GLU D 129 23.36 6.40 22.70
CA GLU D 129 23.95 7.37 23.62
C GLU D 129 25.03 8.22 22.94
N LYS D 130 25.13 9.49 23.34
CA LYS D 130 26.13 10.46 22.89
C LYS D 130 26.38 11.41 24.04
N VAL D 131 27.62 11.84 24.18
CA VAL D 131 28.01 12.77 25.22
C VAL D 131 28.81 13.93 24.64
N ILE D 132 28.45 15.17 24.99
CA ILE D 132 29.17 16.33 24.50
C ILE D 132 29.74 17.05 25.70
N ASP D 133 31.06 17.19 25.71
CA ASP D 133 31.77 17.90 26.76
C ASP D 133 32.23 19.24 26.23
N PHE D 134 31.76 20.33 26.85
CA PHE D 134 32.17 21.69 26.46
C PHE D 134 33.26 22.23 27.38
N PHE D 135 34.22 23.00 26.82
CA PHE D 135 35.40 23.54 27.49
C PHE D 135 35.52 25.04 27.50
N LYS D 136 35.96 25.55 28.62
CA LYS D 136 36.25 26.96 28.76
C LYS D 136 37.60 27.03 29.41
N ASP D 137 38.53 27.68 28.71
CA ASP D 137 39.92 27.89 29.15
C ASP D 137 40.69 26.58 29.36
N ASN D 138 40.41 25.61 28.46
CA ASN D 138 41.01 24.27 28.32
C ASN D 138 40.55 23.31 29.40
N LYS D 139 39.55 23.74 30.21
CA LYS D 139 38.98 22.98 31.32
C LYS D 139 37.50 22.72 31.05
N ARG D 140 37.03 21.50 31.40
CA ARG D 140 35.65 21.13 31.13
C ARG D 140 34.66 21.82 32.05
N ILE D 141 33.62 22.44 31.46
CA ILE D 141 32.58 23.20 32.14
C ILE D 141 31.19 22.55 32.14
N GLU D 142 30.86 21.82 31.07
CA GLU D 142 29.58 21.15 31.00
C GLU D 142 29.53 19.91 30.14
N ARG D 143 28.59 19.00 30.46
CA ARG D 143 28.41 17.77 29.71
C ARG D 143 26.96 17.55 29.37
N PHE D 144 26.65 17.57 28.07
CA PHE D 144 25.33 17.28 27.56
C PHE D 144 25.24 15.79 27.22
N SER D 145 24.37 15.07 27.97
CA SER D 145 24.15 13.63 27.86
C SER D 145 22.89 13.39 27.06
N PHE D 146 23.00 12.58 26.01
CA PHE D 146 21.94 12.26 25.07
C PHE D 146 21.65 10.76 25.05
N ILE D 147 20.39 10.39 24.74
CA ILE D 147 19.90 9.03 24.53
C ILE D 147 19.00 9.14 23.32
N ASP D 148 19.33 8.40 22.26
CA ASP D 148 18.58 8.38 20.98
C ASP D 148 18.46 9.78 20.33
N ASN D 149 19.61 10.48 20.29
CA ASN D 149 19.83 11.83 19.77
C ASN D 149 19.02 12.96 20.44
N LYS D 150 18.43 12.64 21.60
CA LYS D 150 17.67 13.58 22.41
C LYS D 150 18.40 13.84 23.74
N VAL D 151 18.65 15.12 24.10
CA VAL D 151 19.35 15.53 25.34
C VAL D 151 18.42 15.28 26.54
N HIS D 152 18.93 14.59 27.59
CA HIS D 152 18.17 14.27 28.80
C HIS D 152 18.73 14.88 30.05
N MET D 153 20.05 15.14 30.09
CA MET D 153 20.69 15.67 31.28
C MET D 153 21.86 16.58 30.91
N LYS D 154 22.16 17.57 31.78
CA LYS D 154 23.29 18.46 31.64
C LYS D 154 23.97 18.59 33.00
N GLU D 155 25.28 18.33 33.03
CA GLU D 155 26.08 18.42 34.25
C GLU D 155 27.07 19.55 34.12
N THR D 156 27.21 20.35 35.17
CA THR D 156 28.15 21.47 35.24
C THR D 156 29.32 21.05 36.13
N PHE D 157 30.54 21.38 35.71
CA PHE D 157 31.72 20.95 36.43
C PHE D 157 32.50 22.08 37.05
N ASN D 158 33.20 21.79 38.15
CA ASN D 158 34.05 22.77 38.81
C ASN D 158 35.50 22.78 38.24
N VAL D 159 36.42 23.38 39.04
CA VAL D 159 37.84 23.50 38.70
C VAL D 159 38.54 22.18 38.85
N ASP D 160 37.96 21.32 39.68
CA ASP D 160 38.47 19.98 39.96
C ASP D 160 37.81 18.95 39.05
N ASN D 161 37.11 19.42 38.02
CA ASN D 161 36.39 18.60 37.05
C ASN D 161 35.38 17.63 37.71
N LYS D 162 34.71 18.11 38.76
CA LYS D 162 33.71 17.35 39.49
C LYS D 162 32.32 18.02 39.32
N VAL D 163 31.25 17.21 39.23
CA VAL D 163 29.90 17.74 39.06
C VAL D 163 29.48 18.55 40.27
N CYS D 164 28.93 19.72 40.04
CA CYS D 164 28.44 20.55 41.12
C CYS D 164 27.02 21.03 40.92
N TYR D 165 26.39 20.67 39.76
CA TYR D 165 25.03 21.06 39.36
C TYR D 165 24.53 20.18 38.18
N GLN D 166 23.25 19.77 38.24
CA GLN D 166 22.61 18.93 37.22
C GLN D 166 21.27 19.55 36.80
N VAL D 167 20.91 19.36 35.51
CA VAL D 167 19.68 19.82 34.87
C VAL D 167 19.09 18.63 34.14
N PHE D 168 17.78 18.40 34.29
CA PHE D 168 17.14 17.29 33.61
C PHE D 168 16.14 17.83 32.59
N TYR D 169 16.13 17.23 31.41
CA TYR D 169 15.28 17.64 30.30
C TYR D 169 14.22 16.61 30.00
N ASP D 170 13.02 17.09 29.64
CA ASP D 170 11.86 16.27 29.32
C ASP D 170 11.96 15.67 27.92
N GLU D 171 10.97 14.80 27.54
CA GLU D 171 10.88 14.13 26.23
C GLU D 171 10.85 15.17 25.10
N LYS D 172 10.55 16.44 25.42
CA LYS D 172 10.49 17.54 24.46
C LYS D 172 11.74 18.46 24.49
N GLY D 173 12.65 18.23 25.44
CA GLY D 173 13.90 18.98 25.53
C GLY D 173 13.97 20.12 26.53
N TYR D 174 12.92 20.31 27.35
CA TYR D 174 12.83 21.38 28.38
C TYR D 174 13.41 21.03 29.77
N PRO D 175 14.06 22.01 30.47
CA PRO D 175 14.53 21.75 31.85
C PRO D 175 13.34 21.63 32.82
N TYR D 176 13.20 20.49 33.49
CA TYR D 176 12.10 20.39 34.45
C TYR D 176 12.60 20.47 35.87
N ILE D 177 13.79 19.98 36.11
CA ILE D 177 14.43 19.99 37.42
C ILE D 177 15.90 20.31 37.24
N SER D 178 16.43 21.10 38.18
CA SER D 178 17.85 21.43 38.29
C SER D 178 18.21 21.29 39.77
N ARG D 179 19.46 20.87 40.05
CA ARG D 179 19.86 20.70 41.44
C ARG D 179 21.31 20.84 41.65
N ASN D 180 21.62 21.37 42.83
CA ASN D 180 22.99 21.52 43.26
C ASN D 180 23.53 20.19 43.73
N ILE D 181 24.79 19.90 43.39
CA ILE D 181 25.48 18.70 43.85
C ILE D 181 26.71 19.15 44.63
N ASN D 182 26.93 18.60 45.84
CA ASN D 182 28.14 18.89 46.59
C ASN D 182 29.26 18.13 45.88
N ALA D 183 30.23 18.85 45.30
CA ALA D 183 31.29 18.22 44.53
C ALA D 183 32.12 17.23 45.32
N ASN D 184 32.45 17.56 46.57
CA ASN D 184 33.25 16.73 47.47
C ASN D 184 32.69 15.31 47.69
N ASN D 185 31.49 15.22 48.31
CA ASN D 185 30.80 13.96 48.64
C ASN D 185 29.73 13.47 47.63
N GLY D 186 29.40 14.32 46.65
CA GLY D 186 28.38 14.02 45.66
C GLY D 186 26.94 14.08 46.17
N ALA D 187 26.71 14.81 47.27
CA ALA D 187 25.40 14.93 47.88
C ALA D 187 24.50 15.92 47.18
N VAL D 188 23.23 15.53 47.00
CA VAL D 188 22.21 16.41 46.41
C VAL D 188 21.77 17.48 47.41
N GLY D 189 21.97 18.73 47.03
CA GLY D 189 21.57 19.88 47.81
C GLY D 189 20.25 20.49 47.32
N LYS D 190 20.23 21.84 47.15
CA LYS D 190 19.05 22.59 46.66
C LYS D 190 18.54 22.04 45.35
N THR D 191 17.23 21.78 45.31
CA THR D 191 16.53 21.19 44.19
C THR D 191 15.50 22.19 43.71
N TYR D 192 15.51 22.48 42.43
CA TYR D 192 14.59 23.44 41.86
C TYR D 192 13.67 22.75 40.87
N VAL D 193 12.36 22.60 41.21
CA VAL D 193 11.43 22.04 40.23
C VAL D 193 10.95 23.18 39.32
N LEU D 194 11.73 23.37 38.26
CA LEU D 194 11.58 24.39 37.24
C LEU D 194 10.21 24.43 36.58
N VAL D 195 9.55 23.28 36.48
CA VAL D 195 8.22 23.20 35.87
C VAL D 195 7.11 23.80 36.70
N ASN D 196 7.35 23.91 38.00
CA ASN D 196 6.39 24.48 38.92
C ASN D 196 6.97 25.72 39.59
N LYS D 197 8.14 26.23 39.10
CA LYS D 197 8.87 27.39 39.66
C LYS D 197 8.89 27.33 41.22
N LYS D 198 9.28 26.13 41.77
CA LYS D 198 9.36 25.85 43.21
C LYS D 198 10.72 25.26 43.58
N GLU D 199 11.30 25.74 44.72
CA GLU D 199 12.58 25.25 45.24
C GLU D 199 12.39 24.35 46.42
N PHE D 200 13.37 23.47 46.66
CA PHE D 200 13.37 22.51 47.76
C PHE D 200 14.71 22.48 48.50
N LYS D 201 14.68 22.26 49.84
CA LYS D 201 15.91 22.22 50.65
C LYS D 201 16.93 21.20 50.12
N ASN D 202 16.46 19.99 49.81
CA ASN D 202 17.27 18.86 49.36
C ASN D 202 16.35 17.84 48.75
N ASN D 203 16.91 16.60 48.49
CA ASN D 203 16.10 15.53 47.88
C ASN D 203 15.00 15.05 48.80
N LEU D 204 15.31 14.92 50.11
CA LEU D 204 14.32 14.49 51.07
C LEU D 204 13.08 15.38 50.94
N ALA D 205 13.27 16.73 51.03
CA ALA D 205 12.20 17.75 50.93
C ALA D 205 11.27 17.52 49.72
N LEU D 206 11.89 17.17 48.59
CA LEU D 206 11.23 16.90 47.31
C LEU D 206 10.47 15.59 47.36
N CYS D 207 11.14 14.53 47.82
CA CYS D 207 10.52 13.22 47.90
C CYS D 207 9.33 13.20 48.81
N VAL D 208 9.40 13.97 49.91
CA VAL D 208 8.28 14.10 50.83
C VAL D 208 7.09 14.72 50.08
N TYR D 209 7.32 15.87 49.40
CA TYR D 209 6.32 16.55 48.56
C TYR D 209 5.78 15.56 47.52
N TYR D 210 6.69 14.79 46.86
CA TYR D 210 6.31 13.80 45.84
C TYR D 210 5.33 12.76 46.39
N LEU D 211 5.73 12.07 47.48
CA LEU D 211 4.93 11.05 48.13
C LEU D 211 3.57 11.59 48.54
N GLU D 212 3.53 12.81 49.11
CA GLU D 212 2.29 13.49 49.50
C GLU D 212 1.39 13.69 48.27
N LYS D 213 2.00 13.96 47.09
CA LYS D 213 1.21 14.12 45.87
C LYS D 213 0.83 12.77 45.21
N LEU D 214 1.72 11.78 45.30
CA LEU D 214 1.52 10.45 44.71
C LEU D 214 0.53 9.59 45.48
N ILE D 215 0.65 9.57 46.80
CA ILE D 215 -0.18 8.72 47.64
C ILE D 215 -1.37 9.48 48.25
N LYS D 216 -2.57 8.94 47.99
CA LYS D 216 -3.87 9.40 48.48
C LYS D 216 -3.86 9.20 50.02
N ASP D 217 -4.36 10.18 50.80
CA ASP D 217 -4.37 10.02 52.26
C ASP D 217 -5.59 9.15 52.76
N SER D 218 -5.73 7.95 52.18
CA SER D 218 -6.77 6.98 52.50
C SER D 218 -6.17 5.93 53.42
N LYS D 219 -7.00 5.30 54.27
CA LYS D 219 -6.57 4.22 55.18
C LYS D 219 -6.27 2.96 54.34
N ASP D 220 -6.80 2.93 53.10
CA ASP D 220 -6.59 1.88 52.11
C ASP D 220 -5.28 2.08 51.33
N SER D 221 -4.51 3.16 51.64
CA SER D 221 -3.20 3.45 51.03
C SER D 221 -2.13 2.99 52.00
N ILE D 222 -1.21 2.10 51.54
CA ILE D 222 -0.14 1.53 52.36
C ILE D 222 1.25 1.82 51.83
N MET D 223 2.13 2.38 52.69
CA MET D 223 3.54 2.68 52.41
C MET D 223 4.39 1.66 53.16
N ILE D 224 5.24 0.92 52.43
CA ILE D 224 6.19 -0.05 52.99
C ILE D 224 7.58 0.48 52.66
N CYS D 225 8.41 0.68 53.67
CA CYS D 225 9.73 1.20 53.42
C CYS D 225 10.82 0.17 53.61
N ASP D 226 11.33 -0.34 52.47
CA ASP D 226 12.38 -1.38 52.40
C ASP D 226 13.81 -0.84 52.54
N GLY D 227 14.09 0.23 51.82
CA GLY D 227 15.37 0.91 51.90
C GLY D 227 15.46 1.66 53.22
N PRO D 228 16.46 1.38 54.09
CA PRO D 228 16.54 2.09 55.37
C PRO D 228 16.84 3.58 55.24
N GLY D 229 17.50 3.97 54.15
CA GLY D 229 17.84 5.35 53.88
C GLY D 229 16.65 6.15 53.40
N SER D 230 15.71 5.45 52.76
CA SER D 230 14.46 5.97 52.22
C SER D 230 13.46 6.24 53.33
N PHE D 231 13.66 5.63 54.52
CA PHE D 231 12.79 5.77 55.68
C PHE D 231 12.32 7.19 55.98
N PRO D 232 13.21 8.20 56.16
CA PRO D 232 12.74 9.55 56.47
C PRO D 232 11.80 10.15 55.43
N LYS D 233 11.97 9.81 54.14
CA LYS D 233 11.10 10.26 53.05
C LYS D 233 9.65 9.79 53.35
N MET D 234 9.46 8.53 53.84
CA MET D 234 8.15 8.02 54.25
C MET D 234 7.69 8.63 55.58
N PHE D 235 8.59 8.63 56.58
CA PHE D 235 8.32 9.14 57.91
C PHE D 235 7.85 10.60 58.00
N ASN D 236 8.44 11.47 57.18
CA ASN D 236 8.13 12.90 57.18
C ASN D 236 6.88 13.35 56.42
N THR D 237 6.13 12.43 55.80
CA THR D 237 4.91 12.83 55.08
C THR D 237 3.78 13.27 56.02
N ASN D 238 2.99 14.24 55.56
CA ASN D 238 1.84 14.78 56.32
C ASN D 238 0.64 13.81 56.38
N HIS D 239 0.75 12.62 55.75
CA HIS D 239 -0.30 11.60 55.69
C HIS D 239 -0.83 11.25 57.07
N LYS D 240 -2.12 11.56 57.29
CA LYS D 240 -2.85 11.36 58.53
C LYS D 240 -3.54 10.00 58.63
N ASN D 241 -4.07 9.49 57.51
CA ASN D 241 -4.79 8.22 57.45
C ASN D 241 -4.04 7.06 56.80
N ALA D 242 -3.10 7.37 55.88
CA ALA D 242 -2.29 6.39 55.17
C ALA D 242 -1.43 5.58 56.15
N GLN D 243 -1.31 4.27 55.88
CA GLN D 243 -0.53 3.33 56.69
C GLN D 243 0.98 3.37 56.38
N LYS D 244 1.82 3.39 57.42
CA LYS D 244 3.26 3.47 57.27
C LYS D 244 3.99 2.31 57.96
N TYR D 245 4.66 1.48 57.16
CA TYR D 245 5.44 0.33 57.65
C TYR D 245 6.91 0.43 57.23
N GLY D 246 7.79 -0.04 58.10
CA GLY D 246 9.22 -0.09 57.87
C GLY D 246 9.71 -1.52 57.95
N VAL D 247 10.39 -2.01 56.90
CA VAL D 247 10.90 -3.39 56.92
C VAL D 247 12.40 -3.38 57.14
N ILE D 248 12.87 -4.13 58.16
CA ILE D 248 14.30 -4.26 58.46
C ILE D 248 14.80 -5.58 57.92
N HIS D 249 15.56 -5.52 56.81
CA HIS D 249 16.07 -6.69 56.11
C HIS D 249 17.34 -7.30 56.69
N VAL D 250 18.14 -6.53 57.45
CA VAL D 250 19.40 -7.07 58.01
C VAL D 250 19.48 -7.04 59.55
N ASN D 251 20.62 -7.51 60.08
CA ASN D 251 20.91 -7.51 61.51
C ASN D 251 21.05 -6.04 61.93
N HIS D 252 20.24 -5.61 62.91
CA HIS D 252 20.24 -4.21 63.35
C HIS D 252 21.51 -3.78 64.11
N HIS D 253 22.35 -4.73 64.53
CA HIS D 253 23.60 -4.39 65.23
C HIS D 253 24.65 -3.98 64.23
N GLU D 254 25.49 -3.01 64.62
CA GLU D 254 26.59 -2.50 63.80
C GLU D 254 27.56 -3.64 63.48
N ASN D 255 27.86 -3.81 62.18
CA ASN D 255 28.75 -4.87 61.67
C ASN D 255 30.17 -4.69 62.17
N PHE D 256 30.79 -5.82 62.62
CA PHE D 256 32.17 -5.91 63.12
C PHE D 256 32.39 -4.95 64.30
N ASP D 257 31.49 -5.01 65.29
CA ASP D 257 31.53 -4.13 66.45
C ASP D 257 31.18 -4.88 67.71
N ASP D 258 32.08 -4.76 68.71
CA ASP D 258 32.06 -5.39 70.03
C ASP D 258 31.60 -4.43 71.15
N THR D 259 31.38 -3.15 70.79
CA THR D 259 30.96 -2.05 71.68
C THR D 259 29.44 -2.07 71.98
N GLY D 260 28.71 -2.96 71.30
CA GLY D 260 27.26 -3.10 71.44
C GLY D 260 26.48 -1.97 70.77
N ALA D 261 27.05 -1.43 69.68
CA ALA D 261 26.48 -0.32 68.91
C ALA D 261 25.53 -0.86 67.83
N PHE D 262 24.63 0.00 67.36
CA PHE D 262 23.65 -0.33 66.32
C PHE D 262 23.90 0.41 65.03
N LYS D 263 23.35 -0.13 63.93
CA LYS D 263 23.39 0.51 62.63
C LYS D 263 22.55 1.78 62.78
N LYS D 264 23.14 2.93 62.41
CA LYS D 264 22.50 4.24 62.57
C LYS D 264 21.10 4.37 62.00
N SER D 265 20.92 3.99 60.73
CA SER D 265 19.64 4.02 60.03
C SER D 265 18.58 3.15 60.70
N GLU D 266 18.93 1.88 60.96
CA GLU D 266 18.08 0.88 61.61
C GLU D 266 17.66 1.32 62.98
N LYS D 267 18.60 1.91 63.76
CA LYS D 267 18.33 2.43 65.10
C LYS D 267 17.17 3.44 65.02
N TYR D 268 17.23 4.41 64.06
CA TYR D 268 16.19 5.43 63.83
C TYR D 268 14.83 4.81 63.51
N ILE D 269 14.82 3.79 62.61
CA ILE D 269 13.62 3.07 62.23
C ILE D 269 13.02 2.41 63.50
N ILE D 270 13.86 1.66 64.22
CA ILE D 270 13.47 0.97 65.45
C ILE D 270 12.94 1.92 66.52
N GLU D 271 13.67 3.00 66.80
CA GLU D 271 13.29 3.97 67.82
C GLU D 271 11.90 4.56 67.55
N ASN D 272 11.63 4.89 66.27
CA ASN D 272 10.36 5.49 65.85
C ASN D 272 9.25 4.49 65.52
N ALA D 273 9.45 3.18 65.85
CA ALA D 273 8.49 2.09 65.60
C ALA D 273 7.08 2.40 66.07
N ASN D 274 6.95 2.94 67.29
CA ASN D 274 5.64 3.28 67.87
C ASN D 274 4.95 4.46 67.15
N LYS D 275 5.71 5.36 66.52
CA LYS D 275 5.17 6.51 65.80
C LYS D 275 4.55 6.14 64.43
N ILE D 276 4.83 4.92 63.92
CA ILE D 276 4.26 4.41 62.65
C ILE D 276 3.36 3.19 62.89
N ASN D 277 2.80 2.60 61.83
CA ASN D 277 1.93 1.43 61.93
C ASN D 277 2.66 0.14 62.36
N GLY D 278 3.97 0.07 62.14
CA GLY D 278 4.77 -1.08 62.54
C GLY D 278 6.10 -1.24 61.81
N VAL D 279 7.09 -1.80 62.51
CA VAL D 279 8.42 -2.12 61.99
C VAL D 279 8.46 -3.64 61.84
N ILE D 280 8.82 -4.13 60.65
CA ILE D 280 8.84 -5.56 60.36
C ILE D 280 10.22 -6.12 60.28
N VAL D 281 10.45 -7.23 61.01
CA VAL D 281 11.70 -7.99 61.00
C VAL D 281 11.43 -9.39 60.47
N LEU D 282 12.48 -10.07 59.97
CA LEU D 282 12.35 -11.37 59.32
C LEU D 282 12.23 -12.62 60.22
N THR D 283 13.02 -12.65 61.31
CA THR D 283 13.12 -13.74 62.29
C THR D 283 12.48 -13.37 63.64
N GLU D 284 11.84 -14.36 64.30
CA GLU D 284 11.24 -14.13 65.61
C GLU D 284 12.33 -13.83 66.65
N ALA D 285 13.54 -14.34 66.36
CA ALA D 285 14.78 -14.16 67.10
C ALA D 285 15.15 -12.68 67.21
N GLN D 286 15.21 -11.98 66.04
CA GLN D 286 15.52 -10.54 65.93
C GLN D 286 14.49 -9.67 66.60
N ARG D 287 13.21 -10.09 66.53
CA ARG D 287 12.08 -9.41 67.15
C ARG D 287 12.33 -9.29 68.65
N LEU D 288 12.64 -10.44 69.29
CA LEU D 288 12.91 -10.52 70.72
C LEU D 288 14.08 -9.63 71.11
N ASP D 289 15.20 -9.71 70.36
CA ASP D 289 16.40 -8.89 70.57
C ASP D 289 16.06 -7.40 70.54
N ILE D 290 15.33 -6.94 69.52
CA ILE D 290 14.91 -5.55 69.37
C ILE D 290 14.04 -5.09 70.52
N LEU D 291 13.08 -5.94 70.93
CA LEU D 291 12.16 -5.64 72.03
C LEU D 291 12.86 -5.55 73.38
N ASN D 292 13.88 -6.42 73.60
CA ASN D 292 14.70 -6.49 74.83
C ASN D 292 15.78 -5.41 74.91
N GLN D 293 16.07 -4.69 73.80
CA GLN D 293 17.11 -3.65 73.76
C GLN D 293 16.53 -2.24 73.67
N PHE D 294 15.29 -2.10 73.14
CA PHE D 294 14.62 -0.81 72.92
C PHE D 294 13.26 -0.71 73.58
N ASP D 295 12.86 0.54 73.91
CA ASP D 295 11.57 0.79 74.54
C ASP D 295 10.44 1.13 73.56
N VAL D 296 10.14 0.15 72.70
CA VAL D 296 9.11 0.14 71.67
C VAL D 296 8.39 -1.22 71.67
N GLU D 297 7.16 -1.28 71.12
CA GLU D 297 6.35 -2.52 71.09
C GLU D 297 5.94 -2.89 69.67
N ASN D 298 5.78 -1.89 68.79
CA ASN D 298 5.37 -2.01 67.39
C ASN D 298 6.37 -2.73 66.46
N ILE D 299 6.89 -3.90 66.89
CA ILE D 299 7.81 -4.72 66.10
C ILE D 299 7.15 -6.04 65.78
N PHE D 300 7.09 -6.40 64.48
CA PHE D 300 6.43 -7.63 64.06
C PHE D 300 7.30 -8.50 63.18
N THR D 301 7.20 -9.84 63.35
CA THR D 301 7.95 -10.78 62.55
C THR D 301 7.10 -11.30 61.41
N ILE D 302 7.54 -11.03 60.18
CA ILE D 302 6.92 -11.51 58.95
C ILE D 302 8.10 -11.90 58.09
N SER D 303 8.20 -13.18 57.76
CA SER D 303 9.27 -13.68 56.92
C SER D 303 9.07 -13.23 55.47
N ASN D 304 10.06 -13.50 54.60
CA ASN D 304 9.96 -13.19 53.18
C ASN D 304 9.09 -14.26 52.55
N PHE D 305 8.36 -13.91 51.47
CA PHE D 305 7.57 -14.90 50.74
C PHE D 305 8.59 -15.76 50.00
N VAL D 306 8.39 -17.09 50.03
CA VAL D 306 9.33 -17.97 49.35
C VAL D 306 8.78 -18.47 48.04
N LYS D 307 9.55 -18.26 46.95
CA LYS D 307 9.21 -18.67 45.60
C LYS D 307 9.52 -20.17 45.54
N ILE D 308 8.50 -21.03 45.79
CA ILE D 308 8.68 -22.48 45.79
C ILE D 308 8.63 -23.04 44.38
N HIS D 309 9.72 -22.84 43.64
CA HIS D 309 9.89 -23.34 42.27
C HIS D 309 10.06 -24.85 42.33
N ASN D 310 9.98 -25.53 41.17
CA ASN D 310 10.19 -26.97 41.18
C ASN D 310 11.68 -27.29 41.27
N ALA D 311 12.02 -28.29 42.11
CA ALA D 311 13.38 -28.76 42.37
C ALA D 311 13.97 -29.45 41.12
N PRO D 312 15.31 -29.37 40.88
CA PRO D 312 15.90 -30.01 39.68
C PRO D 312 15.61 -31.51 39.55
N LYS D 313 15.66 -32.03 38.31
CA LYS D 313 15.39 -33.45 38.05
C LYS D 313 16.35 -34.37 38.79
N HIS D 314 17.66 -34.13 38.62
CA HIS D 314 18.67 -34.95 39.28
C HIS D 314 19.60 -34.16 40.18
N PHE D 315 20.11 -34.83 41.21
CA PHE D 315 21.04 -34.27 42.19
C PHE D 315 22.43 -34.28 41.56
N GLN D 316 23.30 -33.33 41.97
CA GLN D 316 24.66 -33.31 41.44
C GLN D 316 25.54 -34.32 42.17
N THR D 317 26.02 -35.32 41.42
CA THR D 317 26.89 -36.40 41.89
C THR D 317 28.34 -35.93 42.06
N GLU D 318 28.80 -35.05 41.14
CA GLU D 318 30.14 -34.47 41.11
C GLU D 318 30.39 -33.56 42.32
N LYS D 319 31.62 -33.58 42.86
CA LYS D 319 32.04 -32.79 44.02
C LYS D 319 32.09 -31.26 43.73
N ILE D 320 30.91 -30.61 43.68
CA ILE D 320 30.79 -29.17 43.41
C ILE D 320 30.08 -28.45 44.58
N VAL D 321 30.78 -27.49 45.22
CA VAL D 321 30.26 -26.69 46.33
C VAL D 321 29.94 -25.29 45.79
N GLY D 322 28.72 -24.82 46.05
CA GLY D 322 28.25 -23.53 45.56
C GLY D 322 28.06 -22.42 46.56
N HIS D 323 28.09 -21.17 46.05
CA HIS D 323 27.91 -19.95 46.82
C HIS D 323 27.41 -18.81 45.91
N ILE D 324 26.16 -18.34 46.14
CA ILE D 324 25.55 -17.25 45.36
C ILE D 324 25.28 -16.08 46.31
N SER D 325 26.07 -15.00 46.21
CA SER D 325 25.95 -13.85 47.12
C SER D 325 26.49 -12.56 46.55
N ARG D 326 26.16 -11.43 47.23
CA ARG D 326 26.75 -10.14 46.93
C ARG D 326 28.19 -10.29 47.46
N MET D 327 29.20 -9.93 46.66
CA MET D 327 30.58 -10.04 47.14
C MET D 327 31.00 -8.83 48.02
N VAL D 328 30.58 -8.82 49.31
CA VAL D 328 30.89 -7.73 50.26
C VAL D 328 31.70 -8.23 51.52
N PRO D 329 32.32 -7.33 52.36
CA PRO D 329 33.09 -7.82 53.53
C PRO D 329 32.27 -8.56 54.57
N THR D 330 31.08 -8.02 54.87
CA THR D 330 30.10 -8.50 55.83
C THR D 330 29.68 -9.96 55.58
N LYS D 331 29.46 -10.35 54.29
CA LYS D 331 29.10 -11.72 53.88
C LYS D 331 30.23 -12.70 54.23
N ARG D 332 31.47 -12.18 54.34
CA ARG D 332 32.71 -12.89 54.70
C ARG D 332 33.21 -13.87 53.64
N ILE D 333 33.50 -13.35 52.43
CA ILE D 333 34.06 -14.14 51.33
C ILE D 333 35.58 -14.39 51.60
N ASP D 334 36.06 -13.94 52.79
CA ASP D 334 37.44 -14.10 53.31
C ASP D 334 37.62 -15.42 54.08
N LEU D 335 36.56 -15.93 54.75
CA LEU D 335 36.61 -17.22 55.47
C LEU D 335 36.35 -18.36 54.49
N LEU D 336 35.75 -18.04 53.32
CA LEU D 336 35.43 -18.97 52.22
C LEU D 336 36.70 -19.43 51.49
N ILE D 337 37.64 -18.48 51.17
CA ILE D 337 38.94 -18.77 50.54
C ILE D 337 39.87 -19.44 51.62
N GLU D 338 39.51 -19.26 52.92
CA GLU D 338 40.16 -19.83 54.11
C GLU D 338 39.59 -21.20 54.52
N VAL D 339 38.47 -21.64 53.88
CA VAL D 339 37.84 -22.95 54.10
C VAL D 339 38.17 -23.88 52.92
N ALA D 340 38.05 -23.38 51.67
CA ALA D 340 38.33 -24.08 50.40
C ALA D 340 39.77 -24.63 50.27
N GLU D 341 40.74 -24.05 51.01
CA GLU D 341 42.15 -24.45 51.10
C GLU D 341 42.29 -25.71 52.00
N LEU D 342 41.54 -25.75 53.14
CA LEU D 342 41.51 -26.88 54.08
C LEU D 342 40.90 -28.13 53.40
N VAL D 343 39.81 -27.93 52.61
CA VAL D 343 39.02 -28.95 51.86
C VAL D 343 39.84 -29.57 50.70
N VAL D 344 40.52 -28.73 49.88
CA VAL D 344 41.35 -29.19 48.75
C VAL D 344 42.63 -29.91 49.20
N LYS D 345 43.21 -29.49 50.35
CA LYS D 345 44.41 -30.12 50.93
C LYS D 345 44.11 -31.51 51.51
N LYS D 346 42.82 -31.84 51.75
CA LYS D 346 42.37 -33.15 52.23
C LYS D 346 41.76 -33.98 51.08
N ASP D 347 41.18 -33.29 50.06
CA ASP D 347 40.60 -33.91 48.85
C ASP D 347 40.75 -32.97 47.63
N ASN D 348 41.67 -33.33 46.72
CA ASN D 348 41.99 -32.59 45.49
C ASN D 348 40.81 -32.37 44.52
N ALA D 349 39.91 -33.37 44.42
CA ALA D 349 38.73 -33.45 43.53
C ALA D 349 37.70 -32.31 43.56
N VAL D 350 37.32 -31.85 44.77
CA VAL D 350 36.29 -30.82 45.03
C VAL D 350 36.52 -29.44 44.38
N LYS D 351 35.47 -28.92 43.72
CA LYS D 351 35.42 -27.63 43.05
C LYS D 351 34.45 -26.67 43.74
N PHE D 352 34.83 -25.39 43.86
CA PHE D 352 34.02 -24.34 44.50
C PHE D 352 33.59 -23.30 43.49
N HIS D 353 32.27 -23.07 43.37
CA HIS D 353 31.75 -22.08 42.43
C HIS D 353 31.20 -20.88 43.19
N ILE D 354 31.79 -19.68 42.94
CA ILE D 354 31.38 -18.44 43.60
C ILE D 354 30.79 -17.42 42.64
N TYR D 355 29.46 -17.48 42.49
CA TYR D 355 28.69 -16.56 41.66
C TYR D 355 28.50 -15.27 42.46
N GLY D 356 28.42 -14.15 41.75
CA GLY D 356 28.23 -12.83 42.36
C GLY D 356 29.35 -11.85 42.09
N GLU D 357 29.07 -10.57 42.33
CA GLU D 357 30.00 -9.47 42.14
C GLU D 357 29.86 -8.44 43.24
N GLY D 358 30.95 -7.71 43.50
CA GLY D 358 30.98 -6.66 44.51
C GLY D 358 32.36 -6.23 44.91
N SER D 359 32.42 -5.31 45.89
CA SER D 359 33.63 -4.71 46.48
C SER D 359 34.85 -5.66 46.57
N VAL D 360 34.71 -6.76 47.33
CA VAL D 360 35.74 -7.76 47.61
C VAL D 360 36.19 -8.69 46.47
N LYS D 361 35.49 -8.65 45.30
CA LYS D 361 35.73 -9.51 44.13
C LYS D 361 37.20 -9.66 43.72
N ASP D 362 37.92 -8.53 43.61
CA ASP D 362 39.32 -8.44 43.19
C ASP D 362 40.32 -9.03 44.21
N LYS D 363 40.08 -8.76 45.51
CA LYS D 363 40.91 -9.24 46.63
C LYS D 363 40.79 -10.74 46.78
N ILE D 364 39.57 -11.29 46.63
CA ILE D 364 39.26 -12.72 46.71
C ILE D 364 39.82 -13.48 45.49
N ALA D 365 39.90 -12.81 44.31
CA ALA D 365 40.49 -13.31 43.05
C ALA D 365 42.01 -13.44 43.22
N LYS D 366 42.63 -12.40 43.83
CA LYS D 366 44.06 -12.31 44.16
C LYS D 366 44.40 -13.39 45.21
N MET D 367 43.49 -13.60 46.19
CA MET D 367 43.59 -14.56 47.28
C MET D 367 43.61 -16.02 46.77
N ILE D 368 42.88 -16.31 45.66
CA ILE D 368 42.80 -17.63 45.02
C ILE D 368 44.17 -18.03 44.44
N GLU D 369 44.80 -17.09 43.69
CA GLU D 369 46.11 -17.25 43.04
C GLU D 369 47.23 -17.59 44.03
N ASP D 370 47.33 -16.81 45.13
CA ASP D 370 48.34 -16.94 46.18
C ASP D 370 48.24 -18.26 46.95
N LYS D 371 47.00 -18.76 47.16
CA LYS D 371 46.73 -20.02 47.87
C LYS D 371 46.84 -21.25 46.95
N ASN D 372 46.99 -21.01 45.62
CA ASN D 372 47.14 -21.98 44.53
C ASN D 372 45.91 -22.90 44.39
N LEU D 373 44.73 -22.26 44.29
CA LEU D 373 43.42 -22.93 44.16
C LEU D 373 42.73 -22.47 42.85
N GLU D 374 43.52 -21.98 41.88
CA GLU D 374 43.05 -21.49 40.56
C GLU D 374 42.31 -22.59 39.79
N ARG D 375 42.71 -23.85 40.01
CA ARG D 375 42.15 -25.07 39.41
C ARG D 375 40.97 -25.65 40.24
N ASN D 376 40.71 -25.09 41.45
CA ASN D 376 39.65 -25.57 42.35
C ASN D 376 38.54 -24.56 42.72
N VAL D 377 38.87 -23.26 42.79
CA VAL D 377 37.91 -22.21 43.15
C VAL D 377 37.75 -21.24 41.96
N PHE D 378 36.50 -21.03 41.50
CA PHE D 378 36.24 -20.16 40.36
C PHE D 378 35.18 -19.09 40.62
N LEU D 379 35.50 -17.83 40.28
CA LEU D 379 34.56 -16.71 40.44
C LEU D 379 33.75 -16.56 39.16
N LYS D 380 32.60 -17.25 39.13
CA LYS D 380 31.69 -17.32 37.99
C LYS D 380 30.90 -16.04 37.64
N GLY D 381 31.11 -14.95 38.39
CA GLY D 381 30.44 -13.67 38.16
C GLY D 381 28.93 -13.69 38.36
N TYR D 382 28.30 -12.48 38.30
CA TYR D 382 26.87 -12.22 38.50
C TYR D 382 25.91 -13.16 37.74
N THR D 383 25.15 -13.95 38.51
CA THR D 383 24.17 -14.89 37.97
C THR D 383 22.79 -14.26 37.84
N THR D 384 22.20 -14.37 36.64
CA THR D 384 20.86 -13.85 36.35
C THR D 384 19.84 -14.98 36.48
N THR D 385 20.31 -16.24 36.48
CA THR D 385 19.47 -17.42 36.67
C THR D 385 20.03 -18.29 37.84
N PRO D 386 19.93 -17.83 39.12
CA PRO D 386 20.46 -18.64 40.25
C PRO D 386 19.90 -20.06 40.32
N GLN D 387 18.59 -20.24 40.02
CA GLN D 387 17.91 -21.53 40.00
C GLN D 387 18.65 -22.54 39.12
N LYS D 388 19.16 -22.08 37.95
CA LYS D 388 19.90 -22.89 36.97
C LYS D 388 21.26 -23.31 37.50
N CYS D 389 21.98 -22.41 38.19
CA CYS D 389 23.30 -22.65 38.77
C CYS D 389 23.21 -23.67 39.90
N LEU D 390 22.12 -23.60 40.70
CA LEU D 390 21.84 -24.47 41.84
C LEU D 390 21.77 -25.95 41.49
N GLU D 391 21.33 -26.26 40.26
CA GLU D 391 21.23 -27.62 39.71
C GLU D 391 22.62 -28.28 39.72
N ASP D 392 23.65 -27.49 39.37
CA ASP D 392 25.05 -27.90 39.22
C ASP D 392 25.82 -28.14 40.54
N PHE D 393 25.25 -27.76 41.72
CA PHE D 393 25.92 -27.92 43.02
C PHE D 393 25.48 -29.18 43.78
N LYS D 394 26.42 -29.81 44.51
CA LYS D 394 26.14 -30.98 45.35
C LYS D 394 25.58 -30.47 46.69
N LEU D 395 26.16 -29.36 47.18
CA LEU D 395 25.79 -28.65 48.40
C LEU D 395 26.13 -27.15 48.28
N VAL D 396 25.56 -26.35 49.19
CA VAL D 396 25.78 -24.90 49.26
C VAL D 396 26.41 -24.57 50.62
N VAL D 397 27.23 -23.52 50.67
CA VAL D 397 27.93 -23.10 51.89
C VAL D 397 27.68 -21.60 52.21
N SER D 398 27.69 -21.24 53.52
CA SER D 398 27.50 -19.87 54.00
C SER D 398 28.47 -19.52 55.16
N THR D 399 29.40 -18.60 54.88
CA THR D 399 30.40 -18.10 55.83
C THR D 399 29.85 -16.86 56.54
N SER D 400 28.62 -16.46 56.17
CA SER D 400 27.89 -15.29 56.65
C SER D 400 27.95 -15.11 58.16
N GLN D 401 28.33 -13.89 58.55
CA GLN D 401 28.48 -13.45 59.94
C GLN D 401 27.23 -12.77 60.41
N TYR D 402 26.69 -11.90 59.57
CA TYR D 402 25.50 -11.14 59.88
C TYR D 402 24.50 -11.38 58.78
N GLU D 403 23.23 -11.60 59.15
CA GLU D 403 22.16 -11.84 58.19
C GLU D 403 20.80 -11.51 58.77
N GLY D 404 19.84 -11.17 57.91
CA GLY D 404 18.48 -10.87 58.33
C GLY D 404 17.65 -12.14 58.37
N GLN D 405 17.84 -12.97 57.35
CA GLN D 405 17.20 -14.25 57.19
C GLN D 405 18.05 -15.16 56.30
N GLY D 406 18.58 -14.63 55.21
CA GLY D 406 19.42 -15.39 54.27
C GLY D 406 18.64 -16.23 53.28
N LEU D 407 18.13 -15.57 52.22
CA LEU D 407 17.35 -16.18 51.14
C LEU D 407 18.15 -17.16 50.30
N SER D 408 19.45 -16.85 50.01
CA SER D 408 20.33 -17.71 49.20
C SER D 408 20.34 -19.14 49.73
N MET D 409 20.38 -19.29 51.08
CA MET D 409 20.33 -20.55 51.81
C MET D 409 18.95 -21.19 51.62
N ILE D 410 17.87 -20.40 51.82
CA ILE D 410 16.49 -20.88 51.65
C ILE D 410 16.29 -21.42 50.23
N GLU D 411 16.75 -20.64 49.21
CA GLU D 411 16.68 -20.97 47.79
C GLU D 411 17.33 -22.31 47.49
N ALA D 412 18.54 -22.53 48.05
CA ALA D 412 19.31 -23.76 47.90
C ALA D 412 18.53 -24.94 48.46
N MET D 413 17.94 -24.78 49.66
CA MET D 413 17.13 -25.79 50.34
C MET D 413 15.89 -26.17 49.53
N ILE D 414 15.22 -25.15 48.93
CA ILE D 414 14.04 -25.34 48.06
C ILE D 414 14.45 -26.18 46.84
N SER D 415 15.60 -25.87 46.22
CA SER D 415 16.06 -26.65 45.07
C SER D 415 16.84 -27.93 45.47
N LYS D 416 16.45 -28.55 46.60
CA LYS D 416 16.98 -29.80 47.15
C LYS D 416 18.51 -29.85 47.32
N ARG D 417 19.10 -28.73 47.77
CA ARG D 417 20.54 -28.62 48.00
C ARG D 417 20.84 -28.30 49.48
N PRO D 418 21.50 -29.22 50.23
CA PRO D 418 21.77 -28.96 51.66
C PRO D 418 22.76 -27.81 51.89
N VAL D 419 22.71 -27.20 53.09
CA VAL D 419 23.58 -26.05 53.43
C VAL D 419 24.48 -26.30 54.67
N VAL D 420 25.78 -26.00 54.51
CA VAL D 420 26.81 -26.06 55.56
C VAL D 420 27.11 -24.59 55.91
N ALA D 421 26.49 -24.07 56.99
CA ALA D 421 26.63 -22.66 57.38
C ALA D 421 26.95 -22.40 58.85
N PHE D 422 27.44 -21.16 59.15
CA PHE D 422 27.75 -20.74 60.52
C PHE D 422 26.46 -20.35 61.24
N ASP D 423 26.22 -20.88 62.48
CA ASP D 423 25.03 -20.52 63.27
C ASP D 423 25.26 -19.09 63.74
N ILE D 424 24.53 -18.15 63.11
CA ILE D 424 24.62 -16.71 63.36
C ILE D 424 23.25 -16.04 63.54
N LYS D 425 23.28 -14.72 63.86
CA LYS D 425 22.13 -13.83 63.97
C LYS D 425 22.01 -13.17 62.58
N TYR D 426 20.93 -13.44 61.82
CA TYR D 426 19.77 -14.27 62.19
C TYR D 426 19.35 -15.11 60.98
N GLY D 427 18.75 -16.28 61.24
CA GLY D 427 18.25 -17.11 60.15
C GLY D 427 18.69 -18.57 60.08
N PRO D 428 20.01 -18.88 59.93
CA PRO D 428 20.42 -20.30 59.81
C PRO D 428 19.75 -21.23 60.81
N SER D 429 19.77 -20.84 62.10
CA SER D 429 19.18 -21.53 63.24
C SER D 429 17.69 -21.85 63.02
N ASP D 430 16.91 -20.88 62.48
CA ASP D 430 15.48 -20.97 62.20
C ASP D 430 15.07 -22.11 61.25
N PHE D 431 15.67 -22.17 60.03
CA PHE D 431 15.32 -23.19 59.03
C PHE D 431 16.15 -24.48 59.00
N ILE D 432 17.38 -24.44 59.55
CA ILE D 432 18.26 -25.60 59.62
C ILE D 432 18.19 -26.30 60.99
N GLU D 433 17.86 -27.60 60.95
CA GLU D 433 17.83 -28.47 62.11
C GLU D 433 19.08 -29.34 61.92
N ASP D 434 20.14 -29.01 62.69
CA ASP D 434 21.47 -29.62 62.65
C ASP D 434 21.44 -31.13 62.47
N ASN D 435 22.18 -31.62 61.45
CA ASN D 435 22.31 -33.04 61.06
C ASN D 435 20.96 -33.74 60.72
N LYS D 436 20.02 -32.97 60.11
CA LYS D 436 18.70 -33.46 59.70
C LYS D 436 18.35 -32.95 58.29
N ASN D 437 18.84 -31.73 57.95
CA ASN D 437 18.61 -31.07 56.66
C ASN D 437 19.70 -30.04 56.24
N GLY D 438 20.69 -29.83 57.11
CA GLY D 438 21.79 -28.91 56.87
C GLY D 438 22.77 -28.87 58.02
N TYR D 439 24.04 -28.55 57.72
CA TYR D 439 25.08 -28.47 58.74
C TYR D 439 25.15 -27.05 59.32
N LEU D 440 24.94 -26.94 60.65
CA LEU D 440 24.92 -25.70 61.41
C LEU D 440 26.19 -25.58 62.28
N ILE D 441 27.27 -25.13 61.63
CA ILE D 441 28.63 -24.98 62.16
C ILE D 441 28.69 -23.85 63.19
N GLU D 442 29.51 -24.02 64.23
CA GLU D 442 29.77 -23.01 65.27
C GLU D 442 30.41 -21.85 64.52
N ASN D 443 29.96 -20.61 64.78
CA ASN D 443 30.50 -19.45 64.09
C ASN D 443 32.03 -19.33 64.23
N HIS D 444 32.68 -19.07 63.07
CA HIS D 444 34.13 -18.92 62.87
C HIS D 444 34.96 -20.20 62.85
N ASN D 445 34.37 -21.34 63.26
CA ASN D 445 35.05 -22.63 63.28
C ASN D 445 35.25 -23.18 61.85
N ILE D 446 36.20 -22.57 61.11
CA ILE D 446 36.51 -22.89 59.71
C ILE D 446 37.00 -24.33 59.49
N ASN D 447 37.71 -24.89 60.50
CA ASN D 447 38.24 -26.24 60.46
C ASN D 447 37.11 -27.28 60.52
N ASP D 448 36.12 -27.10 61.43
CA ASP D 448 34.97 -28.00 61.53
C ASP D 448 34.04 -27.87 60.32
N MET D 449 33.87 -26.65 59.75
CA MET D 449 33.06 -26.43 58.55
C MET D 449 33.67 -27.24 57.41
N ALA D 450 35.00 -27.10 57.22
CA ALA D 450 35.78 -27.83 56.21
C ALA D 450 35.58 -29.34 56.30
N ASP D 451 35.56 -29.90 57.53
CA ASP D 451 35.36 -31.32 57.81
C ASP D 451 33.96 -31.79 57.40
N LYS D 452 32.91 -31.06 57.84
CA LYS D 452 31.52 -31.38 57.52
C LYS D 452 31.17 -31.16 56.03
N ILE D 453 32.01 -30.37 55.28
CA ILE D 453 31.89 -30.19 53.83
C ILE D 453 32.43 -31.48 53.18
N LEU D 454 33.63 -31.93 53.62
CA LEU D 454 34.27 -33.16 53.13
C LEU D 454 33.37 -34.38 53.37
N GLN D 455 32.69 -34.43 54.54
CA GLN D 455 31.75 -35.49 54.92
C GLN D 455 30.63 -35.61 53.90
N LEU D 456 29.97 -34.48 53.61
CA LEU D 456 28.84 -34.37 52.69
C LEU D 456 29.18 -34.48 51.21
N VAL D 457 30.33 -33.90 50.79
CA VAL D 457 30.78 -33.90 49.38
C VAL D 457 31.29 -35.27 48.87
N ASN D 458 31.55 -36.23 49.78
CA ASN D 458 32.01 -37.57 49.42
C ASN D 458 30.90 -38.62 49.53
N ASN D 459 29.90 -38.37 50.41
CA ASN D 459 28.73 -39.23 50.62
C ASN D 459 27.55 -38.68 49.79
N ASP D 460 27.29 -39.34 48.63
CA ASP D 460 26.24 -38.97 47.68
C ASP D 460 24.83 -39.24 48.19
N VAL D 461 24.68 -40.21 49.12
CA VAL D 461 23.39 -40.58 49.71
C VAL D 461 22.94 -39.51 50.71
N LEU D 462 23.88 -39.01 51.55
CA LEU D 462 23.63 -37.98 52.56
C LEU D 462 23.25 -36.66 51.91
N ALA D 463 24.01 -36.23 50.88
CA ALA D 463 23.76 -35.01 50.10
C ALA D 463 22.35 -35.03 49.47
N ALA D 464 21.89 -36.24 49.09
CA ALA D 464 20.56 -36.49 48.51
C ALA D 464 19.47 -36.44 49.59
N GLU D 465 19.71 -37.12 50.73
CA GLU D 465 18.78 -37.17 51.87
C GLU D 465 18.59 -35.79 52.57
N PHE D 466 19.71 -35.02 52.78
CA PHE D 466 19.76 -33.67 53.42
C PHE D 466 19.27 -32.50 52.53
N GLY D 467 19.15 -32.75 51.23
CA GLY D 467 18.55 -31.84 50.26
C GLY D 467 17.04 -32.04 50.16
N SER D 468 16.59 -33.31 50.28
CA SER D 468 15.17 -33.68 50.24
C SER D 468 14.42 -33.17 51.47
N LYS D 469 14.95 -33.42 52.70
CA LYS D 469 14.36 -32.97 53.97
C LYS D 469 14.34 -31.44 54.12
N ALA D 470 15.29 -30.77 53.40
CA ALA D 470 15.46 -29.33 53.35
C ALA D 470 14.28 -28.70 52.63
N ARG D 471 13.95 -29.23 51.42
CA ARG D 471 12.81 -28.76 50.63
C ARG D 471 11.52 -28.94 51.46
N GLU D 472 11.31 -30.12 52.07
CA GLU D 472 10.16 -30.45 52.90
C GLU D 472 9.96 -29.38 54.00
N ASN D 473 11.03 -29.10 54.77
CA ASN D 473 11.03 -28.13 55.87
C ASN D 473 10.62 -26.69 55.47
N ILE D 474 11.10 -26.15 54.32
CA ILE D 474 10.74 -24.80 53.87
C ILE D 474 9.25 -24.71 53.51
N ILE D 475 8.70 -25.70 52.72
CA ILE D 475 7.29 -25.78 52.32
C ILE D 475 6.41 -25.68 53.55
N GLU D 476 6.80 -26.42 54.59
CA GLU D 476 6.17 -26.53 55.89
C GLU D 476 6.14 -25.17 56.64
N LYS D 477 7.31 -24.68 57.09
CA LYS D 477 7.49 -23.46 57.90
C LYS D 477 7.14 -22.14 57.21
N TYR D 478 7.52 -21.99 55.92
CA TYR D 478 7.35 -20.75 55.18
C TYR D 478 6.25 -20.76 54.10
N SER D 479 5.04 -21.23 54.48
CA SER D 479 3.87 -21.28 53.60
C SER D 479 3.38 -19.87 53.24
N THR D 480 3.32 -19.56 51.92
CA THR D 480 2.86 -18.30 51.32
C THR D 480 1.52 -17.83 51.89
N GLU D 481 0.62 -18.78 52.21
CA GLU D 481 -0.68 -18.54 52.82
C GLU D 481 -0.53 -17.85 54.20
N SER D 482 0.27 -18.47 55.11
CA SER D 482 0.51 -17.97 56.47
C SER D 482 1.20 -16.62 56.52
N ILE D 483 2.17 -16.37 55.60
CA ILE D 483 2.94 -15.11 55.51
C ILE D 483 2.01 -13.96 55.13
N LEU D 484 1.22 -14.14 54.05
CA LEU D 484 0.24 -13.16 53.56
C LEU D 484 -0.80 -12.85 54.63
N GLU D 485 -1.17 -13.87 55.44
CA GLU D 485 -2.12 -13.74 56.54
C GLU D 485 -1.58 -12.75 57.60
N LYS D 486 -0.25 -12.81 57.89
CA LYS D 486 0.43 -11.94 58.86
C LYS D 486 0.36 -10.48 58.42
N TRP D 487 0.62 -10.22 57.12
CA TRP D 487 0.58 -8.90 56.49
C TRP D 487 -0.81 -8.30 56.57
N LEU D 488 -1.81 -9.09 56.15
CA LEU D 488 -3.23 -8.71 56.11
C LEU D 488 -3.79 -8.35 57.48
N ASN D 489 -3.23 -8.93 58.56
CA ASN D 489 -3.60 -8.65 59.94
C ASN D 489 -3.21 -7.21 60.30
N LEU D 490 -2.00 -6.80 59.87
CA LEU D 490 -1.46 -5.46 60.08
C LEU D 490 -2.32 -4.41 59.34
N PHE D 491 -2.60 -4.68 58.04
CA PHE D 491 -3.38 -3.83 57.14
C PHE D 491 -4.81 -3.59 57.61
N ASN D 492 -5.37 -4.57 58.34
CA ASN D 492 -6.73 -4.48 58.87
C ASN D 492 -6.66 -4.36 60.41
N SER D 493 -6.39 -3.15 60.90
CA SER D 493 -6.25 -2.84 62.33
C SER D 493 -6.87 -1.50 62.67
#